data_7WFR
#
_entry.id   7WFR
#
_cell.length_a   1.00
_cell.length_b   1.00
_cell.length_c   1.00
_cell.angle_alpha   90.00
_cell.angle_beta   90.00
_cell.angle_gamma   90.00
#
_symmetry.space_group_name_H-M   'P 1'
#
loop_
_entity.id
_entity.type
_entity.pdbx_description
1 polymer 'Sodium channel protein type 10 subunit alpha'
2 branched 2-acetamido-2-deoxy-beta-D-glucopyranose-(1-4)-2-acetamido-2-deoxy-beta-D-glucopyranose
3 non-polymer 2-acetamido-2-deoxy-beta-D-glucopyranose
4 non-polymer 5-(4-chlorophenyl)-~{N}-(3,5-dimethoxyphenyl)furan-2-carboxamide
5 non-polymer CHOLESTEROL
6 non-polymer 1,2-DIOLEOYL-SN-GLYCERO-3-PHOSPHOCHOLINE
7 non-polymer 1-O-OCTADECYL-SN-GLYCERO-3-PHOSPHOCHOLINE
8 non-polymer O-[(R)-{[(2R)-2,3-bis(octadecanoyloxy)propyl]oxy}(hydroxy)phosphoryl]-L-serine
#
_entity_poly.entity_id   1
_entity_poly.type   'polypeptide(L)'
_entity_poly.pdbx_seq_one_letter_code
;MEFPIGSLETNNFRRFTPESLVEIEKQIAAKQGTKKAREKHREQKDQEEKPRPQLDLKACNQLPKFYGELPAELIGEPLE
DLDPFYSTHRTFMVLNKGRTISRFSATRALWLFSPFNLIRRTAIKVSVHSWFSLFITVTILVNCVCMTRTDLPEKIEYVF
TVIYTFEALIKILARGFCLNEFTYLRDPWNWLDFSVITLAYVGTAIDLRGISGLRTFRVLRALKTVSVIPGLKVIVGALI
HSVKKLADVTILTIFCLSVFALVGLQLFKGNLKNKCVKNDMAVNETTNYSSHRKPDIYINKRGTSDPLLCGNGSDSGHCP
DGYICLKTSDNPDFNYTSFDSFAWAFLSLFRLMTQDSWERLYQQTLRTSGKIYMIFFVLVIFLGSFYLVNLILAVVTMAY
EEQNQATTDEIEAKEKKFQEALEMLRKEQEVLAALGIDTTSLHSHNGSPLTSKNASERRHRIKPRVSEGSTEDNKSPRSD
PYNQRRMSFLGLASGKRRASHGSVFHFRSPGRDISLPEGVTDDGVFPGDHESHRGSLLLGGGAGQQGPLPRSPLPQPSNP
DSRHGEDEHQPPPTSELAPGAVDVSAFDAGQKKTFLSAEYLDEPFRAQRAMSVVSIITSVLEELEESEQKCPPCLTSLSQ
KYLIWDCCPMWVKLKTILFGLVTDPFAELTITLCIVVNTIFMAMEHHGMSPTFEAMLQIGNIVFTIFFTAEMVFKIIAFD
PYYYFQKKWNIFDCIIVTVSLLELGVAKKGSLSVLRSFRLLRVFKLAKSWPTLNTLIKIIGNSVGALGNLTIILAIIVFV
FALVGKQLLGENYRNNRKNISAPHEDWPRWHMHDFFHSFLIVFRILCGEWIENMWACMEVGQKSICLILFLTVMVLGNLV
VLNLFIALLLNSFFADNLTAPEDDGEVNNLQVALARIQVFGHRTKQALCSFFSRSCPFPQPKAEPELVVKLPLSSSKAEN
HIAANTARGSSGGLQAPRGPRDEHSDFIANPTVWVSVPIAEGESDLDDLEDDGGEDAQSFQQEVIPKGQQEQLQQVERCG
DHLTPRSPGTGTSSEDLAPSLGETWKDESVPQVPAEGVDDTSSSEGSTVDCLDPEEILRKIPELADDLEEPDDCFTEGCI
RHCPCCKLDTTKSPWDVGWQVRKTCYRIVEHSWFESFIIFMILLSSGSLAFEDYYLDQKPTVKALLEYTDRVFTFIFVFE
MLLKWVAYGFKKYFTNAWCWLDFLIVNISLISLTAKILEYSEVAPIKALRTLRALRPLRALSRFEGMRVVVDALVGAIPS
IMNVLLVCLIFWLIFSIMGVNLFAGKFWRCINYTDGEFSLVPLSIVNNKSDCKIQNSTGSFFWVNVKVNFDNVAMGYLAL
LQVATFKGWMDIMYAAVDSREVNMQPKWEDNVYMYLYFVIFIIFGGFFTLNLFVGVIIDNFNQQKKKLGGQDIFMTEEQK
KYYNAMKKLGSKKPQKPIPRPLNKFQGFVFDIVTRQAFDITIMVLICLNMITMMVETDDQSEEKTKILGKINQFFVAVFT
GECVMKMFALRQYYFTNGWNVFDFIVVVLSIASLIFSAILKSLQSYFSPTLFRVIRLARIGRILRLIRAAKGIRTLLFAL
MMSLPALFNIGLLLFLVMFIYSIFGMSSFPHVRWEAGIDDMFNFQTFANSMLCLFQITTSAGWDGLLSPILNTGPPYCDP
NLPNSNGTRGDCGSPAVGIIFFTTYIIISFLIMVNMYIAVILENFNVATEESTEPLSEDDFDMFYETWEKFDPEATQFIT
FSALSDFADTLSGPLRIPKPNRNILIQMDLPLVPGDKIHCLDILFAFTKNVLGESGELDSLKANMEEKFMATNLSKSSYE
PIATTLRWKQEDISATVIQKAYRSYVLHRSMALSNTPCVPRAEEEAASLPDEGFVAFTANENCVLPDKSETASATSFPPS
YESVTRGLSDRVNMRTSSSIQNEDEATSMELIAPGP
;
_entity_poly.pdbx_strand_id   A
#
loop_
_chem_comp.id
_chem_comp.type
_chem_comp.name
_chem_comp.formula
95T non-polymer 5-(4-chlorophenyl)-~{N}-(3,5-dimethoxyphenyl)furan-2-carboxamide 'C19 H16 Cl N O4'
CLR non-polymer CHOLESTEROL 'C27 H46 O'
LPE non-polymer 1-O-OCTADECYL-SN-GLYCERO-3-PHOSPHOCHOLINE 'C26 H57 N O6 P 1'
NAG D-saccharide, beta linking 2-acetamido-2-deoxy-beta-D-glucopyranose 'C8 H15 N O6'
P5S non-polymer O-[(R)-{[(2R)-2,3-bis(octadecanoyloxy)propyl]oxy}(hydroxy)phosphoryl]-L-serine 'C42 H82 N O10 P'
PCW non-polymer 1,2-DIOLEOYL-SN-GLYCERO-3-PHOSPHOCHOLINE 'C44 H85 N O8 P 1'
#
# COMPACT_ATOMS: atom_id res chain seq x y z
N SER A 130 -49.07 17.56 20.82
CA SER A 130 -47.72 17.08 20.51
C SER A 130 -47.21 16.15 21.60
N TRP A 131 -48.12 15.69 22.47
CA TRP A 131 -47.73 14.77 23.53
C TRP A 131 -47.31 13.44 22.92
N PHE A 132 -48.01 13.01 21.88
CA PHE A 132 -47.61 11.78 21.19
C PHE A 132 -46.23 11.97 20.59
N SER A 133 -45.97 13.14 20.03
CA SER A 133 -44.64 13.43 19.50
C SER A 133 -43.60 13.40 20.62
N LEU A 134 -43.93 13.94 21.78
CA LEU A 134 -43.00 13.88 22.92
C LEU A 134 -42.76 12.44 23.31
N PHE A 135 -43.80 11.62 23.29
CA PHE A 135 -43.66 10.21 23.64
C PHE A 135 -42.72 9.48 22.70
N ILE A 136 -42.83 9.74 21.40
CA ILE A 136 -42.00 9.00 20.45
C ILE A 136 -40.57 9.56 20.45
N THR A 137 -40.40 10.84 20.71
CA THR A 137 -39.07 11.42 20.66
C THR A 137 -38.27 11.20 21.94
N VAL A 138 -38.90 10.78 23.03
CA VAL A 138 -38.19 10.43 24.26
C VAL A 138 -37.83 8.95 24.30
N THR A 139 -38.67 8.08 23.75
CA THR A 139 -38.37 6.65 23.78
C THR A 139 -37.20 6.31 22.86
N ILE A 140 -37.13 6.95 21.68
CA ILE A 140 -35.99 6.72 20.81
C ILE A 140 -34.72 7.28 21.43
N LEU A 141 -34.83 8.39 22.16
CA LEU A 141 -33.65 8.96 22.81
C LEU A 141 -33.12 8.04 23.90
N VAL A 142 -34.01 7.52 24.75
CA VAL A 142 -33.53 6.62 25.80
C VAL A 142 -33.01 5.33 25.18
N ASN A 143 -33.64 4.87 24.09
CA ASN A 143 -33.16 3.66 23.42
C ASN A 143 -31.76 3.85 22.86
N CYS A 144 -31.50 4.99 22.22
CA CYS A 144 -30.17 5.24 21.68
C CYS A 144 -29.14 5.42 22.79
N VAL A 145 -29.53 6.09 23.88
CA VAL A 145 -28.63 6.22 25.02
C VAL A 145 -28.33 4.86 25.62
N CYS A 146 -29.28 3.94 25.55
CA CYS A 146 -29.13 2.64 26.19
C CYS A 146 -27.93 1.88 25.64
N MET A 147 -27.74 1.90 24.33
CA MET A 147 -26.64 1.14 23.75
C MET A 147 -25.33 1.91 23.76
N THR A 148 -25.37 3.23 23.88
CA THR A 148 -24.17 4.00 24.11
C THR A 148 -23.49 3.61 25.42
N ARG A 149 -24.22 2.94 26.32
CA ARG A 149 -23.58 2.30 27.47
C ARG A 149 -22.79 1.10 26.97
N THR A 150 -21.52 1.32 26.63
CA THR A 150 -20.67 0.29 26.07
C THR A 150 -19.68 -0.30 27.06
N ASP A 151 -19.37 0.45 28.12
CA ASP A 151 -18.42 -0.01 29.14
C ASP A 151 -18.70 -1.36 29.81
N LEU A 152 -17.67 -1.96 30.39
CA LEU A 152 -17.80 -3.28 31.05
C LEU A 152 -18.70 -3.42 32.30
N PRO A 153 -18.75 -2.42 33.21
CA PRO A 153 -19.54 -2.64 34.45
C PRO A 153 -21.02 -2.94 34.26
N GLU A 154 -21.55 -3.87 35.05
CA GLU A 154 -22.95 -4.26 34.88
C GLU A 154 -23.76 -3.71 36.06
N LYS A 155 -23.42 -2.49 36.49
CA LYS A 155 -24.11 -1.90 37.64
C LYS A 155 -25.61 -1.67 37.38
N ILE A 156 -25.98 -1.07 36.25
CA ILE A 156 -27.40 -0.74 35.99
C ILE A 156 -27.94 -1.07 34.58
N GLU A 157 -28.35 -2.32 34.36
CA GLU A 157 -28.87 -2.72 33.03
C GLU A 157 -30.32 -3.22 33.00
N TYR A 158 -30.83 -3.76 34.10
CA TYR A 158 -32.19 -4.37 34.07
C TYR A 158 -33.38 -3.41 34.15
N VAL A 159 -33.21 -2.27 34.79
CA VAL A 159 -34.26 -1.27 34.89
C VAL A 159 -34.78 -0.86 33.52
N PHE A 160 -33.96 -0.99 32.48
CA PHE A 160 -34.37 -0.52 31.16
C PHE A 160 -35.46 -1.42 30.58
N THR A 161 -35.56 -2.65 31.07
CA THR A 161 -36.57 -3.58 30.56
C THR A 161 -37.97 -3.06 30.81
N VAL A 162 -38.20 -2.42 31.96
CA VAL A 162 -39.55 -1.94 32.28
C VAL A 162 -39.95 -0.82 31.32
N ILE A 163 -39.00 0.03 30.93
CA ILE A 163 -39.30 1.06 29.93
C ILE A 163 -39.57 0.42 28.58
N TYR A 164 -38.81 -0.62 28.23
CA TYR A 164 -39.12 -1.36 27.00
C TYR A 164 -40.56 -1.86 27.00
N THR A 165 -40.97 -2.57 28.05
CA THR A 165 -42.33 -3.09 28.10
C THR A 165 -43.36 -1.96 28.12
N PHE A 166 -43.04 -0.85 28.79
CA PHE A 166 -43.97 0.28 28.85
C PHE A 166 -44.21 0.87 27.47
N GLU A 167 -43.15 1.09 26.70
CA GLU A 167 -43.34 1.71 25.38
C GLU A 167 -43.90 0.70 24.39
N ALA A 168 -43.67 -0.59 24.61
CA ALA A 168 -44.18 -1.61 23.69
C ALA A 168 -45.70 -1.63 23.66
N LEU A 169 -46.34 -1.53 24.83
CA LEU A 169 -47.79 -1.72 24.91
C LEU A 169 -48.54 -0.61 24.20
N ILE A 170 -48.06 0.63 24.31
CA ILE A 170 -48.88 1.79 23.94
C ILE A 170 -49.13 1.83 22.44
N LYS A 171 -48.15 1.43 21.63
CA LYS A 171 -48.21 1.70 20.20
C LYS A 171 -49.37 0.95 19.52
N ILE A 172 -49.63 -0.29 19.94
CA ILE A 172 -50.67 -1.08 19.28
C ILE A 172 -52.06 -0.59 19.67
N LEU A 173 -52.26 -0.21 20.94
CA LEU A 173 -53.58 0.15 21.41
C LEU A 173 -54.07 1.45 20.77
N ALA A 174 -53.15 2.33 20.41
CA ALA A 174 -53.55 3.62 19.85
C ALA A 174 -54.30 3.44 18.53
N ARG A 175 -53.72 2.71 17.59
CA ARG A 175 -54.35 2.42 16.30
C ARG A 175 -54.77 3.73 15.62
N GLY A 176 -53.78 4.51 15.22
CA GLY A 176 -54.04 5.79 14.56
C GLY A 176 -54.67 5.65 13.19
N ASP A 187 -43.41 -0.84 5.31
CA ASP A 187 -41.97 -0.68 5.18
C ASP A 187 -41.24 -1.95 5.62
N PRO A 188 -40.42 -2.50 4.72
CA PRO A 188 -39.69 -3.74 5.07
C PRO A 188 -38.84 -3.60 6.31
N TRP A 189 -38.20 -2.45 6.52
CA TRP A 189 -37.45 -2.23 7.74
C TRP A 189 -38.38 -2.17 8.95
N ASN A 190 -39.55 -1.54 8.79
CA ASN A 190 -40.45 -1.37 9.92
C ASN A 190 -41.01 -2.71 10.41
N TRP A 191 -41.23 -3.65 9.49
CA TRP A 191 -41.64 -4.99 9.91
C TRP A 191 -40.58 -5.64 10.77
N LEU A 192 -39.31 -5.52 10.35
CA LEU A 192 -38.21 -5.94 11.20
C LEU A 192 -38.28 -5.26 12.56
N ASP A 193 -38.58 -3.96 12.57
CA ASP A 193 -38.64 -3.22 13.83
C ASP A 193 -39.72 -3.77 14.76
N PHE A 194 -40.92 -4.05 14.22
CA PHE A 194 -41.95 -4.68 15.04
C PHE A 194 -41.42 -5.97 15.63
N SER A 195 -40.75 -6.76 14.80
CA SER A 195 -40.24 -8.04 15.27
C SER A 195 -39.23 -7.86 16.39
N VAL A 196 -38.37 -6.85 16.27
CA VAL A 196 -37.32 -6.67 17.29
C VAL A 196 -37.94 -6.52 18.69
N ILE A 197 -39.07 -5.83 18.83
CA ILE A 197 -39.62 -5.66 20.17
C ILE A 197 -40.12 -6.99 20.72
N THR A 198 -40.71 -7.81 19.86
CA THR A 198 -41.20 -9.11 20.29
C THR A 198 -40.04 -10.03 20.69
N LEU A 199 -39.01 -10.10 19.85
CA LEU A 199 -37.88 -10.97 20.17
C LEU A 199 -37.12 -10.47 21.38
N ALA A 200 -37.10 -9.15 21.59
CA ALA A 200 -36.51 -8.60 22.81
C ALA A 200 -37.31 -9.02 24.04
N TYR A 201 -38.64 -8.96 23.95
CA TYR A 201 -39.46 -9.43 25.06
C TYR A 201 -39.22 -10.91 25.33
N VAL A 202 -39.06 -11.71 24.28
CA VAL A 202 -38.75 -13.13 24.46
C VAL A 202 -37.39 -13.29 25.16
N GLY A 203 -36.40 -12.52 24.73
CA GLY A 203 -35.09 -12.62 25.36
C GLY A 203 -35.11 -12.20 26.81
N THR A 204 -36.02 -11.27 27.15
CA THR A 204 -36.01 -10.60 28.44
C THR A 204 -36.69 -11.33 29.60
N ALA A 205 -37.51 -12.35 29.33
CA ALA A 205 -38.32 -13.02 30.39
C ALA A 205 -37.69 -13.85 31.57
N ILE A 206 -36.83 -14.82 31.23
CA ILE A 206 -36.11 -15.62 32.24
C ILE A 206 -34.71 -15.78 31.67
N ASP A 207 -33.70 -15.29 32.37
CA ASP A 207 -32.32 -15.33 31.84
C ASP A 207 -31.34 -16.18 32.66
N LEU A 208 -31.60 -17.48 32.75
CA LEU A 208 -30.71 -18.37 33.50
C LEU A 208 -29.32 -18.39 32.88
N ARG A 209 -29.24 -18.46 31.56
CA ARG A 209 -27.95 -18.52 30.88
C ARG A 209 -27.79 -17.41 29.85
N GLY A 210 -26.68 -16.70 29.88
CA GLY A 210 -26.43 -15.66 28.88
C GLY A 210 -25.21 -15.95 28.02
N ILE A 211 -25.40 -15.99 26.71
CA ILE A 211 -24.30 -16.22 25.78
C ILE A 211 -23.86 -14.87 25.20
N SER A 212 -24.47 -13.77 25.61
CA SER A 212 -24.18 -12.39 25.12
C SER A 212 -24.77 -12.16 23.73
N GLY A 213 -25.50 -13.14 23.20
CA GLY A 213 -26.18 -12.98 21.93
C GLY A 213 -27.27 -11.93 22.05
N LEU A 214 -27.97 -11.93 23.19
CA LEU A 214 -29.06 -10.98 23.42
C LEU A 214 -28.68 -9.52 23.19
N ARG A 215 -27.40 -9.20 23.27
CA ARG A 215 -26.96 -7.83 23.11
C ARG A 215 -27.02 -7.45 21.64
N THR A 216 -26.82 -8.40 20.74
CA THR A 216 -26.79 -8.11 19.32
C THR A 216 -28.11 -7.53 18.83
N PHE A 217 -29.23 -8.05 19.31
CA PHE A 217 -30.52 -7.56 18.84
C PHE A 217 -30.73 -6.09 19.21
N ARG A 218 -30.29 -5.69 20.40
CA ARG A 218 -30.42 -4.27 20.77
C ARG A 218 -29.35 -3.40 20.11
N VAL A 219 -28.19 -3.97 19.77
CA VAL A 219 -27.22 -3.13 19.06
C VAL A 219 -27.73 -2.85 17.64
N LEU A 220 -28.42 -3.81 17.03
CA LEU A 220 -29.04 -3.54 15.73
C LEU A 220 -30.26 -2.65 15.86
N ARG A 221 -30.73 -2.39 17.09
CA ARG A 221 -31.81 -1.42 17.26
C ARG A 221 -31.34 -0.01 16.96
N ALA A 222 -30.04 0.24 17.10
CA ALA A 222 -29.51 1.59 16.89
C ALA A 222 -29.74 2.10 15.48
N LEU A 223 -29.94 1.20 14.51
CA LEU A 223 -30.07 1.63 13.12
C LEU A 223 -31.38 2.35 12.87
N LYS A 224 -32.25 2.47 13.89
CA LYS A 224 -33.40 3.34 13.78
C LYS A 224 -32.96 4.80 13.59
N THR A 225 -31.95 5.23 14.35
CA THR A 225 -31.47 6.61 14.25
C THR A 225 -30.99 6.92 12.84
N VAL A 226 -30.57 5.89 12.11
CA VAL A 226 -30.21 6.09 10.70
C VAL A 226 -31.41 6.60 9.92
N SER A 227 -32.57 5.96 10.10
CA SER A 227 -33.77 6.39 9.39
C SER A 227 -34.35 7.67 9.97
N VAL A 228 -34.09 7.96 11.24
CA VAL A 228 -34.67 9.15 11.87
C VAL A 228 -34.17 10.41 11.18
N ILE A 229 -32.86 10.54 11.01
CA ILE A 229 -32.32 11.76 10.38
C ILE A 229 -32.66 11.75 8.90
N PRO A 230 -33.16 12.85 8.33
CA PRO A 230 -33.58 12.81 6.92
C PRO A 230 -32.46 12.48 5.93
N GLY A 231 -31.23 12.88 6.24
CA GLY A 231 -30.16 12.78 5.25
C GLY A 231 -29.80 11.37 4.87
N LEU A 232 -29.69 10.47 5.87
CA LEU A 232 -29.05 9.18 5.64
C LEU A 232 -29.86 8.28 4.72
N LYS A 233 -31.15 8.54 4.56
CA LYS A 233 -31.98 7.64 3.75
C LYS A 233 -31.50 7.60 2.31
N VAL A 234 -31.37 8.76 1.68
CA VAL A 234 -30.97 8.81 0.27
C VAL A 234 -29.53 8.35 0.11
N ILE A 235 -28.66 8.66 1.07
CA ILE A 235 -27.27 8.24 0.98
C ILE A 235 -27.17 6.72 1.04
N VAL A 236 -27.93 6.09 1.95
CA VAL A 236 -27.94 4.64 2.03
C VAL A 236 -28.48 4.04 0.74
N GLY A 237 -29.57 4.61 0.21
CA GLY A 237 -30.08 4.13 -1.06
C GLY A 237 -29.04 4.19 -2.16
N ALA A 238 -28.27 5.29 -2.19
CA ALA A 238 -27.20 5.42 -3.16
C ALA A 238 -26.11 4.37 -2.93
N LEU A 239 -25.85 4.03 -1.67
CA LEU A 239 -24.85 3.00 -1.39
C LEU A 239 -25.26 1.64 -1.93
N ILE A 240 -26.51 1.22 -1.67
CA ILE A 240 -26.98 -0.03 -2.27
C ILE A 240 -26.91 0.05 -3.80
N HIS A 241 -27.15 1.23 -4.35
CA HIS A 241 -27.09 1.40 -5.80
C HIS A 241 -25.69 1.12 -6.37
N SER A 242 -24.65 1.59 -5.69
CA SER A 242 -23.28 1.29 -6.13
C SER A 242 -23.01 -0.21 -6.06
N VAL A 243 -23.50 -0.85 -5.00
CA VAL A 243 -23.33 -2.30 -4.84
C VAL A 243 -23.99 -3.05 -5.99
N LYS A 244 -25.17 -2.60 -6.41
CA LYS A 244 -25.86 -3.25 -7.52
C LYS A 244 -25.04 -3.17 -8.80
N LYS A 245 -24.34 -2.06 -9.02
CA LYS A 245 -23.44 -1.97 -10.19
C LYS A 245 -22.05 -2.59 -9.97
N LEU A 246 -21.75 -3.05 -8.76
CA LEU A 246 -20.46 -3.73 -8.52
C LEU A 246 -20.54 -5.19 -8.90
N ALA A 247 -21.70 -5.64 -9.35
CA ALA A 247 -21.88 -7.05 -9.66
C ALA A 247 -20.92 -7.56 -10.72
N ASP A 248 -20.75 -6.80 -11.79
CA ASP A 248 -19.84 -7.21 -12.87
C ASP A 248 -18.38 -7.32 -12.41
N VAL A 249 -17.92 -6.34 -11.63
CA VAL A 249 -16.55 -6.37 -11.11
C VAL A 249 -16.38 -7.54 -10.16
N THR A 250 -17.38 -7.79 -9.31
CA THR A 250 -17.28 -8.85 -8.33
C THR A 250 -17.12 -10.20 -9.03
N ILE A 251 -17.91 -10.43 -10.08
CA ILE A 251 -17.80 -11.68 -10.83
C ILE A 251 -16.39 -11.85 -11.40
N LEU A 252 -15.86 -10.78 -12.00
CA LEU A 252 -14.54 -10.86 -12.61
C LEU A 252 -13.45 -11.05 -11.54
N THR A 253 -13.58 -10.33 -10.42
CA THR A 253 -12.60 -10.46 -9.34
C THR A 253 -12.60 -11.87 -8.79
N ILE A 254 -13.78 -12.46 -8.56
CA ILE A 254 -13.85 -13.83 -8.08
C ILE A 254 -13.24 -14.79 -9.10
N PHE A 255 -13.49 -14.57 -10.39
CA PHE A 255 -12.94 -15.45 -11.41
C PHE A 255 -11.41 -15.42 -11.40
N CYS A 256 -10.83 -14.21 -11.39
CA CYS A 256 -9.37 -14.11 -11.34
C CYS A 256 -8.80 -14.68 -10.06
N LEU A 257 -9.44 -14.42 -8.91
CA LEU A 257 -8.94 -14.97 -7.66
C LEU A 257 -8.97 -16.48 -7.68
N SER A 258 -10.03 -17.08 -8.23
CA SER A 258 -10.09 -18.53 -8.35
C SER A 258 -9.00 -19.06 -9.27
N VAL A 259 -8.79 -18.39 -10.42
CA VAL A 259 -7.79 -18.88 -11.36
C VAL A 259 -6.39 -18.83 -10.76
N PHE A 260 -6.02 -17.68 -10.17
CA PHE A 260 -4.72 -17.58 -9.54
C PHE A 260 -4.59 -18.46 -8.30
N ALA A 261 -5.68 -18.71 -7.56
CA ALA A 261 -5.62 -19.65 -6.47
C ALA A 261 -5.35 -21.05 -6.95
N LEU A 262 -5.95 -21.44 -8.08
CA LEU A 262 -5.68 -22.75 -8.67
C LEU A 262 -4.23 -22.84 -9.11
N VAL A 263 -3.70 -21.78 -9.74
CA VAL A 263 -2.31 -21.77 -10.16
C VAL A 263 -1.38 -21.91 -8.96
N GLY A 264 -1.65 -21.13 -7.90
CA GLY A 264 -0.82 -21.19 -6.71
C GLY A 264 -0.91 -22.52 -6.00
N LEU A 265 -2.09 -23.12 -5.98
CA LEU A 265 -2.25 -24.45 -5.42
C LEU A 265 -1.42 -25.47 -6.19
N GLN A 266 -1.47 -25.40 -7.52
CA GLN A 266 -0.69 -26.32 -8.33
C GLN A 266 0.80 -26.15 -8.10
N LEU A 267 1.27 -24.90 -8.02
CA LEU A 267 2.71 -24.66 -7.98
C LEU A 267 3.30 -24.81 -6.59
N PHE A 268 2.59 -24.36 -5.55
CA PHE A 268 3.19 -24.17 -4.24
C PHE A 268 2.60 -25.05 -3.15
N LYS A 269 1.82 -26.08 -3.51
CA LYS A 269 1.26 -26.99 -2.50
C LYS A 269 2.34 -27.67 -1.66
N GLY A 270 2.30 -27.46 -0.34
CA GLY A 270 3.24 -28.11 0.56
C GLY A 270 4.58 -27.42 0.70
N ASN A 271 4.79 -26.34 -0.04
CA ASN A 271 6.03 -25.57 0.06
C ASN A 271 6.13 -24.91 1.44
N LEU A 272 5.01 -24.41 1.95
CA LEU A 272 5.03 -23.78 3.28
C LEU A 272 5.11 -24.80 4.42
N LYS A 273 5.52 -26.03 4.13
CA LYS A 273 5.70 -27.00 5.20
C LYS A 273 7.17 -27.30 5.49
N ASN A 274 8.05 -26.83 4.67
CA ASN A 274 9.47 -27.08 4.89
C ASN A 274 9.99 -26.26 6.06
N LYS A 275 10.93 -26.86 6.81
CA LYS A 275 11.61 -26.19 7.91
C LYS A 275 13.04 -26.68 7.97
N CYS A 276 13.90 -25.90 8.62
CA CYS A 276 15.31 -26.23 8.74
C CYS A 276 15.47 -27.10 9.98
N VAL A 277 15.69 -28.39 9.78
CA VAL A 277 15.62 -29.39 10.84
C VAL A 277 17.02 -29.90 11.16
N LYS A 278 17.33 -29.96 12.45
CA LYS A 278 18.55 -30.61 12.91
C LYS A 278 18.58 -32.08 12.50
N ASN A 279 19.76 -32.52 12.08
CA ASN A 279 19.99 -33.93 11.78
C ASN A 279 20.27 -34.67 13.09
N ASP A 280 20.28 -36.00 13.01
CA ASP A 280 20.44 -36.85 14.18
C ASP A 280 21.89 -37.29 14.32
N MET A 281 22.30 -37.49 15.57
CA MET A 281 23.63 -38.02 15.87
C MET A 281 23.77 -39.48 15.44
N ALA A 282 22.75 -40.29 15.71
CA ALA A 282 22.79 -41.71 15.36
C ALA A 282 22.24 -41.93 13.96
N TYR A 289 15.07 -46.53 16.12
CA TYR A 289 14.79 -45.56 15.05
C TYR A 289 13.33 -45.63 14.61
N SER A 290 12.44 -45.22 15.51
CA SER A 290 11.01 -45.20 15.20
C SER A 290 10.72 -44.12 14.16
N SER A 291 9.47 -44.12 13.67
CA SER A 291 9.03 -43.13 12.70
C SER A 291 9.28 -41.71 13.21
N HIS A 292 9.08 -41.50 14.51
CA HIS A 292 9.32 -40.21 15.12
C HIS A 292 10.42 -40.29 16.17
N ARG A 293 11.60 -39.77 15.82
CA ARG A 293 12.69 -39.56 16.77
C ARG A 293 12.28 -38.45 17.73
N LYS A 294 13.18 -38.09 18.65
CA LYS A 294 13.01 -36.92 19.49
C LYS A 294 12.53 -35.76 18.61
N PRO A 295 11.54 -34.99 19.06
CA PRO A 295 10.81 -34.11 18.15
C PRO A 295 11.73 -33.17 17.39
N ASP A 296 11.29 -32.83 16.18
CA ASP A 296 12.13 -32.11 15.22
C ASP A 296 12.47 -30.73 15.79
N ILE A 297 13.72 -30.57 16.21
CA ILE A 297 14.17 -29.31 16.79
C ILE A 297 14.60 -28.39 15.65
N TYR A 298 14.01 -27.20 15.61
CA TYR A 298 14.22 -26.25 14.52
C TYR A 298 15.22 -25.17 14.93
N ILE A 299 15.41 -24.23 14.01
CA ILE A 299 16.19 -23.03 14.26
C ILE A 299 15.31 -21.82 13.92
N ASN A 300 15.38 -20.81 14.78
CA ASN A 300 14.57 -19.62 14.61
C ASN A 300 15.24 -18.67 13.62
N LYS A 301 14.43 -18.05 12.77
CA LYS A 301 14.93 -16.99 11.91
C LYS A 301 15.36 -15.81 12.78
N ARG A 302 16.55 -15.29 12.51
CA ARG A 302 17.13 -14.26 13.37
C ARG A 302 16.23 -13.04 13.46
N GLY A 303 16.03 -12.55 14.67
CA GLY A 303 15.15 -11.43 14.92
C GLY A 303 13.69 -11.78 15.11
N THR A 304 13.32 -13.04 14.90
CA THR A 304 11.93 -13.47 15.05
C THR A 304 11.89 -14.77 15.84
N SER A 305 10.68 -15.19 16.16
CA SER A 305 10.45 -16.49 16.79
C SER A 305 9.94 -17.53 15.81
N ASP A 306 9.82 -17.19 14.53
CA ASP A 306 9.34 -18.15 13.55
C ASP A 306 10.44 -19.16 13.22
N PRO A 307 10.10 -20.41 12.97
CA PRO A 307 11.10 -21.37 12.49
C PRO A 307 11.60 -20.96 11.10
N LEU A 308 12.83 -21.34 10.81
CA LEU A 308 13.43 -20.99 9.52
C LEU A 308 12.81 -21.83 8.40
N LEU A 309 12.54 -21.18 7.28
CA LEU A 309 12.00 -21.84 6.10
C LEU A 309 13.17 -22.25 5.22
N CYS A 310 12.96 -23.27 4.39
CA CYS A 310 14.03 -23.94 3.65
C CYS A 310 13.53 -24.44 2.30
N GLY A 311 14.48 -24.82 1.46
CA GLY A 311 14.16 -25.40 0.16
C GLY A 311 15.39 -26.11 -0.39
N ASN A 312 15.13 -27.18 -1.14
CA ASN A 312 16.20 -27.96 -1.75
C ASN A 312 16.66 -27.40 -3.09
N GLY A 313 16.03 -26.32 -3.57
CA GLY A 313 16.39 -25.76 -4.86
C GLY A 313 17.71 -25.02 -4.82
N SER A 314 18.21 -24.72 -6.02
CA SER A 314 19.47 -24.01 -6.15
C SER A 314 19.36 -22.57 -5.67
N ASP A 315 18.22 -21.92 -5.95
CA ASP A 315 17.98 -20.54 -5.56
C ASP A 315 16.80 -20.43 -4.59
N SER A 316 16.69 -21.36 -3.65
CA SER A 316 15.52 -21.38 -2.77
C SER A 316 15.85 -20.95 -1.36
N GLY A 317 16.98 -21.39 -0.83
CA GLY A 317 17.33 -21.06 0.54
C GLY A 317 17.92 -22.25 1.27
N HIS A 318 19.03 -22.03 1.97
CA HIS A 318 19.81 -23.12 2.54
C HIS A 318 19.91 -22.96 4.05
N CYS A 319 19.77 -24.09 4.75
CA CYS A 319 20.01 -24.11 6.19
C CYS A 319 21.50 -24.11 6.49
N PRO A 320 21.87 -23.68 7.69
CA PRO A 320 23.29 -23.71 8.08
C PRO A 320 23.82 -25.12 8.24
N ASP A 321 25.07 -25.24 8.66
CA ASP A 321 25.73 -26.53 8.83
C ASP A 321 24.98 -27.35 9.88
N GLY A 322 24.80 -28.64 9.62
CA GLY A 322 24.14 -29.51 10.55
C GLY A 322 22.63 -29.46 10.51
N TYR A 323 22.04 -28.80 9.52
CA TYR A 323 20.59 -28.74 9.38
C TYR A 323 20.24 -29.21 7.98
N ILE A 324 19.09 -29.88 7.84
CA ILE A 324 18.64 -30.39 6.55
C ILE A 324 17.22 -29.91 6.31
N CYS A 325 16.84 -29.85 5.03
CA CYS A 325 15.55 -29.33 4.63
C CYS A 325 14.52 -30.45 4.60
N LEU A 326 13.58 -30.44 5.56
CA LEU A 326 12.57 -31.49 5.67
C LEU A 326 11.18 -30.89 5.66
N LYS A 327 10.25 -31.58 5.00
CA LYS A 327 8.87 -31.15 5.00
C LYS A 327 8.20 -31.55 6.31
N THR A 328 7.82 -30.54 7.09
CA THR A 328 7.25 -30.73 8.42
C THR A 328 5.72 -30.83 8.24
N SER A 329 4.97 -30.86 9.34
CA SER A 329 3.53 -31.11 9.28
C SER A 329 2.67 -29.87 9.47
N ASP A 330 3.23 -28.76 9.94
CA ASP A 330 2.45 -27.56 10.21
C ASP A 330 2.97 -26.39 9.40
N ASN A 331 2.14 -25.36 9.26
CA ASN A 331 2.38 -24.24 8.38
C ASN A 331 2.89 -23.04 9.16
N PRO A 332 3.42 -22.01 8.46
CA PRO A 332 4.20 -20.97 9.17
C PRO A 332 3.50 -20.19 10.25
N ASP A 333 2.36 -19.58 9.96
CA ASP A 333 1.89 -18.49 10.80
C ASP A 333 1.19 -18.99 12.06
N PHE A 334 0.05 -19.64 11.88
CA PHE A 334 -0.65 -20.40 12.90
C PHE A 334 -1.30 -21.61 12.24
N ASN A 335 -0.67 -22.09 11.17
CA ASN A 335 -1.18 -23.12 10.27
C ASN A 335 -2.33 -22.64 9.41
N TYR A 336 -2.42 -21.33 9.15
CA TYR A 336 -3.45 -20.79 8.27
C TYR A 336 -2.95 -20.26 6.95
N THR A 337 -1.67 -19.89 6.85
CA THR A 337 -1.11 -19.40 5.59
C THR A 337 -0.55 -20.60 4.83
N SER A 338 -1.08 -20.84 3.63
CA SER A 338 -0.82 -22.09 2.94
C SER A 338 -1.26 -21.99 1.50
N PHE A 339 -0.94 -23.02 0.73
CA PHE A 339 -1.45 -23.27 -0.61
C PHE A 339 -1.88 -24.71 -0.73
N ASP A 340 -2.20 -25.35 0.40
CA ASP A 340 -2.44 -26.78 0.45
C ASP A 340 -3.86 -27.16 0.05
N SER A 341 -4.75 -26.20 -0.16
CA SER A 341 -6.12 -26.48 -0.56
C SER A 341 -6.66 -25.27 -1.29
N PHE A 342 -7.78 -25.45 -1.99
CA PHE A 342 -8.37 -24.34 -2.72
C PHE A 342 -8.82 -23.24 -1.77
N ALA A 343 -9.31 -23.61 -0.58
CA ALA A 343 -9.73 -22.62 0.39
C ALA A 343 -8.54 -21.80 0.89
N TRP A 344 -7.47 -22.47 1.31
CA TRP A 344 -6.30 -21.77 1.82
C TRP A 344 -5.65 -20.92 0.75
N ALA A 345 -5.53 -21.47 -0.47
CA ALA A 345 -4.94 -20.70 -1.56
C ALA A 345 -5.82 -19.51 -1.94
N PHE A 346 -7.14 -19.67 -1.90
CA PHE A 346 -8.02 -18.54 -2.20
C PHE A 346 -7.87 -17.46 -1.14
N LEU A 347 -7.72 -17.85 0.13
CA LEU A 347 -7.47 -16.87 1.17
C LEU A 347 -6.14 -16.15 0.93
N SER A 348 -5.10 -16.88 0.55
CA SER A 348 -3.81 -16.25 0.30
C SER A 348 -3.87 -15.29 -0.88
N LEU A 349 -4.54 -15.67 -1.97
CA LEU A 349 -4.68 -14.76 -3.10
C LEU A 349 -5.57 -13.57 -2.77
N PHE A 350 -6.59 -13.73 -1.93
CA PHE A 350 -7.39 -12.58 -1.52
C PHE A 350 -6.57 -11.63 -0.67
N ARG A 351 -5.68 -12.18 0.17
CA ARG A 351 -4.74 -11.35 0.91
C ARG A 351 -3.82 -10.61 -0.05
N LEU A 352 -3.34 -11.29 -1.09
CA LEU A 352 -2.46 -10.66 -2.07
C LEU A 352 -3.16 -9.53 -2.81
N MET A 353 -4.43 -9.72 -3.16
CA MET A 353 -5.15 -8.72 -3.94
C MET A 353 -5.26 -7.40 -3.16
N THR A 354 -5.52 -7.48 -1.87
CA THR A 354 -5.61 -6.28 -1.04
C THR A 354 -4.26 -5.83 -0.51
N GLN A 355 -3.19 -6.54 -0.82
CA GLN A 355 -1.83 -6.16 -0.44
C GLN A 355 -1.67 -5.98 1.07
N ASP A 356 -2.42 -6.74 1.85
CA ASP A 356 -2.36 -6.63 3.30
C ASP A 356 -1.27 -7.59 3.78
N SER A 357 -0.10 -7.03 4.10
CA SER A 357 1.07 -7.79 4.54
C SER A 357 1.47 -8.86 3.53
N TRP A 358 1.36 -8.54 2.24
CA TRP A 358 1.67 -9.52 1.19
C TRP A 358 3.17 -9.78 1.09
N GLU A 359 4.00 -8.91 1.65
CA GLU A 359 5.44 -9.11 1.56
C GLU A 359 5.87 -10.37 2.31
N ARG A 360 5.19 -10.68 3.42
CA ARG A 360 5.51 -11.89 4.16
C ARG A 360 5.28 -13.13 3.31
N LEU A 361 4.14 -13.19 2.63
CA LEU A 361 3.85 -14.31 1.74
C LEU A 361 4.87 -14.38 0.62
N TYR A 362 5.21 -13.22 0.04
CA TYR A 362 6.21 -13.16 -1.03
C TYR A 362 7.52 -13.79 -0.58
N GLN A 363 8.04 -13.34 0.57
CA GLN A 363 9.32 -13.86 1.05
C GLN A 363 9.23 -15.33 1.40
N GLN A 364 8.12 -15.78 2.00
CA GLN A 364 8.04 -17.18 2.39
C GLN A 364 7.99 -18.10 1.18
N THR A 365 7.16 -17.77 0.18
CA THR A 365 7.09 -18.67 -0.98
C THR A 365 8.37 -18.60 -1.81
N LEU A 366 9.05 -17.46 -1.87
CA LEU A 366 10.35 -17.46 -2.53
C LEU A 366 11.41 -18.22 -1.75
N ARG A 367 11.43 -18.13 -0.43
CA ARG A 367 12.37 -18.87 0.38
C ARG A 367 12.12 -20.37 0.31
N THR A 368 10.88 -20.78 0.02
CA THR A 368 10.57 -22.21 -0.03
C THR A 368 10.55 -22.78 -1.44
N SER A 369 10.45 -21.94 -2.47
CA SER A 369 10.32 -22.42 -3.83
C SER A 369 11.40 -21.95 -4.79
N GLY A 370 12.01 -20.79 -4.55
CA GLY A 370 13.03 -20.27 -5.44
C GLY A 370 12.72 -18.88 -5.95
N LYS A 371 13.77 -18.13 -6.26
CA LYS A 371 13.62 -16.75 -6.70
C LYS A 371 12.90 -16.62 -8.05
N ILE A 372 12.91 -17.69 -8.84
CA ILE A 372 12.30 -17.63 -10.17
C ILE A 372 10.79 -17.47 -10.09
N TYR A 373 10.19 -17.77 -8.94
CA TYR A 373 8.75 -17.69 -8.79
C TYR A 373 8.27 -16.29 -8.45
N MET A 374 9.14 -15.29 -8.49
CA MET A 374 8.68 -13.92 -8.33
C MET A 374 7.83 -13.49 -9.52
N ILE A 375 7.89 -14.24 -10.63
CA ILE A 375 7.04 -13.93 -11.77
C ILE A 375 5.57 -14.09 -11.40
N PHE A 376 5.29 -15.03 -10.49
CA PHE A 376 3.92 -15.20 -9.99
C PHE A 376 3.41 -13.91 -9.35
N PHE A 377 4.20 -13.33 -8.45
CA PHE A 377 3.74 -12.16 -7.71
C PHE A 377 3.72 -10.91 -8.57
N VAL A 378 4.62 -10.81 -9.55
CA VAL A 378 4.56 -9.70 -10.50
C VAL A 378 3.22 -9.75 -11.25
N LEU A 379 2.80 -10.95 -11.65
CA LEU A 379 1.54 -11.09 -12.36
C LEU A 379 0.36 -10.83 -11.43
N VAL A 380 0.40 -11.38 -10.22
CA VAL A 380 -0.72 -11.25 -9.30
C VAL A 380 -0.88 -9.80 -8.84
N ILE A 381 0.23 -9.16 -8.46
CA ILE A 381 0.15 -7.78 -7.98
C ILE A 381 -0.38 -6.87 -9.09
N PHE A 382 0.12 -7.06 -10.31
CA PHE A 382 -0.32 -6.23 -11.43
C PHE A 382 -1.76 -6.56 -11.78
N LEU A 383 -2.04 -7.81 -12.16
CA LEU A 383 -3.38 -8.16 -12.62
C LEU A 383 -4.38 -8.10 -11.47
N GLY A 384 -4.06 -8.75 -10.36
CA GLY A 384 -5.00 -8.82 -9.25
C GLY A 384 -5.17 -7.50 -8.54
N SER A 385 -4.12 -7.05 -7.84
CA SER A 385 -4.23 -5.83 -7.05
C SER A 385 -4.51 -4.62 -7.95
N PHE A 386 -3.59 -4.32 -8.86
CA PHE A 386 -3.65 -3.04 -9.57
C PHE A 386 -4.93 -2.88 -10.38
N TYR A 387 -5.34 -3.93 -11.08
CA TYR A 387 -6.47 -3.80 -12.00
C TYR A 387 -7.83 -3.83 -11.30
N LEU A 388 -8.11 -4.88 -10.52
CA LEU A 388 -9.44 -5.01 -9.94
C LEU A 388 -9.78 -3.86 -9.00
N VAL A 389 -8.77 -3.26 -8.34
CA VAL A 389 -9.03 -2.05 -7.57
C VAL A 389 -9.38 -0.89 -8.50
N ASN A 390 -8.70 -0.79 -9.64
CA ASN A 390 -9.02 0.26 -10.60
C ASN A 390 -10.44 0.09 -11.14
N LEU A 391 -10.85 -1.16 -11.34
CA LEU A 391 -12.22 -1.42 -11.76
C LEU A 391 -13.21 -0.97 -10.69
N ILE A 392 -12.91 -1.25 -9.42
CA ILE A 392 -13.76 -0.78 -8.34
C ILE A 392 -13.76 0.74 -8.28
N LEU A 393 -12.58 1.35 -8.40
CA LEU A 393 -12.50 2.80 -8.35
C LEU A 393 -13.31 3.45 -9.47
N ALA A 394 -13.24 2.86 -10.66
CA ALA A 394 -14.05 3.38 -11.77
C ALA A 394 -15.54 3.21 -11.48
N VAL A 395 -15.97 2.00 -11.12
CA VAL A 395 -17.40 1.72 -10.99
C VAL A 395 -18.04 2.63 -9.95
N VAL A 396 -17.36 2.84 -8.82
CA VAL A 396 -17.88 3.77 -7.82
C VAL A 396 -17.97 5.18 -8.39
N THR A 397 -17.13 5.50 -9.38
CA THR A 397 -17.14 6.85 -9.94
C THR A 397 -18.40 7.12 -10.73
N MET A 398 -18.65 6.36 -11.80
CA MET A 398 -19.84 6.63 -12.60
C MET A 398 -21.12 6.41 -11.78
N ALA A 399 -21.10 5.45 -10.86
CA ALA A 399 -22.27 5.22 -10.02
C ALA A 399 -22.60 6.46 -9.21
N TYR A 400 -21.59 7.05 -8.58
CA TYR A 400 -21.84 8.25 -7.77
C TYR A 400 -22.03 9.48 -8.65
N GLU A 401 -21.24 9.61 -9.71
CA GLU A 401 -21.33 10.78 -10.58
C GLU A 401 -22.71 10.87 -11.22
N GLU A 402 -23.32 9.71 -11.51
CA GLU A 402 -24.64 9.69 -12.13
C GLU A 402 -25.71 10.25 -11.20
N GLN A 403 -25.56 10.01 -9.89
CA GLN A 403 -26.58 10.45 -8.94
C GLN A 403 -26.72 11.97 -8.93
N ASN A 404 -25.61 12.68 -8.75
CA ASN A 404 -25.71 14.14 -8.67
C ASN A 404 -25.97 14.76 -10.04
N GLN A 405 -25.53 14.09 -11.11
CA GLN A 405 -25.82 14.60 -12.45
C GLN A 405 -27.31 14.60 -12.74
N ALA A 406 -28.03 13.57 -12.32
CA ALA A 406 -29.48 13.55 -12.48
C ALA A 406 -30.14 14.67 -11.70
N THR A 407 -29.68 14.91 -10.48
CA THR A 407 -30.23 15.99 -9.65
C THR A 407 -29.59 17.33 -10.02
N TRP A 651 -16.60 61.95 22.32
CA TRP A 651 -15.47 62.45 23.08
C TRP A 651 -14.13 61.79 22.73
N VAL A 652 -13.23 61.65 23.71
CA VAL A 652 -11.88 61.15 23.42
C VAL A 652 -11.79 59.73 22.84
N LYS A 653 -12.60 58.78 23.33
CA LYS A 653 -12.46 57.41 22.85
C LYS A 653 -12.75 57.30 21.35
N LEU A 654 -13.74 58.03 20.86
CA LEU A 654 -14.10 57.95 19.43
C LEU A 654 -12.91 58.22 18.51
N LYS A 655 -12.26 59.36 18.62
CA LYS A 655 -11.12 59.70 17.79
C LYS A 655 -10.09 58.58 17.81
N THR A 656 -9.89 57.99 18.99
CA THR A 656 -8.97 56.85 19.10
C THR A 656 -9.51 55.63 18.38
N ILE A 657 -10.79 55.33 18.57
CA ILE A 657 -11.42 54.18 17.90
C ILE A 657 -11.39 54.33 16.38
N LEU A 658 -11.67 55.54 15.88
CA LEU A 658 -11.64 55.77 14.44
C LEU A 658 -10.23 55.57 13.88
N PHE A 659 -9.23 56.05 14.58
CA PHE A 659 -7.84 55.86 14.14
C PHE A 659 -7.53 54.37 14.12
N GLY A 660 -7.95 53.65 15.16
CA GLY A 660 -7.76 52.21 15.20
C GLY A 660 -8.51 51.50 14.09
N LEU A 661 -9.72 51.96 13.80
CA LEU A 661 -10.57 51.31 12.80
C LEU A 661 -9.91 51.36 11.44
N VAL A 662 -9.30 52.49 11.10
CA VAL A 662 -8.58 52.58 9.83
C VAL A 662 -7.26 51.85 10.00
N THR A 663 -7.03 50.84 9.18
CA THR A 663 -5.80 50.05 9.29
C THR A 663 -5.04 50.01 7.98
N ASP A 664 -3.74 50.26 8.03
CA ASP A 664 -2.92 50.15 6.82
C ASP A 664 -2.75 48.66 6.43
N PRO A 665 -2.46 48.37 5.15
CA PRO A 665 -2.33 46.99 4.70
C PRO A 665 -1.03 46.44 5.26
N PHE A 666 0.00 47.28 5.24
CA PHE A 666 1.27 46.99 5.87
C PHE A 666 1.13 46.60 7.33
N ALA A 667 -0.09 46.58 7.87
CA ALA A 667 -0.32 46.04 9.21
C ALA A 667 -0.51 44.54 9.21
N GLU A 668 -1.10 43.97 8.15
CA GLU A 668 -1.26 42.54 8.04
C GLU A 668 0.01 41.83 7.57
N LEU A 669 0.86 42.50 6.80
CA LEU A 669 2.12 41.89 6.39
C LEU A 669 2.98 41.58 7.61
N THR A 670 3.03 42.50 8.57
CA THR A 670 3.74 42.22 9.81
C THR A 670 3.12 41.03 10.53
N ILE A 671 1.79 40.92 10.50
CA ILE A 671 1.13 39.76 11.10
C ILE A 671 1.64 38.48 10.46
N THR A 672 1.74 38.47 9.13
CA THR A 672 2.22 37.28 8.43
C THR A 672 3.66 36.96 8.80
N LEU A 673 4.52 37.97 8.85
CA LEU A 673 5.92 37.71 9.20
C LEU A 673 6.06 37.21 10.64
N CYS A 674 5.33 37.80 11.59
CA CYS A 674 5.40 37.29 12.95
C CYS A 674 4.87 35.86 13.06
N ILE A 675 3.80 35.54 12.33
CA ILE A 675 3.30 34.17 12.34
C ILE A 675 4.36 33.21 11.81
N VAL A 676 4.96 33.57 10.67
CA VAL A 676 5.95 32.69 10.06
C VAL A 676 7.15 32.50 10.98
N VAL A 677 7.64 33.59 11.58
CA VAL A 677 8.81 33.49 12.46
C VAL A 677 8.46 32.69 13.71
N ASN A 678 7.22 32.81 14.20
CA ASN A 678 6.81 32.03 15.36
C ASN A 678 6.80 30.54 15.05
N THR A 679 6.26 30.15 13.88
CA THR A 679 6.31 28.73 13.52
C THR A 679 7.74 28.27 13.31
N ILE A 680 8.59 29.10 12.69
CA ILE A 680 9.99 28.75 12.52
C ILE A 680 10.70 28.55 13.84
N PHE A 681 10.41 29.38 14.83
CA PHE A 681 10.93 29.18 16.18
C PHE A 681 10.43 27.88 16.81
N MET A 682 9.12 27.63 16.75
CA MET A 682 8.56 26.42 17.33
C MET A 682 9.09 25.16 16.68
N ALA A 683 9.44 25.21 15.39
CA ALA A 683 10.00 24.07 14.68
C ALA A 683 11.50 23.90 14.92
N MET A 684 12.04 24.52 15.97
CA MET A 684 13.48 24.53 16.21
C MET A 684 13.85 23.87 17.53
N GLU A 685 12.86 23.42 18.29
CA GLU A 685 13.10 22.72 19.55
C GLU A 685 13.40 21.25 19.27
N HIS A 686 14.15 20.62 20.17
CA HIS A 686 14.57 19.24 19.98
C HIS A 686 14.85 18.63 21.35
N HIS A 687 15.50 17.47 21.35
CA HIS A 687 15.69 16.72 22.58
C HIS A 687 16.85 17.29 23.40
N GLY A 688 18.01 17.48 22.77
CA GLY A 688 19.18 17.93 23.50
C GLY A 688 19.36 19.43 23.52
N MET A 689 18.27 20.17 23.77
CA MET A 689 18.33 21.62 23.79
C MET A 689 19.20 22.12 24.94
N SER A 690 20.00 23.14 24.66
CA SER A 690 20.75 23.81 25.71
C SER A 690 19.81 24.70 26.52
N PRO A 691 20.17 25.01 27.77
CA PRO A 691 19.33 25.91 28.57
C PRO A 691 19.12 27.26 27.93
N THR A 692 20.16 27.82 27.30
CA THR A 692 19.99 29.07 26.56
C THR A 692 19.04 28.91 25.40
N PHE A 693 19.05 27.74 24.75
CA PHE A 693 18.18 27.50 23.61
C PHE A 693 16.71 27.49 24.05
N GLU A 694 16.42 26.77 25.13
CA GLU A 694 15.05 26.77 25.66
C GLU A 694 14.65 28.16 26.13
N ALA A 695 15.58 28.90 26.74
CA ALA A 695 15.28 30.27 27.13
C ALA A 695 14.91 31.12 25.93
N MET A 696 15.64 30.94 24.82
CA MET A 696 15.33 31.66 23.58
C MET A 696 13.92 31.34 23.11
N LEU A 697 13.57 30.05 23.10
CA LEU A 697 12.21 29.69 22.72
C LEU A 697 11.16 30.31 23.64
N GLN A 698 11.42 30.31 24.94
CA GLN A 698 10.45 30.89 25.87
C GLN A 698 10.25 32.38 25.63
N ILE A 699 11.36 33.12 25.45
CA ILE A 699 11.21 34.56 25.28
C ILE A 699 10.54 34.87 23.95
N GLY A 700 10.87 34.10 22.91
CA GLY A 700 10.18 34.29 21.64
C GLY A 700 8.69 34.01 21.75
N ASN A 701 8.33 32.95 22.46
CA ASN A 701 6.92 32.62 22.63
C ASN A 701 6.17 33.72 23.37
N ILE A 702 6.75 34.25 24.46
CA ILE A 702 6.07 35.31 25.18
C ILE A 702 5.97 36.57 24.33
N VAL A 703 7.02 36.89 23.57
CA VAL A 703 6.97 38.07 22.70
C VAL A 703 5.83 37.93 21.70
N PHE A 704 5.72 36.77 21.05
CA PHE A 704 4.68 36.61 20.04
C PHE A 704 3.28 36.59 20.67
N THR A 705 3.10 35.95 21.81
CA THR A 705 1.74 35.86 22.35
C THR A 705 1.22 37.24 22.71
N ILE A 706 2.04 38.07 23.35
CA ILE A 706 1.63 39.43 23.68
C ILE A 706 1.38 40.25 22.40
N PHE A 707 2.17 40.03 21.36
CA PHE A 707 1.96 40.76 20.10
C PHE A 707 0.60 40.44 19.49
N PHE A 708 0.21 39.17 19.44
CA PHE A 708 -1.14 38.84 18.96
C PHE A 708 -2.21 39.36 19.91
N THR A 709 -1.95 39.33 21.21
CA THR A 709 -2.90 39.91 22.16
C THR A 709 -3.04 41.39 21.87
N ALA A 710 -1.94 42.07 21.59
CA ALA A 710 -1.99 43.49 21.25
C ALA A 710 -2.78 43.70 19.97
N GLU A 711 -2.58 42.83 18.99
CA GLU A 711 -3.33 42.94 17.74
C GLU A 711 -4.81 42.76 18.03
N MET A 712 -5.16 41.81 18.89
CA MET A 712 -6.55 41.59 19.26
C MET A 712 -7.14 42.81 19.93
N VAL A 713 -6.51 43.29 21.00
CA VAL A 713 -7.09 44.41 21.74
C VAL A 713 -7.22 45.65 20.85
N PHE A 714 -6.23 45.94 20.01
CA PHE A 714 -6.37 47.05 19.08
C PHE A 714 -7.56 46.83 18.15
N LYS A 715 -7.77 45.59 17.72
CA LYS A 715 -8.81 45.32 16.74
C LYS A 715 -10.20 45.32 17.37
N ILE A 716 -10.31 44.92 18.65
CA ILE A 716 -11.61 45.03 19.32
C ILE A 716 -11.93 46.49 19.62
N ILE A 717 -10.90 47.30 19.90
CA ILE A 717 -11.15 48.72 20.15
C ILE A 717 -11.13 49.48 18.83
N ALA A 718 -11.02 48.76 17.72
CA ALA A 718 -11.12 49.36 16.40
C ALA A 718 -12.57 49.28 15.91
N PHE A 719 -13.11 48.07 15.85
CA PHE A 719 -14.51 47.85 15.54
C PHE A 719 -15.28 47.74 16.85
N ASP A 720 -16.53 47.28 16.78
CA ASP A 720 -17.27 46.96 17.99
C ASP A 720 -17.34 45.45 18.15
N PRO A 721 -17.28 44.96 19.38
CA PRO A 721 -17.37 43.50 19.60
C PRO A 721 -18.63 42.88 19.06
N TYR A 722 -19.63 43.68 18.68
CA TYR A 722 -20.82 43.15 18.02
C TYR A 722 -20.50 42.81 16.57
N TYR A 723 -19.91 43.76 15.85
CA TYR A 723 -19.51 43.53 14.47
C TYR A 723 -18.22 42.72 14.38
N TYR A 724 -17.34 42.88 15.37
CA TYR A 724 -16.09 42.14 15.35
C TYR A 724 -16.32 40.64 15.46
N PHE A 725 -17.22 40.23 16.34
CA PHE A 725 -17.48 38.81 16.60
C PHE A 725 -18.45 38.24 15.58
N GLN A 726 -18.64 38.90 14.45
CA GLN A 726 -19.48 38.35 13.39
C GLN A 726 -18.62 37.61 12.38
N LYS A 727 -17.43 38.12 12.12
CA LYS A 727 -16.56 37.51 11.13
C LYS A 727 -16.14 36.11 11.53
N LYS A 728 -16.10 35.20 10.56
CA LYS A 728 -15.77 33.80 10.83
C LYS A 728 -14.34 33.60 11.34
N TRP A 729 -13.38 34.38 10.83
CA TRP A 729 -11.98 34.27 11.25
C TRP A 729 -11.58 34.96 12.55
N ASN A 730 -12.18 36.10 12.88
CA ASN A 730 -11.77 36.83 14.08
C ASN A 730 -12.10 36.07 15.35
N ILE A 731 -13.25 35.39 15.40
CA ILE A 731 -13.56 34.56 16.55
C ILE A 731 -12.52 33.45 16.70
N PHE A 732 -12.06 32.88 15.59
CA PHE A 732 -11.01 31.89 15.62
C PHE A 732 -9.72 32.47 16.19
N ASP A 733 -9.32 33.64 15.70
CA ASP A 733 -8.13 34.31 16.25
C ASP A 733 -8.27 34.53 17.74
N CYS A 734 -9.46 34.97 18.17
CA CYS A 734 -9.69 35.24 19.59
C CYS A 734 -9.55 33.98 20.42
N ILE A 735 -10.17 32.88 20.00
CA ILE A 735 -10.09 31.68 20.83
C ILE A 735 -8.65 31.19 20.90
N ILE A 736 -7.91 31.27 19.80
CA ILE A 736 -6.51 30.83 19.79
C ILE A 736 -5.68 31.61 20.79
N VAL A 737 -5.71 32.94 20.70
CA VAL A 737 -4.86 33.76 21.57
C VAL A 737 -5.24 33.57 23.05
N THR A 738 -6.55 33.54 23.35
CA THR A 738 -6.98 33.38 24.74
C THR A 738 -6.49 32.07 25.33
N VAL A 739 -6.44 31.01 24.54
CA VAL A 739 -5.88 29.75 25.03
C VAL A 739 -4.42 29.97 25.39
N SER A 740 -3.70 30.73 24.58
CA SER A 740 -2.31 31.03 24.91
C SER A 740 -2.18 31.81 26.22
N LEU A 741 -3.04 32.80 26.47
CA LEU A 741 -2.98 33.49 27.78
C LEU A 741 -3.31 32.54 28.92
N LEU A 742 -4.25 31.63 28.70
CA LEU A 742 -4.61 30.65 29.72
C LEU A 742 -3.39 29.81 30.03
N GLU A 743 -2.64 29.40 29.01
CA GLU A 743 -1.40 28.63 29.22
C GLU A 743 -0.31 29.44 29.92
N LEU A 744 -0.21 30.73 29.60
CA LEU A 744 0.76 31.58 30.27
C LEU A 744 0.39 31.58 31.74
N GLY A 745 -0.90 31.64 32.04
CA GLY A 745 -1.34 31.55 33.41
C GLY A 745 -0.96 30.21 34.01
N VAL A 746 -1.35 29.12 33.37
CA VAL A 746 -1.06 27.81 33.99
C VAL A 746 0.10 27.20 33.21
N ALA A 747 1.31 27.47 33.69
CA ALA A 747 2.53 27.07 32.99
C ALA A 747 3.26 25.99 33.79
N LYS A 748 2.90 24.75 33.53
CA LYS A 748 3.64 23.59 34.01
C LYS A 748 4.28 22.86 32.84
N LYS A 749 5.51 22.39 33.06
CA LYS A 749 6.28 21.72 32.01
C LYS A 749 5.63 20.37 31.75
N GLY A 750 4.79 20.33 30.71
CA GLY A 750 4.06 19.12 30.38
C GLY A 750 2.56 19.29 30.55
N SER A 751 2.14 20.45 31.07
CA SER A 751 0.72 20.73 31.24
C SER A 751 0.05 20.94 29.89
N LEU A 752 -0.76 19.98 29.46
CA LEU A 752 -1.47 20.07 28.18
C LEU A 752 -0.54 20.35 26.99
N SER A 753 0.31 19.39 26.65
CA SER A 753 1.23 19.54 25.51
C SER A 753 0.49 19.70 24.19
N VAL A 754 -0.63 18.97 24.02
CA VAL A 754 -1.42 19.09 22.81
C VAL A 754 -1.97 20.48 22.65
N LEU A 755 -2.46 21.07 23.74
CA LEU A 755 -2.94 22.45 23.69
C LEU A 755 -1.77 23.43 23.52
N ARG A 756 -0.56 23.03 23.87
CA ARG A 756 0.58 23.91 23.61
C ARG A 756 0.68 24.06 22.10
N SER A 757 0.45 22.98 21.36
CA SER A 757 0.46 23.04 19.90
C SER A 757 -0.80 23.69 19.34
N PHE A 758 -1.63 24.29 20.19
CA PHE A 758 -2.82 24.98 19.71
C PHE A 758 -2.46 26.27 19.00
N ARG A 759 -1.37 26.92 19.40
CA ARG A 759 -0.94 28.13 18.71
C ARG A 759 -0.41 27.84 17.32
N LEU A 760 -0.19 26.57 16.98
CA LEU A 760 0.10 26.23 15.59
C LEU A 760 -1.08 26.48 14.68
N LEU A 761 -2.29 26.60 15.23
CA LEU A 761 -3.48 26.74 14.41
C LEU A 761 -3.53 28.04 13.63
N ARG A 762 -2.68 29.03 13.95
CA ARG A 762 -2.71 30.28 13.19
C ARG A 762 -2.05 30.14 11.83
N VAL A 763 -1.45 28.98 11.53
CA VAL A 763 -0.86 28.79 10.21
C VAL A 763 -1.94 28.81 9.13
N PHE A 764 -3.15 28.35 9.45
CA PHE A 764 -4.22 28.46 8.46
C PHE A 764 -4.65 29.91 8.22
N LYS A 765 -4.20 30.86 9.04
CA LYS A 765 -4.51 32.26 8.78
C LYS A 765 -3.93 32.70 7.44
N LEU A 766 -2.83 32.08 7.01
CA LEU A 766 -2.28 32.37 5.70
C LEU A 766 -3.03 31.60 4.63
N ALA A 767 -4.36 31.74 4.61
CA ALA A 767 -5.18 31.17 3.56
C ALA A 767 -5.83 32.21 2.66
N LYS A 768 -5.92 33.47 3.09
CA LYS A 768 -6.46 34.53 2.26
C LYS A 768 -5.52 34.91 1.12
N SER A 769 -4.28 34.46 1.15
CA SER A 769 -3.32 34.75 0.09
C SER A 769 -2.82 33.45 -0.53
N TRP A 770 -3.14 32.32 0.09
CA TRP A 770 -2.72 31.02 -0.41
C TRP A 770 -3.95 30.25 -0.88
N PRO A 771 -4.27 30.25 -2.17
CA PRO A 771 -5.51 29.59 -2.62
C PRO A 771 -5.57 28.10 -2.32
N THR A 772 -4.45 27.38 -2.45
CA THR A 772 -4.48 25.94 -2.26
C THR A 772 -4.80 25.53 -0.82
N LEU A 773 -4.22 26.21 0.16
CA LEU A 773 -4.59 25.94 1.55
C LEU A 773 -6.06 26.26 1.77
N ASN A 774 -6.58 27.28 1.08
CA ASN A 774 -8.00 27.57 1.16
C ASN A 774 -8.83 26.41 0.62
N THR A 775 -8.41 25.81 -0.51
CA THR A 775 -9.13 24.65 -1.02
C THR A 775 -9.06 23.47 -0.06
N LEU A 776 -7.92 23.32 0.62
CA LEU A 776 -7.83 22.28 1.65
C LEU A 776 -8.84 22.54 2.77
N ILE A 777 -8.96 23.80 3.19
CA ILE A 777 -9.95 24.16 4.21
C ILE A 777 -11.35 23.85 3.74
N LYS A 778 -11.67 24.17 2.48
CA LYS A 778 -12.99 23.86 1.95
C LYS A 778 -13.23 22.36 1.89
N ILE A 779 -12.19 21.58 1.61
CA ILE A 779 -12.33 20.13 1.61
C ILE A 779 -12.68 19.64 3.02
N ILE A 780 -11.93 20.10 4.02
CA ILE A 780 -12.18 19.67 5.39
C ILE A 780 -13.59 20.09 5.83
N GLY A 781 -14.01 21.29 5.43
CA GLY A 781 -15.35 21.76 5.73
C GLY A 781 -16.46 21.00 5.03
N ASN A 782 -16.27 20.65 3.76
CA ASN A 782 -17.21 19.81 3.04
C ASN A 782 -17.29 18.41 3.61
N SER A 783 -16.23 17.94 4.28
CA SER A 783 -16.29 16.64 4.94
C SER A 783 -17.35 16.58 6.03
N VAL A 784 -17.74 17.72 6.60
CA VAL A 784 -18.81 17.79 7.59
C VAL A 784 -19.95 18.67 7.14
N GLY A 785 -19.95 19.14 5.89
CA GLY A 785 -21.01 20.00 5.42
C GLY A 785 -21.94 19.31 4.45
N ALA A 786 -21.75 19.55 3.15
CA ALA A 786 -22.60 18.90 2.14
C ALA A 786 -22.48 17.39 2.21
N LEU A 787 -21.39 16.88 2.76
CA LEU A 787 -21.13 15.45 2.88
C LEU A 787 -21.08 15.02 4.34
N GLY A 788 -21.89 15.65 5.19
CA GLY A 788 -21.99 15.22 6.57
C GLY A 788 -22.56 13.83 6.73
N ASN A 789 -23.54 13.47 5.90
CA ASN A 789 -24.23 12.19 6.07
C ASN A 789 -23.30 11.00 5.85
N LEU A 790 -22.41 11.09 4.86
CA LEU A 790 -21.45 10.00 4.65
C LEU A 790 -20.54 9.81 5.86
N THR A 791 -20.03 10.90 6.43
CA THR A 791 -19.22 10.79 7.64
C THR A 791 -20.04 10.22 8.80
N ILE A 792 -21.31 10.62 8.91
CA ILE A 792 -22.15 10.09 9.99
C ILE A 792 -22.33 8.59 9.84
N ILE A 793 -22.64 8.12 8.63
CA ILE A 793 -22.85 6.68 8.47
C ILE A 793 -21.55 5.92 8.63
N LEU A 794 -20.42 6.52 8.26
CA LEU A 794 -19.14 5.88 8.51
C LEU A 794 -18.89 5.74 10.01
N ALA A 795 -19.21 6.78 10.78
CA ALA A 795 -19.07 6.71 12.23
C ALA A 795 -19.98 5.65 12.82
N ILE A 796 -21.22 5.57 12.34
CA ILE A 796 -22.14 4.53 12.82
C ILE A 796 -21.60 3.15 12.50
N ILE A 797 -21.09 2.95 11.28
CA ILE A 797 -20.55 1.65 10.91
C ILE A 797 -19.41 1.26 11.83
N VAL A 798 -18.48 2.18 12.06
CA VAL A 798 -17.33 1.88 12.93
C VAL A 798 -17.80 1.58 14.35
N PHE A 799 -18.71 2.40 14.88
CA PHE A 799 -19.18 2.21 16.25
C PHE A 799 -19.88 0.88 16.42
N VAL A 800 -20.82 0.56 15.53
CA VAL A 800 -21.56 -0.69 15.63
C VAL A 800 -20.64 -1.89 15.49
N PHE A 801 -19.74 -1.86 14.51
CA PHE A 801 -18.87 -3.02 14.34
C PHE A 801 -17.95 -3.20 15.52
N ALA A 802 -17.40 -2.12 16.07
CA ALA A 802 -16.57 -2.24 17.27
C ALA A 802 -17.36 -2.79 18.45
N LEU A 803 -18.58 -2.30 18.66
CA LEU A 803 -19.36 -2.74 19.80
C LEU A 803 -19.77 -4.21 19.67
N VAL A 804 -20.20 -4.62 18.47
CA VAL A 804 -20.56 -6.02 18.26
C VAL A 804 -19.34 -6.91 18.44
N GLY A 805 -18.18 -6.48 17.93
CA GLY A 805 -16.97 -7.25 18.15
C GLY A 805 -16.66 -7.42 19.61
N LYS A 806 -16.78 -6.34 20.38
CA LYS A 806 -16.55 -6.43 21.83
C LYS A 806 -17.51 -7.43 22.48
N GLN A 807 -18.82 -7.28 22.21
CA GLN A 807 -19.80 -8.14 22.85
C GLN A 807 -19.58 -9.60 22.48
N LEU A 808 -19.21 -9.87 21.24
CA LEU A 808 -18.95 -11.27 20.84
C LEU A 808 -17.59 -11.82 21.28
N LEU A 809 -16.49 -11.26 20.81
CA LEU A 809 -15.15 -11.82 21.12
C LEU A 809 -14.45 -11.34 22.40
N GLY A 810 -15.01 -10.35 23.10
CA GLY A 810 -14.36 -9.80 24.29
C GLY A 810 -13.77 -10.75 25.31
N GLU A 811 -14.61 -11.61 25.90
CA GLU A 811 -14.15 -12.55 26.91
C GLU A 811 -13.10 -13.50 26.35
N ASN A 812 -13.37 -14.07 25.17
CA ASN A 812 -12.42 -14.99 24.56
C ASN A 812 -11.03 -14.39 24.50
N TYR A 813 -10.89 -13.13 24.10
CA TYR A 813 -9.55 -12.53 24.19
C TYR A 813 -8.96 -12.64 25.58
N ARG A 814 -9.66 -12.18 26.61
CA ARG A 814 -9.05 -12.16 27.94
C ARG A 814 -8.69 -13.56 28.47
N ASN A 815 -9.61 -14.53 28.38
CA ASN A 815 -9.31 -15.86 28.96
C ASN A 815 -8.22 -16.65 28.19
N ASN A 816 -8.25 -16.59 26.85
CA ASN A 816 -7.26 -17.32 26.05
C ASN A 816 -6.20 -16.37 25.52
N ARG A 817 -5.96 -15.28 26.24
CA ARG A 817 -4.98 -14.29 25.83
C ARG A 817 -3.55 -14.81 25.81
N LYS A 818 -3.31 -16.00 26.33
CA LYS A 818 -1.94 -16.48 26.47
C LYS A 818 -1.35 -17.02 25.15
N ASN A 819 -2.11 -17.52 24.18
CA ASN A 819 -1.51 -17.94 22.92
C ASN A 819 -1.36 -16.83 21.89
N ILE A 820 -2.13 -15.74 22.00
CA ILE A 820 -1.97 -14.63 21.06
C ILE A 820 -1.02 -13.58 21.59
N SER A 821 -0.44 -13.78 22.75
CA SER A 821 0.44 -12.77 23.32
C SER A 821 1.87 -12.98 22.84
N ALA A 822 2.65 -11.91 22.91
CA ALA A 822 4.04 -11.93 22.49
C ALA A 822 4.84 -12.82 23.43
N PRO A 823 6.02 -13.28 23.00
CA PRO A 823 6.81 -14.22 23.81
C PRO A 823 7.02 -13.77 25.26
N HIS A 824 7.53 -12.56 25.46
CA HIS A 824 7.83 -12.08 26.80
C HIS A 824 6.72 -11.24 27.40
N GLU A 825 5.65 -10.98 26.67
CA GLU A 825 4.58 -10.13 27.14
C GLU A 825 3.40 -10.96 27.64
N ASP A 826 2.35 -10.26 28.08
CA ASP A 826 1.24 -10.90 28.79
C ASP A 826 -0.12 -10.62 28.17
N TRP A 827 -0.24 -9.58 27.35
CA TRP A 827 -1.45 -9.32 26.58
C TRP A 827 -1.09 -9.14 25.12
N PRO A 828 -2.01 -9.42 24.21
CA PRO A 828 -1.87 -8.90 22.84
C PRO A 828 -2.01 -7.39 22.84
N ARG A 829 -1.35 -6.77 21.87
CA ARG A 829 -1.46 -5.33 21.72
C ARG A 829 -2.75 -4.92 21.02
N TRP A 830 -3.41 -5.85 20.34
CA TRP A 830 -4.68 -5.57 19.67
C TRP A 830 -5.68 -6.65 20.07
N HIS A 831 -6.74 -6.24 20.75
CA HIS A 831 -7.76 -7.15 21.23
C HIS A 831 -9.12 -6.46 21.24
N MET A 832 -10.15 -7.14 21.76
CA MET A 832 -11.48 -6.56 21.85
C MET A 832 -12.07 -6.66 23.25
N HIS A 833 -11.23 -6.69 24.29
CA HIS A 833 -11.74 -6.75 25.65
C HIS A 833 -12.56 -5.52 26.01
N ASP A 834 -12.09 -4.34 25.64
CA ASP A 834 -12.80 -3.10 25.90
C ASP A 834 -13.15 -2.42 24.58
N PHE A 835 -13.92 -1.33 24.68
CA PHE A 835 -14.40 -0.66 23.49
C PHE A 835 -13.27 0.02 22.73
N PHE A 836 -12.30 0.57 23.43
CA PHE A 836 -11.30 1.40 22.76
C PHE A 836 -10.41 0.56 21.86
N HIS A 837 -9.92 -0.57 22.37
CA HIS A 837 -9.08 -1.44 21.55
C HIS A 837 -9.88 -2.08 20.42
N SER A 838 -11.17 -2.35 20.64
CA SER A 838 -12.00 -2.85 19.55
C SER A 838 -12.12 -1.81 18.45
N PHE A 839 -12.31 -0.55 18.82
CA PHE A 839 -12.33 0.53 17.84
C PHE A 839 -10.98 0.62 17.13
N LEU A 840 -9.89 0.41 17.86
CA LEU A 840 -8.57 0.41 17.23
C LEU A 840 -8.45 -0.68 16.19
N ILE A 841 -8.95 -1.89 16.50
CA ILE A 841 -8.91 -2.98 15.53
C ILE A 841 -9.74 -2.61 14.30
N VAL A 842 -10.91 -2.03 14.49
CA VAL A 842 -11.73 -1.64 13.34
C VAL A 842 -11.02 -0.58 12.52
N PHE A 843 -10.38 0.39 13.16
CA PHE A 843 -9.67 1.45 12.44
C PHE A 843 -8.50 0.88 11.65
N ARG A 844 -7.72 -0.01 12.27
CA ARG A 844 -6.62 -0.65 11.57
C ARG A 844 -7.12 -1.50 10.40
N ILE A 845 -8.28 -2.13 10.54
CA ILE A 845 -8.88 -2.84 9.41
C ILE A 845 -9.20 -1.87 8.29
N LEU A 846 -9.77 -0.72 8.62
CA LEU A 846 -10.03 0.31 7.62
C LEU A 846 -8.76 0.85 6.98
N CYS A 847 -7.62 0.79 7.69
CA CYS A 847 -6.34 1.17 7.12
C CYS A 847 -5.72 0.10 6.24
N GLY A 848 -6.33 -1.09 6.18
CA GLY A 848 -5.85 -2.16 5.32
C GLY A 848 -5.05 -3.24 6.00
N GLU A 849 -5.07 -3.33 7.32
CA GLU A 849 -4.33 -4.36 8.07
C GLU A 849 -5.34 -5.20 8.85
N TRP A 850 -5.81 -6.27 8.22
CA TRP A 850 -6.90 -7.06 8.79
C TRP A 850 -6.57 -8.52 9.01
N ILE A 851 -5.52 -9.05 8.36
CA ILE A 851 -5.37 -10.50 8.32
C ILE A 851 -4.63 -11.00 9.55
N GLU A 852 -3.68 -10.20 10.07
CA GLU A 852 -2.94 -10.63 11.26
C GLU A 852 -3.86 -10.67 12.48
N ASN A 853 -4.67 -9.63 12.66
CA ASN A 853 -5.64 -9.65 13.75
C ASN A 853 -6.68 -10.74 13.54
N MET A 854 -6.99 -11.07 12.28
CA MET A 854 -7.90 -12.17 12.00
C MET A 854 -7.29 -13.50 12.45
N TRP A 855 -6.02 -13.72 12.15
CA TRP A 855 -5.31 -14.88 12.69
C TRP A 855 -5.40 -14.94 14.20
N ALA A 856 -5.13 -13.79 14.85
CA ALA A 856 -5.16 -13.77 16.31
C ALA A 856 -6.54 -14.14 16.86
N CYS A 857 -7.59 -13.53 16.32
CA CYS A 857 -8.93 -13.82 16.82
C CYS A 857 -9.33 -15.26 16.53
N MET A 858 -9.04 -15.76 15.32
CA MET A 858 -9.30 -17.16 15.01
C MET A 858 -8.54 -18.10 15.94
N GLU A 859 -7.38 -17.69 16.44
CA GLU A 859 -6.68 -18.45 17.45
C GLU A 859 -7.30 -18.32 18.83
N VAL A 860 -8.01 -17.23 19.11
CA VAL A 860 -8.47 -16.98 20.47
C VAL A 860 -9.94 -17.35 20.63
N GLY A 861 -10.71 -17.27 19.54
CA GLY A 861 -12.14 -17.47 19.63
C GLY A 861 -12.66 -18.51 18.64
N GLN A 862 -13.86 -18.27 18.12
CA GLN A 862 -14.50 -19.19 17.18
C GLN A 862 -14.32 -18.66 15.77
N LYS A 863 -13.92 -19.55 14.85
CA LYS A 863 -13.46 -19.12 13.54
C LYS A 863 -14.57 -18.45 12.74
N SER A 864 -15.80 -18.96 12.84
CA SER A 864 -16.88 -18.47 11.98
C SER A 864 -17.14 -16.99 12.19
N ILE A 865 -17.30 -16.58 13.45
CA ILE A 865 -17.55 -15.17 13.75
C ILE A 865 -16.37 -14.33 13.32
N CYS A 866 -15.15 -14.85 13.48
CA CYS A 866 -13.97 -14.11 13.02
C CYS A 866 -14.04 -13.83 11.53
N LEU A 867 -14.29 -14.86 10.71
CA LEU A 867 -14.39 -14.64 9.28
C LEU A 867 -15.46 -13.62 8.96
N ILE A 868 -16.68 -13.84 9.49
CA ILE A 868 -17.79 -12.95 9.14
C ILE A 868 -17.46 -11.51 9.54
N LEU A 869 -17.02 -11.32 10.79
CA LEU A 869 -16.76 -9.98 11.30
C LEU A 869 -15.68 -9.28 10.49
N PHE A 870 -14.50 -9.90 10.37
CA PHE A 870 -13.37 -9.21 9.75
C PHE A 870 -13.65 -8.94 8.28
N LEU A 871 -14.19 -9.93 7.56
CA LEU A 871 -14.45 -9.73 6.13
C LEU A 871 -15.52 -8.67 5.92
N THR A 872 -16.59 -8.69 6.74
CA THR A 872 -17.65 -7.72 6.57
C THR A 872 -17.16 -6.31 6.87
N VAL A 873 -16.42 -6.14 7.97
CA VAL A 873 -15.86 -4.82 8.27
C VAL A 873 -14.98 -4.35 7.12
N MET A 874 -14.07 -5.22 6.65
CA MET A 874 -13.20 -4.84 5.54
C MET A 874 -14.01 -4.32 4.36
N VAL A 875 -14.89 -5.18 3.81
CA VAL A 875 -15.58 -4.82 2.58
C VAL A 875 -16.44 -3.57 2.79
N LEU A 876 -17.28 -3.57 3.82
CA LEU A 876 -18.21 -2.46 4.00
C LEU A 876 -17.50 -1.15 4.32
N GLY A 877 -16.54 -1.18 5.25
CA GLY A 877 -15.83 0.04 5.59
C GLY A 877 -15.02 0.58 4.43
N ASN A 878 -14.36 -0.31 3.68
CA ASN A 878 -13.61 0.15 2.52
C ASN A 878 -14.53 0.75 1.47
N LEU A 879 -15.70 0.14 1.25
CA LEU A 879 -16.67 0.72 0.34
C LEU A 879 -17.07 2.12 0.78
N VAL A 880 -17.40 2.28 2.07
CA VAL A 880 -17.87 3.59 2.54
C VAL A 880 -16.77 4.63 2.46
N VAL A 881 -15.54 4.27 2.85
CA VAL A 881 -14.44 5.21 2.80
C VAL A 881 -14.13 5.62 1.35
N LEU A 882 -14.15 4.65 0.43
CA LEU A 882 -13.91 4.96 -0.97
C LEU A 882 -15.01 5.87 -1.52
N ASN A 883 -16.27 5.60 -1.15
CA ASN A 883 -17.37 6.46 -1.58
C ASN A 883 -17.19 7.87 -1.05
N LEU A 884 -16.79 8.00 0.22
CA LEU A 884 -16.55 9.33 0.79
C LEU A 884 -15.41 10.05 0.08
N PHE A 885 -14.34 9.32 -0.24
CA PHE A 885 -13.21 9.91 -0.95
C PHE A 885 -13.64 10.44 -2.30
N ILE A 886 -14.38 9.63 -3.07
CA ILE A 886 -14.82 10.07 -4.39
C ILE A 886 -15.81 11.23 -4.27
N ALA A 887 -16.70 11.17 -3.28
CA ALA A 887 -17.67 12.24 -3.08
C ALA A 887 -16.98 13.56 -2.78
N LEU A 888 -15.97 13.53 -1.91
CA LEU A 888 -15.19 14.74 -1.64
C LEU A 888 -14.45 15.21 -2.88
N LEU A 889 -13.87 14.28 -3.64
CA LEU A 889 -13.13 14.65 -4.85
C LEU A 889 -14.02 15.39 -5.84
N LEU A 890 -15.19 14.82 -6.15
CA LEU A 890 -16.02 15.35 -7.22
C LEU A 890 -16.51 16.77 -6.95
N ASN A 891 -17.33 16.95 -5.91
CA ASN A 891 -18.02 18.21 -5.71
C ASN A 891 -17.07 19.36 -5.36
N SER A 892 -16.02 19.07 -4.60
CA SER A 892 -15.13 20.12 -4.13
C SER A 892 -14.30 20.71 -5.27
N PHE A 893 -13.53 19.86 -5.96
CA PHE A 893 -12.62 20.36 -6.99
C PHE A 893 -13.34 20.72 -8.28
N PHE A 894 -14.47 20.08 -8.58
CA PHE A 894 -15.12 20.22 -9.87
C PHE A 894 -16.42 21.01 -9.80
N ALA A 895 -16.54 21.98 -8.90
CA ALA A 895 -17.74 22.79 -8.79
C ALA A 895 -17.66 23.99 -9.74
N ASP A 1136 34.78 27.24 -45.79
CA ASP A 1136 34.46 26.40 -46.92
C ASP A 1136 34.66 24.92 -46.59
N VAL A 1137 35.92 24.54 -46.35
CA VAL A 1137 36.22 23.14 -46.00
C VAL A 1137 35.57 22.78 -44.67
N GLY A 1138 35.66 23.68 -43.69
CA GLY A 1138 34.97 23.46 -42.43
C GLY A 1138 33.48 23.32 -42.63
N TRP A 1139 32.91 24.13 -43.53
CA TRP A 1139 31.47 24.04 -43.78
C TRP A 1139 31.10 22.69 -44.39
N GLN A 1140 31.89 22.19 -45.34
CA GLN A 1140 31.46 20.96 -45.98
C GLN A 1140 31.67 19.77 -45.06
N VAL A 1141 32.72 19.80 -44.23
CA VAL A 1141 32.87 18.72 -43.25
C VAL A 1141 31.75 18.80 -42.21
N ARG A 1142 31.31 20.03 -41.88
CA ARG A 1142 30.12 20.18 -41.04
C ARG A 1142 28.91 19.51 -41.67
N LYS A 1143 28.73 19.72 -42.98
CA LYS A 1143 27.58 19.12 -43.66
C LYS A 1143 27.67 17.60 -43.65
N THR A 1144 28.85 17.04 -43.95
CA THR A 1144 28.99 15.59 -43.91
C THR A 1144 28.75 15.05 -42.51
N CYS A 1145 29.25 15.73 -41.49
CA CYS A 1145 28.99 15.30 -40.12
C CYS A 1145 27.50 15.32 -39.81
N TYR A 1146 26.79 16.34 -40.30
CA TYR A 1146 25.34 16.38 -40.14
C TYR A 1146 24.69 15.18 -40.83
N ARG A 1147 25.20 14.79 -41.99
CA ARG A 1147 24.71 13.57 -42.64
C ARG A 1147 24.94 12.35 -41.76
N ILE A 1148 26.10 12.27 -41.12
CA ILE A 1148 26.43 11.11 -40.30
C ILE A 1148 25.50 11.04 -39.09
N VAL A 1149 25.34 12.14 -38.37
CA VAL A 1149 24.62 12.10 -37.10
C VAL A 1149 23.15 11.78 -37.26
N GLU A 1150 22.55 12.10 -38.40
CA GLU A 1150 21.13 11.83 -38.63
C GLU A 1150 20.89 10.53 -39.37
N HIS A 1151 21.95 9.78 -39.67
CA HIS A 1151 21.78 8.50 -40.34
C HIS A 1151 21.28 7.45 -39.34
N SER A 1152 20.34 6.63 -39.81
CA SER A 1152 19.65 5.69 -38.92
C SER A 1152 20.59 4.68 -38.31
N TRP A 1153 21.55 4.16 -39.09
CA TRP A 1153 22.47 3.16 -38.56
C TRP A 1153 23.30 3.73 -37.42
N PHE A 1154 23.69 5.00 -37.51
CA PHE A 1154 24.42 5.63 -36.42
C PHE A 1154 23.58 5.69 -35.15
N GLU A 1155 22.31 6.06 -35.28
CA GLU A 1155 21.42 6.10 -34.13
C GLU A 1155 21.26 4.72 -33.51
N SER A 1156 21.09 3.70 -34.35
CA SER A 1156 20.97 2.33 -33.84
C SER A 1156 22.24 1.89 -33.12
N PHE A 1157 23.41 2.22 -33.69
CA PHE A 1157 24.67 1.93 -33.04
C PHE A 1157 24.76 2.59 -31.68
N ILE A 1158 24.38 3.86 -31.60
CA ILE A 1158 24.47 4.58 -30.34
C ILE A 1158 23.53 3.97 -29.31
N ILE A 1159 22.31 3.62 -29.72
CA ILE A 1159 21.36 2.99 -28.79
C ILE A 1159 21.92 1.66 -28.28
N PHE A 1160 22.52 0.88 -29.18
CA PHE A 1160 23.13 -0.39 -28.79
C PHE A 1160 24.26 -0.15 -27.78
N MET A 1161 25.06 0.90 -27.99
CA MET A 1161 26.12 1.23 -27.05
C MET A 1161 25.56 1.59 -25.69
N ILE A 1162 24.47 2.37 -25.65
CA ILE A 1162 23.86 2.70 -24.37
C ILE A 1162 23.36 1.45 -23.67
N LEU A 1163 22.71 0.54 -24.42
CA LEU A 1163 22.19 -0.68 -23.81
C LEU A 1163 23.32 -1.50 -23.21
N LEU A 1164 24.42 -1.68 -23.95
CA LEU A 1164 25.54 -2.46 -23.42
C LEU A 1164 26.19 -1.77 -22.22
N SER A 1165 26.38 -0.45 -22.28
CA SER A 1165 26.99 0.25 -21.17
C SER A 1165 26.14 0.17 -19.92
N SER A 1166 24.81 0.26 -20.07
CA SER A 1166 23.92 0.11 -18.93
C SER A 1166 23.96 -1.30 -18.38
N GLY A 1167 23.91 -2.31 -19.25
CA GLY A 1167 23.95 -3.68 -18.79
C GLY A 1167 25.24 -4.04 -18.08
N SER A 1168 26.35 -3.45 -18.50
CA SER A 1168 27.63 -3.76 -17.85
C SER A 1168 27.64 -3.31 -16.39
N LEU A 1169 26.74 -2.41 -16.01
CA LEU A 1169 26.68 -1.97 -14.62
C LEU A 1169 26.14 -3.07 -13.72
N ALA A 1170 25.30 -3.95 -14.26
CA ALA A 1170 24.66 -4.99 -13.47
C ALA A 1170 25.62 -6.11 -13.11
N PHE A 1171 26.91 -5.93 -13.40
CA PHE A 1171 27.91 -6.92 -13.08
C PHE A 1171 28.85 -6.49 -11.95
N GLU A 1172 28.81 -5.22 -11.55
CA GLU A 1172 29.64 -4.74 -10.45
C GLU A 1172 28.91 -4.98 -9.13
N ASP A 1173 28.94 -6.24 -8.71
CA ASP A 1173 28.26 -6.70 -7.52
C ASP A 1173 29.26 -7.03 -6.42
N TYR A 1174 28.77 -7.60 -5.32
CA TYR A 1174 29.61 -7.93 -4.18
C TYR A 1174 30.74 -8.89 -4.53
N TYR A 1175 30.52 -9.80 -5.48
CA TYR A 1175 31.49 -10.85 -5.79
C TYR A 1175 32.41 -10.49 -6.96
N LEU A 1176 32.31 -9.27 -7.49
CA LEU A 1176 33.17 -8.90 -8.61
C LEU A 1176 34.64 -8.99 -8.26
N ASP A 1177 35.00 -8.67 -7.01
CA ASP A 1177 36.40 -8.81 -6.60
C ASP A 1177 36.86 -10.26 -6.66
N GLN A 1178 35.99 -11.21 -6.31
CA GLN A 1178 36.33 -12.63 -6.38
C GLN A 1178 36.47 -13.15 -7.79
N LYS A 1179 36.02 -12.39 -8.79
CA LYS A 1179 36.16 -12.78 -10.18
C LYS A 1179 37.17 -11.86 -10.86
N PRO A 1180 38.41 -12.32 -11.07
CA PRO A 1180 39.47 -11.39 -11.50
C PRO A 1180 39.39 -10.98 -12.96
N THR A 1181 39.02 -11.90 -13.85
CA THR A 1181 39.08 -11.61 -15.28
C THR A 1181 37.98 -10.63 -15.72
N VAL A 1182 36.76 -10.84 -15.26
CA VAL A 1182 35.66 -9.98 -15.70
C VAL A 1182 35.86 -8.56 -15.18
N LYS A 1183 36.60 -8.40 -14.09
CA LYS A 1183 36.88 -7.05 -13.61
C LYS A 1183 37.68 -6.26 -14.65
N ALA A 1184 38.78 -6.85 -15.14
CA ALA A 1184 39.57 -6.19 -16.18
C ALA A 1184 38.77 -6.06 -17.47
N LEU A 1185 37.96 -7.06 -17.79
CA LEU A 1185 37.10 -6.97 -18.97
C LEU A 1185 36.18 -5.75 -18.89
N LEU A 1186 35.51 -5.57 -17.76
CA LEU A 1186 34.63 -4.41 -17.59
C LEU A 1186 35.41 -3.12 -17.58
N GLU A 1187 36.65 -3.15 -17.05
CA GLU A 1187 37.51 -1.98 -17.10
C GLU A 1187 37.74 -1.53 -18.54
N TYR A 1188 38.22 -2.45 -19.38
CA TYR A 1188 38.50 -2.08 -20.77
C TYR A 1188 37.22 -1.68 -21.49
N THR A 1189 36.11 -2.38 -21.22
CA THR A 1189 34.87 -2.02 -21.89
C THR A 1189 34.40 -0.62 -21.50
N ASP A 1190 34.43 -0.26 -20.21
CA ASP A 1190 33.92 1.05 -19.85
C ASP A 1190 34.81 2.15 -20.41
N ARG A 1191 36.12 1.87 -20.50
CA ARG A 1191 37.01 2.84 -21.16
C ARG A 1191 36.61 3.03 -22.63
N VAL A 1192 36.36 1.94 -23.34
CA VAL A 1192 36.03 2.10 -24.75
C VAL A 1192 34.66 2.78 -24.91
N PHE A 1193 33.70 2.49 -24.03
CA PHE A 1193 32.42 3.19 -24.12
C PHE A 1193 32.57 4.68 -23.85
N THR A 1194 33.35 5.07 -22.83
CA THR A 1194 33.45 6.50 -22.56
C THR A 1194 34.17 7.22 -23.69
N PHE A 1195 35.16 6.56 -24.31
CA PHE A 1195 35.76 7.15 -25.51
C PHE A 1195 34.74 7.28 -26.63
N ILE A 1196 33.89 6.27 -26.79
CA ILE A 1196 32.87 6.30 -27.85
C ILE A 1196 31.92 7.47 -27.64
N PHE A 1197 31.48 7.68 -26.40
CA PHE A 1197 30.55 8.77 -26.14
C PHE A 1197 31.22 10.13 -26.22
N VAL A 1198 32.50 10.23 -25.88
CA VAL A 1198 33.22 11.48 -26.14
C VAL A 1198 33.24 11.78 -27.63
N PHE A 1199 33.54 10.77 -28.43
CA PHE A 1199 33.55 10.94 -29.89
C PHE A 1199 32.17 11.38 -30.39
N GLU A 1200 31.11 10.74 -29.89
CA GLU A 1200 29.75 11.06 -30.29
C GLU A 1200 29.38 12.50 -29.92
N MET A 1201 29.80 12.93 -28.73
CA MET A 1201 29.57 14.31 -28.33
C MET A 1201 30.29 15.27 -29.26
N LEU A 1202 31.52 14.92 -29.67
CA LEU A 1202 32.23 15.77 -30.62
C LEU A 1202 31.52 15.86 -31.96
N LEU A 1203 30.99 14.73 -32.46
CA LEU A 1203 30.21 14.79 -33.69
C LEU A 1203 28.99 15.68 -33.55
N LYS A 1204 28.26 15.57 -32.43
CA LYS A 1204 27.13 16.48 -32.28
C LYS A 1204 27.57 17.95 -32.17
N TRP A 1205 28.67 18.22 -31.49
CA TRP A 1205 29.21 19.58 -31.44
C TRP A 1205 29.54 20.12 -32.82
N VAL A 1206 30.19 19.32 -33.67
CA VAL A 1206 30.61 19.79 -34.98
C VAL A 1206 29.46 19.82 -35.99
N ALA A 1207 28.40 19.04 -35.78
CA ALA A 1207 27.30 19.00 -36.75
C ALA A 1207 26.19 19.97 -36.34
N TYR A 1208 25.62 19.78 -35.15
CA TYR A 1208 24.49 20.59 -34.73
C TYR A 1208 24.89 22.05 -34.53
N GLY A 1209 26.06 22.28 -33.99
CA GLY A 1209 26.49 23.64 -33.69
C GLY A 1209 26.32 23.98 -32.22
N PHE A 1210 27.26 24.72 -31.65
CA PHE A 1210 27.24 24.94 -30.19
C PHE A 1210 25.96 25.50 -29.54
N LYS A 1211 25.39 26.57 -30.07
CA LYS A 1211 24.25 27.18 -29.38
C LYS A 1211 23.06 26.24 -29.22
N LYS A 1212 22.69 25.54 -30.29
CA LYS A 1212 21.54 24.64 -30.22
C LYS A 1212 21.84 23.46 -29.28
N TYR A 1213 23.08 22.98 -29.28
CA TYR A 1213 23.45 21.83 -28.46
C TYR A 1213 23.25 22.13 -26.97
N PHE A 1214 23.62 23.33 -26.54
CA PHE A 1214 23.49 23.69 -25.13
C PHE A 1214 22.10 24.21 -24.77
N THR A 1215 21.21 24.27 -25.76
CA THR A 1215 19.83 24.65 -25.46
C THR A 1215 18.89 23.51 -25.86
N ASN A 1216 19.16 22.28 -25.41
CA ASN A 1216 18.33 21.18 -25.87
C ASN A 1216 17.63 20.45 -24.73
N ALA A 1217 18.12 20.53 -23.49
CA ALA A 1217 17.57 19.88 -22.31
C ALA A 1217 17.76 18.36 -22.36
N TRP A 1218 18.32 17.84 -23.46
CA TRP A 1218 18.73 16.44 -23.51
C TRP A 1218 20.23 16.30 -23.70
N CYS A 1219 20.78 16.98 -24.69
CA CYS A 1219 22.22 17.05 -24.87
C CYS A 1219 22.93 17.54 -23.62
N TRP A 1220 22.26 18.37 -22.84
CA TRP A 1220 22.77 18.81 -21.55
C TRP A 1220 22.94 17.62 -20.60
N LEU A 1221 21.98 16.70 -20.61
CA LEU A 1221 22.04 15.53 -19.74
C LEU A 1221 23.14 14.57 -20.19
N ASP A 1222 23.20 14.29 -21.50
CA ASP A 1222 24.28 13.42 -21.99
C ASP A 1222 25.65 14.04 -21.73
N PHE A 1223 25.76 15.35 -21.91
CA PHE A 1223 27.03 16.03 -21.70
C PHE A 1223 27.46 15.94 -20.25
N LEU A 1224 26.51 16.09 -19.32
CA LEU A 1224 26.82 15.93 -17.91
C LEU A 1224 27.28 14.52 -17.60
N ILE A 1225 26.61 13.51 -18.16
CA ILE A 1225 27.00 12.12 -17.89
C ILE A 1225 28.41 11.86 -18.39
N VAL A 1226 28.72 12.30 -19.60
CA VAL A 1226 30.07 12.04 -20.13
C VAL A 1226 31.09 12.86 -19.36
N ASN A 1227 30.69 14.02 -18.82
CA ASN A 1227 31.59 14.75 -17.92
C ASN A 1227 31.94 13.93 -16.69
N ILE A 1228 30.93 13.33 -16.05
CA ILE A 1228 31.22 12.50 -14.87
C ILE A 1228 32.14 11.35 -15.25
N SER A 1229 31.84 10.70 -16.38
CA SER A 1229 32.68 9.59 -16.83
C SER A 1229 34.12 10.03 -17.05
N LEU A 1230 34.31 11.18 -17.70
CA LEU A 1230 35.66 11.66 -17.98
C LEU A 1230 36.40 12.05 -16.72
N ILE A 1231 35.74 12.75 -15.78
CA ILE A 1231 36.41 13.11 -14.53
C ILE A 1231 36.83 11.85 -13.78
N SER A 1232 35.94 10.86 -13.71
CA SER A 1232 36.30 9.61 -13.04
C SER A 1232 37.49 8.95 -13.72
N LEU A 1233 37.48 8.94 -15.05
CA LEU A 1233 38.56 8.29 -15.80
C LEU A 1233 39.90 8.98 -15.57
N THR A 1234 39.95 10.31 -15.68
CA THR A 1234 41.22 11.00 -15.45
C THR A 1234 41.69 10.84 -14.01
N ALA A 1235 40.78 10.96 -13.04
CA ALA A 1235 41.19 10.81 -11.66
C ALA A 1235 41.61 9.40 -11.30
N LYS A 1236 41.21 8.43 -12.13
CA LYS A 1236 41.62 7.04 -11.87
C LYS A 1236 42.92 6.76 -12.60
N ILE A 1237 43.15 7.39 -13.74
CA ILE A 1237 44.44 7.29 -14.40
C ILE A 1237 45.52 7.93 -13.53
N LEU A 1238 45.14 9.07 -12.95
CA LEU A 1238 45.82 9.74 -11.83
C LEU A 1238 45.48 9.03 -10.51
N GLU A 1239 46.25 9.31 -9.46
CA GLU A 1239 46.17 8.50 -8.24
C GLU A 1239 45.29 9.23 -7.23
N TYR A 1240 44.18 9.78 -7.70
CA TYR A 1240 43.21 10.47 -6.84
C TYR A 1240 41.88 9.74 -6.81
N SER A 1241 41.89 8.41 -6.86
CA SER A 1241 40.65 7.67 -6.97
C SER A 1241 40.04 7.28 -5.64
N GLU A 1242 40.73 7.51 -4.52
CA GLU A 1242 40.19 7.20 -3.20
C GLU A 1242 39.77 8.42 -2.40
N VAL A 1243 40.09 9.63 -2.86
CA VAL A 1243 39.63 10.82 -2.17
C VAL A 1243 38.11 10.90 -2.31
N ALA A 1244 37.43 11.25 -1.22
CA ALA A 1244 35.98 11.10 -1.15
C ALA A 1244 35.19 11.79 -2.26
N PRO A 1245 35.47 13.04 -2.63
CA PRO A 1245 34.68 13.66 -3.72
C PRO A 1245 34.70 12.86 -5.01
N ILE A 1246 35.85 12.32 -5.40
CA ILE A 1246 35.91 11.44 -6.57
C ILE A 1246 35.24 10.11 -6.27
N LYS A 1247 35.44 9.58 -5.07
CA LYS A 1247 34.76 8.35 -4.68
C LYS A 1247 33.25 8.51 -4.64
N ALA A 1248 32.74 9.72 -4.40
CA ALA A 1248 31.32 9.98 -4.47
C ALA A 1248 30.82 10.24 -5.88
N LEU A 1249 31.67 10.72 -6.78
CA LEU A 1249 31.30 10.82 -8.19
C LEU A 1249 31.33 9.47 -8.88
N ARG A 1250 32.17 8.55 -8.41
CA ARG A 1250 32.15 7.20 -8.95
C ARG A 1250 30.81 6.52 -8.75
N THR A 1251 30.12 6.80 -7.64
CA THR A 1251 28.78 6.27 -7.43
C THR A 1251 27.75 6.86 -8.37
N LEU A 1252 28.07 7.95 -9.06
CA LEU A 1252 27.09 8.61 -9.92
C LEU A 1252 27.03 7.97 -11.30
N ARG A 1253 27.77 6.88 -11.48
CA ARG A 1253 27.73 6.15 -12.76
C ARG A 1253 26.35 5.52 -12.94
N ALA A 1254 25.63 5.28 -11.84
CA ALA A 1254 24.27 4.75 -11.92
C ALA A 1254 23.34 5.60 -12.79
N LEU A 1255 23.77 6.82 -13.13
CA LEU A 1255 22.96 7.68 -13.98
C LEU A 1255 23.22 7.45 -15.46
N ARG A 1256 24.13 6.54 -15.82
CA ARG A 1256 24.38 6.21 -17.22
C ARG A 1256 23.10 5.76 -17.94
N PRO A 1257 22.27 4.89 -17.37
CA PRO A 1257 21.03 4.50 -18.05
C PRO A 1257 20.09 5.66 -18.34
N LEU A 1258 20.28 6.82 -17.72
CA LEU A 1258 19.45 7.98 -18.00
C LEU A 1258 19.66 8.53 -19.41
N ARG A 1259 20.53 7.90 -20.20
CA ARG A 1259 20.73 8.30 -21.59
C ARG A 1259 19.73 7.66 -22.54
N ALA A 1260 18.89 6.76 -22.06
CA ALA A 1260 17.98 6.02 -22.93
C ALA A 1260 16.68 6.76 -23.21
N LEU A 1261 16.23 7.62 -22.30
CA LEU A 1261 14.92 8.25 -22.44
C LEU A 1261 14.83 9.13 -23.68
N SER A 1262 15.91 9.80 -24.04
CA SER A 1262 15.89 10.63 -25.23
C SER A 1262 15.88 9.79 -26.50
N ARG A 1263 16.13 8.49 -26.40
CA ARG A 1263 16.18 7.64 -27.59
C ARG A 1263 14.81 7.04 -27.89
N PHE A 1264 14.21 6.35 -26.94
CA PHE A 1264 12.91 5.72 -27.14
C PHE A 1264 11.81 6.73 -26.87
N GLU A 1265 10.94 6.93 -27.86
CA GLU A 1265 9.92 7.98 -27.83
C GLU A 1265 8.86 7.78 -26.76
N GLY A 1266 8.54 6.54 -26.37
CA GLY A 1266 7.53 6.33 -25.36
C GLY A 1266 7.93 6.90 -24.01
N MET A 1267 9.17 6.62 -23.60
CA MET A 1267 9.66 7.19 -22.37
C MET A 1267 9.79 8.70 -22.48
N ARG A 1268 10.11 9.22 -23.66
CA ARG A 1268 10.13 10.67 -23.85
C ARG A 1268 8.76 11.27 -23.60
N VAL A 1269 7.72 10.63 -24.14
CA VAL A 1269 6.36 11.13 -23.95
C VAL A 1269 5.97 11.09 -22.47
N VAL A 1270 6.30 9.99 -21.80
CA VAL A 1270 5.94 9.85 -20.38
C VAL A 1270 6.67 10.89 -19.54
N VAL A 1271 7.95 11.12 -19.83
CA VAL A 1271 8.72 12.12 -19.10
C VAL A 1271 8.16 13.52 -19.35
N ASP A 1272 7.75 13.80 -20.58
CA ASP A 1272 7.13 15.09 -20.86
C ASP A 1272 5.83 15.25 -20.07
N ALA A 1273 5.04 14.18 -19.97
CA ALA A 1273 3.82 14.24 -19.19
C ALA A 1273 4.10 14.51 -17.72
N LEU A 1274 5.13 13.87 -17.16
CA LEU A 1274 5.51 14.15 -15.78
C LEU A 1274 6.00 15.58 -15.58
N VAL A 1275 6.82 16.08 -16.49
CA VAL A 1275 7.35 17.43 -16.37
C VAL A 1275 6.23 18.45 -16.47
N GLY A 1276 5.27 18.22 -17.34
CA GLY A 1276 4.13 19.12 -17.44
C GLY A 1276 3.30 19.21 -16.18
N ALA A 1277 3.34 18.17 -15.34
CA ALA A 1277 2.53 18.15 -14.12
C ALA A 1277 3.34 18.54 -12.90
N ILE A 1278 4.66 18.57 -12.99
CA ILE A 1278 5.53 18.93 -11.87
C ILE A 1278 5.13 20.22 -11.15
N PRO A 1279 4.81 21.34 -11.85
CA PRO A 1279 4.59 22.60 -11.13
C PRO A 1279 3.50 22.57 -10.07
N SER A 1280 2.33 22.01 -10.38
CA SER A 1280 1.26 21.92 -9.39
C SER A 1280 1.60 20.97 -8.26
N ILE A 1281 2.33 19.90 -8.59
CA ILE A 1281 2.86 19.00 -7.56
C ILE A 1281 3.73 19.77 -6.58
N MET A 1282 4.50 20.75 -7.06
CA MET A 1282 5.31 21.55 -6.14
C MET A 1282 4.43 22.31 -5.15
N ASN A 1283 3.36 22.94 -5.63
CA ASN A 1283 2.48 23.70 -4.75
C ASN A 1283 1.83 22.81 -3.70
N VAL A 1284 1.23 21.70 -4.12
CA VAL A 1284 0.57 20.83 -3.15
C VAL A 1284 1.58 20.19 -2.23
N LEU A 1285 2.79 19.92 -2.73
CA LEU A 1285 3.84 19.45 -1.86
C LEU A 1285 4.14 20.45 -0.76
N LEU A 1286 4.22 21.73 -1.11
CA LEU A 1286 4.43 22.76 -0.10
C LEU A 1286 3.31 22.76 0.93
N VAL A 1287 2.06 22.63 0.47
CA VAL A 1287 0.93 22.62 1.40
C VAL A 1287 1.02 21.44 2.36
N CYS A 1288 1.31 20.25 1.84
CA CYS A 1288 1.44 19.09 2.71
C CYS A 1288 2.63 19.22 3.66
N LEU A 1289 3.73 19.81 3.20
CA LEU A 1289 4.84 20.04 4.13
C LEU A 1289 4.44 20.96 5.27
N ILE A 1290 3.66 21.99 4.98
CA ILE A 1290 3.20 22.88 6.06
C ILE A 1290 2.32 22.11 7.05
N PHE A 1291 1.34 21.37 6.53
CA PHE A 1291 0.40 20.68 7.41
C PHE A 1291 1.12 19.62 8.25
N TRP A 1292 1.99 18.84 7.60
CA TRP A 1292 2.77 17.85 8.32
C TRP A 1292 3.78 18.49 9.24
N LEU A 1293 4.19 19.73 8.96
CA LEU A 1293 5.02 20.47 9.91
C LEU A 1293 4.26 20.74 11.19
N ILE A 1294 3.00 21.15 11.07
CA ILE A 1294 2.17 21.33 12.25
C ILE A 1294 2.08 20.03 13.04
N PHE A 1295 1.77 18.93 12.35
CA PHE A 1295 1.62 17.65 13.06
C PHE A 1295 2.95 17.18 13.65
N SER A 1296 4.06 17.41 12.95
CA SER A 1296 5.36 16.99 13.46
C SER A 1296 5.80 17.83 14.64
N ILE A 1297 5.45 19.12 14.66
CA ILE A 1297 5.73 19.93 15.83
C ILE A 1297 4.94 19.42 17.03
N MET A 1298 3.67 19.09 16.82
CA MET A 1298 2.90 18.49 17.91
C MET A 1298 3.53 17.18 18.38
N GLY A 1299 3.99 16.36 17.43
CA GLY A 1299 4.63 15.11 17.79
C GLY A 1299 5.92 15.29 18.58
N VAL A 1300 6.74 16.27 18.20
CA VAL A 1300 7.93 16.58 18.98
C VAL A 1300 7.56 17.05 20.37
N ASN A 1301 6.52 17.87 20.49
CA ASN A 1301 6.08 18.30 21.82
C ASN A 1301 5.66 17.11 22.66
N LEU A 1302 4.96 16.15 22.06
CA LEU A 1302 4.44 15.01 22.81
C LEU A 1302 5.52 13.98 23.16
N PHE A 1303 6.43 13.69 22.24
CA PHE A 1303 7.17 12.43 22.27
C PHE A 1303 8.68 12.58 22.37
N ALA A 1304 9.22 13.78 22.18
CA ALA A 1304 10.66 13.95 21.97
C ALA A 1304 11.46 13.39 23.13
N GLY A 1305 12.49 12.62 22.82
CA GLY A 1305 13.41 12.11 23.81
C GLY A 1305 12.86 11.01 24.69
N LYS A 1306 11.67 10.50 24.35
CA LYS A 1306 10.99 9.51 25.19
C LYS A 1306 10.94 8.06 24.67
N PHE A 1307 11.62 7.79 23.55
CA PHE A 1307 11.58 6.47 22.95
C PHE A 1307 12.76 5.60 23.34
N TRP A 1308 13.64 6.08 24.20
CA TRP A 1308 14.80 5.31 24.62
C TRP A 1308 14.39 4.16 25.54
N ARG A 1309 15.03 3.01 25.37
CA ARG A 1309 14.76 1.82 26.16
C ARG A 1309 16.08 1.17 26.55
N CYS A 1310 15.96 0.03 27.24
CA CYS A 1310 17.09 -0.86 27.47
C CYS A 1310 16.74 -2.27 27.04
N ILE A 1311 17.69 -2.93 26.40
CA ILE A 1311 17.46 -4.23 25.79
C ILE A 1311 18.55 -5.19 26.26
N ASN A 1312 18.19 -6.46 26.34
CA ASN A 1312 19.13 -7.55 26.58
C ASN A 1312 19.55 -8.13 25.23
N TYR A 1313 20.66 -7.62 24.69
CA TYR A 1313 21.18 -8.08 23.41
C TYR A 1313 22.24 -9.15 23.67
N THR A 1314 21.99 -10.36 23.18
CA THR A 1314 22.96 -11.44 23.36
C THR A 1314 23.54 -11.89 22.02
N ASP A 1315 22.68 -12.37 21.12
CA ASP A 1315 23.14 -12.78 19.79
C ASP A 1315 21.98 -12.61 18.80
N GLY A 1316 21.97 -11.45 18.13
CA GLY A 1316 20.92 -11.14 17.17
C GLY A 1316 19.54 -11.00 17.75
N GLU A 1317 19.34 -11.32 19.03
CA GLU A 1317 18.06 -11.24 19.70
C GLU A 1317 18.14 -10.28 20.87
N PHE A 1318 17.19 -9.37 20.97
CA PHE A 1318 17.06 -8.49 22.12
C PHE A 1318 15.69 -8.65 22.75
N SER A 1319 15.59 -8.27 24.02
CA SER A 1319 14.35 -8.40 24.76
C SER A 1319 14.20 -7.21 25.67
N LEU A 1320 13.03 -6.56 25.62
CA LEU A 1320 12.78 -5.41 26.47
C LEU A 1320 12.93 -5.80 27.92
N VAL A 1321 13.89 -5.17 28.60
CA VAL A 1321 14.21 -5.57 29.97
C VAL A 1321 13.02 -5.29 30.88
N PRO A 1322 12.61 -6.23 31.73
CA PRO A 1322 11.41 -6.02 32.55
C PRO A 1322 11.59 -4.84 33.51
N LEU A 1323 10.48 -4.19 33.81
CA LEU A 1323 10.45 -3.03 34.70
C LEU A 1323 10.77 -3.37 36.13
N SER A 1324 10.83 -4.66 36.47
CA SER A 1324 11.23 -5.08 37.80
C SER A 1324 12.72 -4.97 38.04
N ILE A 1325 13.50 -4.63 37.01
CA ILE A 1325 14.95 -4.53 37.14
C ILE A 1325 15.43 -3.09 37.07
N VAL A 1326 15.15 -2.43 35.96
CA VAL A 1326 15.68 -1.08 35.78
C VAL A 1326 14.65 0.03 36.03
N ASN A 1327 13.79 0.35 35.06
CA ASN A 1327 12.79 1.43 35.18
C ASN A 1327 13.58 2.71 34.98
N ASN A 1328 14.90 2.63 34.77
CA ASN A 1328 15.76 3.80 34.72
C ASN A 1328 16.89 3.71 33.73
N LYS A 1329 17.49 4.85 33.38
CA LYS A 1329 18.68 4.84 32.56
C LYS A 1329 19.83 4.59 33.50
N SER A 1330 19.71 5.09 34.73
CA SER A 1330 20.77 4.96 35.71
C SER A 1330 20.92 3.51 36.09
N ASP A 1331 19.82 2.85 36.40
CA ASP A 1331 19.87 1.44 36.77
C ASP A 1331 20.39 0.58 35.62
N CYS A 1332 20.00 0.91 34.40
CA CYS A 1332 20.49 0.16 33.26
C CYS A 1332 22.02 0.25 33.32
N LYS A 1333 22.59 1.36 33.82
CA LYS A 1333 24.03 1.43 34.06
C LYS A 1333 24.50 0.42 35.12
N ILE A 1334 23.83 0.35 36.27
CA ILE A 1334 24.35 -0.53 37.34
C ILE A 1334 24.17 -2.01 36.99
N GLN A 1335 23.01 -2.43 36.50
CA GLN A 1335 22.74 -3.83 36.21
C GLN A 1335 23.32 -4.25 34.86
N ASN A 1336 24.32 -3.52 34.38
CA ASN A 1336 25.13 -3.95 33.25
C ASN A 1336 26.23 -4.92 33.70
N SER A 1337 25.83 -5.96 34.43
CA SER A 1337 26.82 -6.88 34.98
C SER A 1337 27.36 -7.84 33.94
N THR A 1338 26.52 -8.26 32.99
CA THR A 1338 26.90 -9.24 31.98
C THR A 1338 27.39 -8.58 30.70
N GLY A 1339 27.43 -7.26 30.68
CA GLY A 1339 27.84 -6.53 29.49
C GLY A 1339 26.93 -6.76 28.30
N SER A 1340 25.63 -6.84 28.56
CA SER A 1340 24.64 -7.02 27.51
C SER A 1340 23.51 -6.01 27.57
N PHE A 1341 23.58 -5.02 28.44
CA PHE A 1341 22.55 -4.00 28.56
C PHE A 1341 22.92 -2.82 27.68
N PHE A 1342 21.93 -2.21 27.04
CA PHE A 1342 22.17 -1.12 26.11
C PHE A 1342 21.01 -0.12 26.16
N TRP A 1343 21.34 1.15 26.40
CA TRP A 1343 20.35 2.21 26.39
C TRP A 1343 20.21 2.71 24.96
N VAL A 1344 19.27 2.13 24.23
CA VAL A 1344 19.12 2.39 22.80
C VAL A 1344 17.84 3.18 22.57
N ASN A 1345 17.64 3.58 21.33
CA ASN A 1345 16.53 4.45 20.96
C ASN A 1345 15.85 3.87 19.71
N VAL A 1346 14.56 4.17 19.57
CA VAL A 1346 13.82 3.67 18.41
C VAL A 1346 14.31 4.34 17.15
N LYS A 1347 14.61 3.52 16.14
CA LYS A 1347 15.34 4.00 14.96
C LYS A 1347 14.61 5.14 14.26
N VAL A 1348 13.29 5.07 14.15
CA VAL A 1348 12.50 6.16 13.58
C VAL A 1348 11.72 6.76 14.75
N ASN A 1349 12.22 7.88 15.26
CA ASN A 1349 11.73 8.50 16.48
C ASN A 1349 11.20 9.90 16.19
N PHE A 1350 10.89 10.62 17.26
CA PHE A 1350 10.29 11.95 17.22
C PHE A 1350 11.14 12.97 17.98
N ASP A 1351 12.45 12.93 17.76
CA ASP A 1351 13.35 13.83 18.46
C ASP A 1351 13.53 15.17 17.75
N ASN A 1352 13.37 15.22 16.44
CA ASN A 1352 13.47 16.45 15.68
C ASN A 1352 12.23 16.60 14.83
N VAL A 1353 12.06 17.78 14.23
CA VAL A 1353 11.04 17.94 13.20
C VAL A 1353 11.37 17.15 11.95
N ALA A 1354 12.65 17.08 11.58
CA ALA A 1354 13.08 16.28 10.44
C ALA A 1354 12.79 14.80 10.65
N MET A 1355 13.22 14.23 11.77
CA MET A 1355 12.86 12.86 12.11
C MET A 1355 11.35 12.69 12.26
N GLY A 1356 10.65 13.72 12.74
CA GLY A 1356 9.21 13.68 12.74
C GLY A 1356 8.60 13.51 11.38
N TYR A 1357 9.18 14.15 10.35
CA TYR A 1357 8.70 13.92 8.99
C TYR A 1357 8.85 12.47 8.57
N LEU A 1358 9.97 11.83 8.90
CA LEU A 1358 10.14 10.42 8.61
C LEU A 1358 9.10 9.58 9.32
N ALA A 1359 8.84 9.88 10.60
CA ALA A 1359 7.85 9.13 11.36
C ALA A 1359 6.46 9.28 10.76
N LEU A 1360 6.09 10.50 10.36
CA LEU A 1360 4.80 10.71 9.73
C LEU A 1360 4.72 10.04 8.37
N LEU A 1361 5.82 9.98 7.63
CA LEU A 1361 5.81 9.26 6.37
C LEU A 1361 5.57 7.78 6.60
N GLN A 1362 6.25 7.20 7.58
CA GLN A 1362 6.04 5.79 7.90
C GLN A 1362 4.61 5.54 8.36
N VAL A 1363 4.04 6.46 9.14
CA VAL A 1363 2.68 6.27 9.64
C VAL A 1363 1.67 6.40 8.51
N ALA A 1364 1.81 7.42 7.66
CA ALA A 1364 0.85 7.65 6.59
C ALA A 1364 0.91 6.55 5.54
N THR A 1365 2.11 6.01 5.30
CA THR A 1365 2.22 4.91 4.35
C THR A 1365 1.81 3.59 4.98
N PHE A 1366 1.61 3.58 6.30
CA PHE A 1366 1.17 2.44 7.11
C PHE A 1366 2.24 1.37 7.21
N LYS A 1367 3.49 1.67 6.86
CA LYS A 1367 4.59 0.74 7.00
C LYS A 1367 5.50 1.20 8.13
N GLY A 1368 5.76 0.31 9.09
CA GLY A 1368 6.67 0.62 10.16
C GLY A 1368 6.04 1.43 11.27
N TRP A 1369 4.79 1.82 11.06
CA TRP A 1369 4.08 2.66 12.01
C TRP A 1369 3.79 1.90 13.30
N MET A 1370 3.85 0.57 13.23
CA MET A 1370 3.54 -0.26 14.39
C MET A 1370 4.50 0.03 15.54
N ASP A 1371 5.81 0.05 15.25
CA ASP A 1371 6.79 0.29 16.30
C ASP A 1371 6.66 1.70 16.86
N ILE A 1372 6.32 2.66 16.00
CA ILE A 1372 6.12 4.03 16.46
C ILE A 1372 4.94 4.11 17.43
N MET A 1373 3.81 3.52 17.03
CA MET A 1373 2.65 3.45 17.91
C MET A 1373 3.00 2.79 19.24
N TYR A 1374 3.72 1.67 19.19
CA TYR A 1374 4.06 0.93 20.41
C TYR A 1374 4.92 1.76 21.34
N ALA A 1375 5.97 2.38 20.82
CA ALA A 1375 6.84 3.21 21.63
C ALA A 1375 6.11 4.43 22.16
N ALA A 1376 5.17 4.96 21.38
CA ALA A 1376 4.40 6.12 21.82
C ALA A 1376 3.50 5.76 23.00
N VAL A 1377 2.74 4.67 22.88
CA VAL A 1377 1.80 4.31 23.93
C VAL A 1377 2.51 3.75 25.15
N ASP A 1378 3.73 3.22 24.99
CA ASP A 1378 4.51 2.74 26.12
C ASP A 1378 5.30 3.84 26.80
N SER A 1379 5.22 5.07 26.30
CA SER A 1379 6.13 6.11 26.74
C SER A 1379 5.77 6.63 28.12
N ARG A 1380 6.76 7.24 28.77
CA ARG A 1380 6.64 7.88 30.07
C ARG A 1380 7.46 9.16 30.02
N GLU A 1381 7.78 9.76 31.17
CA GLU A 1381 8.69 10.88 31.17
C GLU A 1381 10.09 10.46 30.74
N VAL A 1382 10.99 11.42 30.59
CA VAL A 1382 12.31 11.20 30.01
C VAL A 1382 13.16 10.40 30.98
N ASN A 1383 13.96 9.48 30.44
CA ASN A 1383 14.95 8.69 31.18
C ASN A 1383 14.34 7.65 32.10
N MET A 1384 13.16 7.12 31.77
CA MET A 1384 12.68 5.93 32.44
C MET A 1384 12.22 4.92 31.40
N GLN A 1385 12.38 3.64 31.73
CA GLN A 1385 12.03 2.56 30.82
C GLN A 1385 10.54 2.61 30.48
N PRO A 1386 10.15 2.37 29.24
CA PRO A 1386 8.72 2.36 28.89
C PRO A 1386 7.96 1.28 29.64
N LYS A 1387 6.70 1.56 29.93
CA LYS A 1387 5.81 0.65 30.63
C LYS A 1387 4.65 0.29 29.71
N TRP A 1388 4.20 -0.96 29.80
CA TRP A 1388 3.11 -1.46 28.96
C TRP A 1388 1.92 -0.54 28.95
N GLU A 1389 1.66 0.05 27.77
CA GLU A 1389 0.43 0.79 27.49
C GLU A 1389 0.12 1.80 28.58
N ASP A 1390 1.16 2.53 28.99
CA ASP A 1390 1.00 3.59 29.98
C ASP A 1390 0.33 4.83 29.40
N ASN A 1391 0.26 4.95 28.08
CA ASN A 1391 -0.31 6.11 27.42
C ASN A 1391 -1.25 5.63 26.31
N VAL A 1392 -2.21 4.77 26.66
CA VAL A 1392 -3.10 4.17 25.66
C VAL A 1392 -3.83 5.22 24.84
N TYR A 1393 -4.00 6.43 25.35
CA TYR A 1393 -4.76 7.45 24.64
C TYR A 1393 -3.90 8.29 23.72
N MET A 1394 -2.60 8.00 23.64
CA MET A 1394 -1.76 8.57 22.60
C MET A 1394 -2.03 7.96 21.24
N TYR A 1395 -2.78 6.84 21.20
CA TYR A 1395 -3.24 6.30 19.94
C TYR A 1395 -4.09 7.31 19.19
N LEU A 1396 -4.80 8.17 19.93
CA LEU A 1396 -5.65 9.17 19.29
C LEU A 1396 -4.83 10.15 18.47
N TYR A 1397 -3.59 10.42 18.89
CA TYR A 1397 -2.70 11.23 18.07
C TYR A 1397 -2.60 10.67 16.66
N PHE A 1398 -2.30 9.39 16.54
CA PHE A 1398 -2.13 8.80 15.22
C PHE A 1398 -3.46 8.67 14.50
N VAL A 1399 -4.55 8.44 15.24
CA VAL A 1399 -5.86 8.39 14.59
C VAL A 1399 -6.16 9.73 13.92
N ILE A 1400 -5.99 10.83 14.66
CA ILE A 1400 -6.21 12.16 14.08
C ILE A 1400 -5.24 12.40 12.93
N PHE A 1401 -3.99 11.99 13.08
CA PHE A 1401 -3.02 12.21 12.02
C PHE A 1401 -3.43 11.53 10.73
N ILE A 1402 -3.80 10.25 10.79
CA ILE A 1402 -4.32 9.61 9.59
C ILE A 1402 -5.50 10.39 9.06
N ILE A 1403 -6.53 10.59 9.90
CA ILE A 1403 -7.80 11.13 9.42
C ILE A 1403 -7.59 12.43 8.68
N PHE A 1404 -6.75 13.32 9.20
CA PHE A 1404 -6.54 14.59 8.52
C PHE A 1404 -5.36 14.59 7.56
N GLY A 1405 -4.15 14.33 8.07
CA GLY A 1405 -2.95 14.47 7.25
C GLY A 1405 -2.78 13.41 6.19
N GLY A 1406 -3.42 12.25 6.30
CA GLY A 1406 -3.34 11.30 5.21
C GLY A 1406 -4.53 11.40 4.28
N PHE A 1407 -5.73 11.31 4.84
CA PHE A 1407 -6.94 11.22 4.02
C PHE A 1407 -7.16 12.49 3.21
N PHE A 1408 -7.33 13.62 3.87
CA PHE A 1408 -7.60 14.87 3.16
C PHE A 1408 -6.41 15.35 2.33
N THR A 1409 -5.16 15.13 2.83
CA THR A 1409 -4.01 15.50 2.01
C THR A 1409 -3.92 14.68 0.74
N LEU A 1410 -4.18 13.36 0.76
CA LEU A 1410 -4.26 12.57 -0.46
C LEU A 1410 -5.44 13.02 -1.33
N ASN A 1411 -6.53 13.43 -0.71
CA ASN A 1411 -7.65 13.98 -1.46
C ASN A 1411 -7.23 15.20 -2.26
N LEU A 1412 -6.57 16.16 -1.61
CA LEU A 1412 -6.11 17.37 -2.29
C LEU A 1412 -5.11 17.02 -3.39
N PHE A 1413 -4.17 16.13 -3.08
CA PHE A 1413 -3.16 15.72 -4.05
C PHE A 1413 -3.81 15.13 -5.29
N VAL A 1414 -4.68 14.14 -5.11
CA VAL A 1414 -5.31 13.48 -6.24
C VAL A 1414 -6.18 14.46 -7.01
N GLY A 1415 -6.87 15.37 -6.31
CA GLY A 1415 -7.67 16.35 -7.01
C GLY A 1415 -6.86 17.24 -7.92
N VAL A 1416 -5.71 17.72 -7.42
CA VAL A 1416 -4.90 18.61 -8.25
C VAL A 1416 -4.26 17.86 -9.40
N ILE A 1417 -3.88 16.59 -9.19
CA ILE A 1417 -3.37 15.81 -10.32
C ILE A 1417 -4.45 15.63 -11.38
N ILE A 1418 -5.68 15.34 -10.97
CA ILE A 1418 -6.75 15.16 -11.95
C ILE A 1418 -7.01 16.47 -12.71
N ASP A 1419 -7.04 17.59 -11.99
CA ASP A 1419 -7.28 18.88 -12.66
C ASP A 1419 -6.15 19.20 -13.63
N ASN A 1420 -4.91 18.98 -13.20
CA ASN A 1420 -3.76 19.25 -14.06
C ASN A 1420 -3.79 18.35 -15.30
N PHE A 1421 -4.14 17.09 -15.12
CA PHE A 1421 -4.22 16.18 -16.26
C PHE A 1421 -5.30 16.63 -17.23
N ASN A 1422 -6.44 17.08 -16.71
CA ASN A 1422 -7.48 17.60 -17.60
C ASN A 1422 -6.93 18.79 -18.37
N GLN A 1423 -6.18 19.64 -17.70
CA GLN A 1423 -5.58 20.81 -18.35
C GLN A 1423 -4.61 20.41 -19.45
N GLN A 1424 -3.77 19.40 -19.20
CA GLN A 1424 -2.87 18.93 -20.23
C GLN A 1424 -3.64 18.34 -21.41
N LYS A 1425 -4.69 17.57 -21.12
CA LYS A 1425 -5.43 16.94 -22.18
C LYS A 1425 -6.08 17.97 -23.10
N LYS A 1426 -6.71 18.99 -22.52
CA LYS A 1426 -7.35 20.05 -23.32
C LYS A 1426 -6.30 20.83 -24.11
N LYS A 1427 -5.13 21.05 -23.50
CA LYS A 1427 -4.08 21.83 -24.15
C LYS A 1427 -3.62 21.18 -25.46
N LEU A 1428 -3.47 19.86 -25.47
CA LEU A 1428 -3.10 19.16 -26.71
C LEU A 1428 -4.31 18.85 -27.58
N GLY A 1429 -5.43 19.53 -27.36
CA GLY A 1429 -6.61 19.32 -28.18
C GLY A 1429 -7.35 18.04 -27.88
N GLY A 1430 -7.43 17.70 -26.59
CA GLY A 1430 -8.23 16.57 -26.14
C GLY A 1430 -7.83 15.22 -26.69
N GLN A 1431 -6.54 14.96 -26.78
CA GLN A 1431 -6.03 13.66 -27.22
C GLN A 1431 -5.54 12.88 -26.01
N ASP A 1432 -4.97 11.70 -26.27
CA ASP A 1432 -4.49 10.82 -25.21
C ASP A 1432 -2.97 10.92 -25.12
N ILE A 1433 -2.48 11.29 -23.95
CA ILE A 1433 -1.05 11.31 -23.66
C ILE A 1433 -0.60 9.90 -23.28
N PHE A 1434 0.72 9.71 -23.17
CA PHE A 1434 1.40 8.46 -22.82
C PHE A 1434 1.53 7.53 -24.01
N MET A 1435 1.10 7.93 -25.21
CA MET A 1435 1.03 7.01 -26.33
C MET A 1435 1.80 7.58 -27.52
N THR A 1436 2.65 6.74 -28.11
CA THR A 1436 3.31 7.09 -29.36
C THR A 1436 2.30 7.08 -30.51
N GLU A 1437 2.61 7.83 -31.57
CA GLU A 1437 1.71 7.90 -32.71
C GLU A 1437 1.48 6.54 -33.35
N GLU A 1438 2.49 5.67 -33.35
CA GLU A 1438 2.30 4.29 -33.79
C GLU A 1438 1.36 3.52 -32.86
N GLN A 1439 1.56 3.67 -31.55
CA GLN A 1439 0.59 3.12 -30.61
C GLN A 1439 -0.78 3.75 -30.78
N LYS A 1440 -0.84 4.99 -31.26
CA LYS A 1440 -2.14 5.61 -31.50
C LYS A 1440 -2.90 4.90 -32.61
N LYS A 1441 -2.25 4.63 -33.74
CA LYS A 1441 -2.94 3.95 -34.83
C LYS A 1441 -3.26 2.52 -34.46
N TYR A 1442 -2.38 1.87 -33.68
CA TYR A 1442 -2.75 0.58 -33.10
C TYR A 1442 -4.03 0.69 -32.28
N TYR A 1443 -4.13 1.76 -31.49
CA TYR A 1443 -5.32 2.01 -30.68
C TYR A 1443 -6.57 2.11 -31.53
N ASN A 1444 -6.55 2.96 -32.57
CA ASN A 1444 -7.73 3.11 -33.40
C ASN A 1444 -8.08 1.80 -34.10
N ALA A 1445 -7.08 1.08 -34.61
CA ALA A 1445 -7.37 -0.17 -35.31
C ALA A 1445 -8.01 -1.19 -34.37
N MET A 1446 -7.46 -1.34 -33.15
CA MET A 1446 -8.00 -2.35 -32.25
C MET A 1446 -9.33 -1.91 -31.66
N LYS A 1447 -9.59 -0.60 -31.62
CA LYS A 1447 -10.94 -0.14 -31.30
C LYS A 1447 -11.91 -0.54 -32.41
N LYS A 1448 -11.50 -0.38 -33.67
CA LYS A 1448 -12.33 -0.82 -34.78
C LYS A 1448 -12.58 -2.32 -34.71
N LEU A 1449 -11.63 -3.07 -34.14
CA LEU A 1449 -11.79 -4.51 -33.97
C LEU A 1449 -12.98 -4.85 -33.09
N GLY A 1450 -13.16 -4.13 -32.00
CA GLY A 1450 -14.12 -4.50 -30.97
C GLY A 1450 -15.59 -4.24 -31.27
N SER A 1451 -15.89 -3.53 -32.36
CA SER A 1451 -17.26 -3.12 -32.64
C SER A 1451 -17.85 -3.75 -33.90
N LYS A 1452 -17.20 -4.75 -34.48
CA LYS A 1452 -17.69 -5.31 -35.73
C LYS A 1452 -18.60 -6.49 -35.43
N LYS A 1453 -19.91 -6.23 -35.39
CA LYS A 1453 -20.90 -7.22 -34.92
C LYS A 1453 -21.19 -8.33 -35.92
N PRO A 1454 -21.68 -8.05 -37.13
CA PRO A 1454 -22.12 -9.14 -38.00
C PRO A 1454 -20.96 -9.94 -38.56
N GLN A 1455 -21.26 -11.19 -38.93
CA GLN A 1455 -20.21 -12.08 -39.41
C GLN A 1455 -20.60 -12.95 -40.60
N LYS A 1456 -21.83 -12.84 -41.12
CA LYS A 1456 -22.26 -13.58 -42.31
C LYS A 1456 -22.12 -15.08 -42.09
N PRO A 1457 -23.04 -15.69 -41.33
CA PRO A 1457 -22.88 -17.11 -40.94
C PRO A 1457 -22.39 -18.01 -42.06
N ILE A 1458 -21.51 -18.94 -41.73
CA ILE A 1458 -20.88 -19.77 -42.77
C ILE A 1458 -21.81 -20.66 -43.61
N PRO A 1459 -21.38 -21.09 -44.83
CA PRO A 1459 -22.34 -21.94 -45.56
C PRO A 1459 -22.71 -23.26 -44.89
N ARG A 1460 -23.75 -23.91 -45.40
CA ARG A 1460 -24.21 -25.16 -44.81
C ARG A 1460 -23.72 -26.26 -45.74
N PRO A 1461 -22.99 -27.25 -45.21
CA PRO A 1461 -22.40 -28.29 -46.08
C PRO A 1461 -23.40 -29.14 -46.84
N LEU A 1462 -23.16 -29.35 -48.13
CA LEU A 1462 -24.06 -30.17 -48.96
C LEU A 1462 -24.11 -31.66 -48.58
N ASN A 1463 -22.96 -32.24 -48.21
CA ASN A 1463 -22.92 -33.66 -47.87
C ASN A 1463 -23.78 -33.90 -46.64
N LYS A 1464 -24.60 -34.95 -46.68
CA LYS A 1464 -25.46 -35.26 -45.53
C LYS A 1464 -24.60 -35.63 -44.32
N PHE A 1465 -23.58 -36.47 -44.53
CA PHE A 1465 -22.72 -36.90 -43.43
C PHE A 1465 -21.94 -35.72 -42.85
N GLN A 1466 -21.38 -34.89 -43.72
CA GLN A 1466 -20.68 -33.69 -43.28
C GLN A 1466 -21.68 -32.76 -42.62
N GLY A 1467 -22.88 -32.71 -43.17
CA GLY A 1467 -23.92 -31.89 -42.58
C GLY A 1467 -24.33 -32.27 -41.18
N PHE A 1468 -24.48 -33.56 -40.88
CA PHE A 1468 -24.95 -34.01 -39.57
C PHE A 1468 -24.19 -33.39 -38.40
N VAL A 1469 -22.88 -33.35 -38.47
CA VAL A 1469 -22.04 -32.75 -37.43
C VAL A 1469 -22.24 -31.24 -37.42
N PHE A 1470 -22.41 -30.64 -38.58
CA PHE A 1470 -22.62 -29.19 -38.64
C PHE A 1470 -23.86 -28.77 -37.85
N ASP A 1471 -25.00 -29.39 -38.12
CA ASP A 1471 -26.21 -28.88 -37.48
C ASP A 1471 -26.38 -29.46 -36.08
N ILE A 1472 -25.51 -30.38 -35.67
CA ILE A 1472 -25.53 -30.74 -34.25
C ILE A 1472 -24.61 -29.86 -33.42
N VAL A 1473 -23.49 -29.41 -33.95
CA VAL A 1473 -22.55 -28.58 -33.20
C VAL A 1473 -22.95 -27.12 -33.22
N THR A 1474 -23.60 -26.66 -34.29
CA THR A 1474 -23.92 -25.23 -34.40
C THR A 1474 -24.98 -24.81 -33.40
N ARG A 1475 -25.82 -25.74 -32.93
CA ARG A 1475 -26.88 -25.39 -32.01
C ARG A 1475 -26.32 -25.04 -30.63
N GLN A 1476 -27.04 -24.18 -29.91
CA GLN A 1476 -26.51 -23.61 -28.68
C GLN A 1476 -26.44 -24.65 -27.57
N ALA A 1477 -27.20 -25.74 -27.68
CA ALA A 1477 -27.21 -26.75 -26.64
C ALA A 1477 -25.82 -27.38 -26.48
N PHE A 1478 -25.12 -27.59 -27.60
CA PHE A 1478 -23.77 -28.13 -27.54
C PHE A 1478 -22.84 -27.20 -26.77
N ASP A 1479 -22.91 -25.89 -27.05
CA ASP A 1479 -22.07 -24.95 -26.34
C ASP A 1479 -22.40 -24.92 -24.86
N ILE A 1480 -23.70 -24.98 -24.53
CA ILE A 1480 -24.09 -24.94 -23.13
C ILE A 1480 -23.58 -26.17 -22.39
N THR A 1481 -23.73 -27.37 -22.97
CA THR A 1481 -23.29 -28.56 -22.26
C THR A 1481 -21.76 -28.60 -22.15
N ILE A 1482 -21.06 -28.05 -23.15
CA ILE A 1482 -19.60 -27.97 -23.04
C ILE A 1482 -19.20 -27.00 -21.94
N MET A 1483 -19.93 -25.90 -21.79
CA MET A 1483 -19.67 -24.98 -20.68
C MET A 1483 -19.87 -25.67 -19.34
N VAL A 1484 -20.94 -26.47 -19.23
CA VAL A 1484 -21.18 -27.21 -18.00
C VAL A 1484 -20.04 -28.20 -17.75
N LEU A 1485 -19.55 -28.84 -18.80
CA LEU A 1485 -18.43 -29.78 -18.64
C LEU A 1485 -17.17 -29.06 -18.18
N ILE A 1486 -16.92 -27.86 -18.71
CA ILE A 1486 -15.77 -27.07 -18.26
C ILE A 1486 -15.90 -26.72 -16.79
N CYS A 1487 -17.10 -26.30 -16.37
CA CYS A 1487 -17.32 -26.00 -14.95
C CYS A 1487 -17.10 -27.24 -14.09
N LEU A 1488 -17.55 -28.41 -14.58
CA LEU A 1488 -17.34 -29.64 -13.84
C LEU A 1488 -15.85 -29.94 -13.68
N ASN A 1489 -15.07 -29.76 -14.76
CA ASN A 1489 -13.63 -29.99 -14.67
C ASN A 1489 -12.97 -29.01 -13.70
N MET A 1490 -13.43 -27.77 -13.69
CA MET A 1490 -12.93 -26.80 -12.72
C MET A 1490 -13.20 -27.28 -11.30
N ILE A 1491 -14.38 -27.83 -11.07
CA ILE A 1491 -14.71 -28.38 -9.76
C ILE A 1491 -13.77 -29.54 -9.42
N THR A 1492 -13.51 -30.42 -10.39
CA THR A 1492 -12.62 -31.55 -10.13
C THR A 1492 -11.19 -31.09 -9.83
N MET A 1493 -10.76 -29.96 -10.37
CA MET A 1493 -9.45 -29.47 -9.98
C MET A 1493 -9.49 -28.66 -8.69
N MET A 1494 -10.66 -28.22 -8.24
CA MET A 1494 -10.75 -27.54 -6.95
C MET A 1494 -10.52 -28.48 -5.76
N VAL A 1495 -10.72 -29.79 -5.91
CA VAL A 1495 -10.68 -30.71 -4.79
C VAL A 1495 -9.26 -31.24 -4.55
N GLU A 1496 -8.32 -30.90 -5.42
CA GLU A 1496 -6.93 -31.29 -5.22
C GLU A 1496 -6.40 -30.66 -3.94
N THR A 1497 -5.71 -31.45 -3.12
CA THR A 1497 -5.11 -30.98 -1.88
C THR A 1497 -3.73 -31.62 -1.72
N ASP A 1498 -2.96 -31.09 -0.78
CA ASP A 1498 -1.66 -31.68 -0.50
C ASP A 1498 -1.82 -32.86 0.47
N ASP A 1499 -1.03 -33.91 0.22
CA ASP A 1499 -0.99 -35.10 1.07
C ASP A 1499 -2.37 -35.72 1.22
N GLN A 1500 -3.03 -35.97 0.09
CA GLN A 1500 -4.37 -36.51 0.13
C GLN A 1500 -4.40 -38.03 0.27
N SER A 1501 -3.92 -38.76 -0.74
CA SER A 1501 -3.91 -40.21 -0.76
C SER A 1501 -3.32 -40.66 -2.09
N GLU A 1502 -3.03 -41.95 -2.20
CA GLU A 1502 -2.73 -42.52 -3.50
C GLU A 1502 -3.98 -42.66 -4.35
N GLU A 1503 -5.06 -43.17 -3.74
CA GLU A 1503 -6.28 -43.46 -4.48
C GLU A 1503 -6.89 -42.19 -5.06
N LYS A 1504 -6.88 -41.11 -4.28
CA LYS A 1504 -7.49 -39.87 -4.75
C LYS A 1504 -6.77 -39.35 -5.99
N THR A 1505 -5.43 -39.38 -5.99
CA THR A 1505 -4.70 -38.96 -7.17
C THR A 1505 -4.96 -39.88 -8.35
N LYS A 1506 -5.05 -41.20 -8.12
CA LYS A 1506 -5.35 -42.09 -9.24
C LYS A 1506 -6.71 -41.79 -9.86
N ILE A 1507 -7.75 -41.67 -9.05
CA ILE A 1507 -9.08 -41.36 -9.59
C ILE A 1507 -9.07 -40.01 -10.28
N LEU A 1508 -8.43 -39.01 -9.67
CA LEU A 1508 -8.42 -37.67 -10.27
C LEU A 1508 -7.69 -37.68 -11.60
N GLY A 1509 -6.60 -38.44 -11.72
CA GLY A 1509 -5.93 -38.57 -13.01
C GLY A 1509 -6.82 -39.24 -14.05
N LYS A 1510 -7.56 -40.27 -13.64
CA LYS A 1510 -8.48 -40.91 -14.59
C LYS A 1510 -9.54 -39.94 -15.07
N ILE A 1511 -10.12 -39.15 -14.16
CA ILE A 1511 -11.12 -38.16 -14.58
C ILE A 1511 -10.49 -37.10 -15.47
N ASN A 1512 -9.24 -36.72 -15.19
CA ASN A 1512 -8.55 -35.76 -16.05
C ASN A 1512 -8.39 -36.31 -17.46
N GLN A 1513 -8.01 -37.58 -17.57
CA GLN A 1513 -7.95 -38.22 -18.88
C GLN A 1513 -9.31 -38.22 -19.55
N PHE A 1514 -10.37 -38.48 -18.79
CA PHE A 1514 -11.71 -38.45 -19.36
C PHE A 1514 -12.03 -37.08 -19.94
N PHE A 1515 -11.78 -36.01 -19.19
CA PHE A 1515 -12.05 -34.67 -19.70
C PHE A 1515 -11.19 -34.34 -20.91
N VAL A 1516 -9.90 -34.70 -20.89
CA VAL A 1516 -9.05 -34.36 -22.03
C VAL A 1516 -9.50 -35.11 -23.27
N ALA A 1517 -9.98 -36.35 -23.10
CA ALA A 1517 -10.57 -37.08 -24.21
C ALA A 1517 -11.82 -36.38 -24.73
N VAL A 1518 -12.67 -35.90 -23.82
CA VAL A 1518 -13.89 -35.22 -24.26
C VAL A 1518 -13.56 -33.97 -25.06
N PHE A 1519 -12.59 -33.18 -24.61
CA PHE A 1519 -12.27 -31.94 -25.32
C PHE A 1519 -11.52 -32.21 -26.62
N THR A 1520 -10.66 -33.23 -26.69
CA THR A 1520 -10.08 -33.53 -27.99
C THR A 1520 -11.15 -34.06 -28.95
N GLY A 1521 -12.17 -34.75 -28.42
CA GLY A 1521 -13.28 -35.15 -29.25
C GLY A 1521 -14.07 -33.96 -29.79
N GLU A 1522 -14.33 -32.97 -28.93
CA GLU A 1522 -15.03 -31.78 -29.42
C GLU A 1522 -14.19 -31.06 -30.47
N CYS A 1523 -12.86 -31.04 -30.28
CA CYS A 1523 -11.99 -30.37 -31.23
C CYS A 1523 -12.05 -31.04 -32.59
N VAL A 1524 -11.94 -32.38 -32.62
CA VAL A 1524 -11.99 -33.08 -33.89
C VAL A 1524 -13.38 -32.98 -34.51
N MET A 1525 -14.43 -32.88 -33.68
CA MET A 1525 -15.77 -32.75 -34.20
C MET A 1525 -15.97 -31.40 -34.89
N LYS A 1526 -15.57 -30.30 -34.23
CA LYS A 1526 -15.68 -28.99 -34.86
C LYS A 1526 -14.80 -28.88 -36.10
N MET A 1527 -13.57 -29.40 -36.03
CA MET A 1527 -12.64 -29.24 -37.15
C MET A 1527 -13.13 -29.94 -38.41
N PHE A 1528 -13.75 -31.11 -38.29
CA PHE A 1528 -14.19 -31.82 -39.48
C PHE A 1528 -15.42 -31.19 -40.12
N ALA A 1529 -16.30 -30.57 -39.33
CA ALA A 1529 -17.49 -29.90 -39.87
C ALA A 1529 -17.11 -28.54 -40.45
N LEU A 1530 -16.60 -27.64 -39.60
CA LEU A 1530 -16.10 -26.35 -40.05
C LEU A 1530 -14.68 -26.57 -40.56
N ARG A 1531 -14.53 -26.62 -41.89
CA ARG A 1531 -13.28 -27.06 -42.48
C ARG A 1531 -12.25 -25.93 -42.38
N GLN A 1532 -12.55 -24.79 -43.00
CA GLN A 1532 -11.56 -23.71 -43.05
C GLN A 1532 -11.99 -22.51 -42.21
N TYR A 1533 -13.29 -22.34 -42.04
CA TYR A 1533 -13.80 -21.24 -41.24
C TYR A 1533 -13.56 -21.44 -39.75
N TYR A 1534 -13.06 -22.61 -39.36
CA TYR A 1534 -12.80 -22.90 -37.95
C TYR A 1534 -11.75 -21.98 -37.35
N PHE A 1535 -10.67 -21.74 -38.06
CA PHE A 1535 -9.59 -20.91 -37.51
C PHE A 1535 -9.81 -19.43 -37.75
N THR A 1536 -10.84 -19.08 -38.53
CA THR A 1536 -11.15 -17.68 -38.80
C THR A 1536 -11.51 -16.96 -37.50
N ASN A 1537 -12.29 -17.60 -36.64
CA ASN A 1537 -12.66 -17.00 -35.36
C ASN A 1537 -11.56 -17.28 -34.36
N GLY A 1538 -11.16 -16.25 -33.61
CA GLY A 1538 -10.07 -16.40 -32.66
C GLY A 1538 -10.33 -17.34 -31.50
N TRP A 1539 -11.58 -17.46 -31.04
CA TRP A 1539 -11.85 -18.32 -29.92
C TRP A 1539 -11.64 -19.79 -30.23
N ASN A 1540 -11.99 -20.23 -31.44
CA ASN A 1540 -11.71 -21.61 -31.84
C ASN A 1540 -10.21 -21.92 -31.95
N VAL A 1541 -9.41 -21.02 -32.50
CA VAL A 1541 -7.97 -21.29 -32.55
C VAL A 1541 -7.38 -21.26 -31.15
N PHE A 1542 -7.88 -20.38 -30.28
CA PHE A 1542 -7.43 -20.39 -28.90
C PHE A 1542 -7.76 -21.72 -28.23
N ASP A 1543 -8.97 -22.23 -28.47
CA ASP A 1543 -9.35 -23.53 -27.94
C ASP A 1543 -8.46 -24.63 -28.50
N PHE A 1544 -8.08 -24.50 -29.76
CA PHE A 1544 -7.16 -25.47 -30.36
C PHE A 1544 -5.81 -25.46 -29.65
N ILE A 1545 -5.29 -24.27 -29.35
CA ILE A 1545 -4.04 -24.18 -28.59
C ILE A 1545 -4.21 -24.85 -27.23
N VAL A 1546 -5.34 -24.61 -26.56
CA VAL A 1546 -5.55 -25.20 -25.25
C VAL A 1546 -5.57 -26.72 -25.34
N VAL A 1547 -6.28 -27.28 -26.32
CA VAL A 1547 -6.42 -28.74 -26.38
C VAL A 1547 -5.09 -29.39 -26.77
N VAL A 1548 -4.38 -28.79 -27.73
CA VAL A 1548 -3.09 -29.37 -28.12
C VAL A 1548 -2.08 -29.25 -26.97
N LEU A 1549 -2.15 -28.17 -26.19
CA LEU A 1549 -1.30 -28.05 -25.03
C LEU A 1549 -1.64 -29.09 -23.98
N SER A 1550 -2.92 -29.40 -23.82
CA SER A 1550 -3.31 -30.44 -22.88
C SER A 1550 -2.82 -31.82 -23.31
N ILE A 1551 -2.97 -32.16 -24.59
CA ILE A 1551 -2.43 -33.43 -25.08
C ILE A 1551 -0.91 -33.46 -24.91
N ALA A 1552 -0.23 -32.36 -25.24
CA ALA A 1552 1.21 -32.31 -25.10
C ALA A 1552 1.63 -32.50 -23.65
N SER A 1553 0.93 -31.86 -22.72
CA SER A 1553 1.23 -32.02 -21.30
C SER A 1553 1.04 -33.47 -20.86
N LEU A 1554 -0.06 -34.08 -21.31
CA LEU A 1554 -0.33 -35.47 -20.92
C LEU A 1554 0.78 -36.40 -21.40
N ILE A 1555 1.10 -36.33 -22.70
CA ILE A 1555 2.11 -37.23 -23.25
C ILE A 1555 3.49 -36.91 -22.68
N PHE A 1556 3.77 -35.63 -22.42
CA PHE A 1556 5.06 -35.25 -21.87
C PHE A 1556 5.23 -35.77 -20.46
N SER A 1557 4.19 -35.68 -19.63
CA SER A 1557 4.24 -36.27 -18.31
C SER A 1557 4.42 -37.78 -18.41
N ALA A 1558 3.69 -38.42 -19.33
CA ALA A 1558 3.80 -39.87 -19.48
C ALA A 1558 5.22 -40.29 -19.83
N ILE A 1559 5.87 -39.62 -20.78
CA ILE A 1559 7.22 -39.99 -21.17
C ILE A 1559 8.24 -39.62 -20.09
N LEU A 1560 8.14 -38.43 -19.51
CA LEU A 1560 9.16 -37.90 -18.62
C LEU A 1560 8.99 -38.38 -17.18
N LYS A 1561 7.93 -39.14 -16.90
CA LYS A 1561 7.76 -39.75 -15.58
C LYS A 1561 8.83 -40.84 -15.40
N SER A 1562 8.88 -41.48 -14.23
CA SER A 1562 10.02 -42.30 -13.81
C SER A 1562 10.46 -43.33 -14.84
N LEU A 1563 9.65 -43.59 -15.88
CA LEU A 1563 10.11 -44.48 -16.94
C LEU A 1563 11.38 -43.95 -17.59
N GLN A 1564 11.47 -42.62 -17.73
CA GLN A 1564 12.66 -41.98 -18.29
C GLN A 1564 13.24 -40.99 -17.28
N SER A 1565 14.17 -40.15 -17.72
CA SER A 1565 14.97 -39.29 -16.86
C SER A 1565 14.15 -38.58 -15.79
N TYR A 1566 14.61 -38.68 -14.54
CA TYR A 1566 13.88 -38.20 -13.37
C TYR A 1566 14.41 -36.85 -12.90
N PHE A 1567 14.00 -35.80 -13.62
CA PHE A 1567 14.29 -34.45 -13.16
C PHE A 1567 13.48 -34.13 -11.90
N SER A 1568 13.68 -32.91 -11.40
CA SER A 1568 13.06 -32.47 -10.16
C SER A 1568 11.54 -32.55 -10.25
N PRO A 1569 10.86 -32.95 -9.18
CA PRO A 1569 9.39 -33.06 -9.22
C PRO A 1569 8.71 -31.74 -9.52
N THR A 1570 9.37 -30.63 -9.21
CA THR A 1570 8.82 -29.32 -9.49
C THR A 1570 8.57 -29.10 -10.98
N LEU A 1571 9.26 -29.83 -11.85
CA LEU A 1571 8.98 -29.74 -13.28
C LEU A 1571 7.57 -30.24 -13.59
N PHE A 1572 7.17 -31.36 -12.97
CA PHE A 1572 5.82 -31.87 -13.17
C PHE A 1572 4.79 -30.80 -12.86
N ARG A 1573 5.04 -30.02 -11.81
CA ARG A 1573 4.07 -29.03 -11.36
C ARG A 1573 3.82 -27.98 -12.44
N VAL A 1574 4.89 -27.52 -13.12
CA VAL A 1574 4.70 -26.49 -14.12
C VAL A 1574 4.18 -27.09 -15.43
N ILE A 1575 4.49 -28.36 -15.72
CA ILE A 1575 3.86 -28.99 -16.88
C ILE A 1575 2.35 -29.09 -16.68
N ARG A 1576 1.90 -29.46 -15.48
CA ARG A 1576 0.47 -29.61 -15.24
C ARG A 1576 -0.27 -28.27 -15.12
N LEU A 1577 0.35 -27.16 -15.52
CA LEU A 1577 -0.32 -25.87 -15.58
C LEU A 1577 -1.12 -25.68 -16.87
N ALA A 1578 -1.10 -26.65 -17.78
CA ALA A 1578 -1.72 -26.50 -19.08
C ALA A 1578 -3.24 -26.65 -19.02
N ARG A 1579 -3.78 -27.22 -17.94
CA ARG A 1579 -5.23 -27.39 -17.83
C ARG A 1579 -5.96 -26.10 -17.48
N ILE A 1580 -5.23 -25.09 -17.00
CA ILE A 1580 -5.87 -23.81 -16.67
C ILE A 1580 -6.46 -23.15 -17.91
N GLY A 1581 -5.96 -23.46 -19.10
CA GLY A 1581 -6.56 -22.94 -20.30
C GLY A 1581 -8.00 -23.35 -20.46
N ARG A 1582 -8.34 -24.57 -20.03
CA ARG A 1582 -9.74 -25.00 -20.06
C ARG A 1582 -10.61 -24.08 -19.21
N ILE A 1583 -10.13 -23.67 -18.04
CA ILE A 1583 -10.86 -22.70 -17.23
C ILE A 1583 -10.96 -21.37 -17.95
N LEU A 1584 -9.84 -20.91 -18.54
CA LEU A 1584 -9.88 -19.63 -19.24
C LEU A 1584 -10.80 -19.66 -20.46
N ARG A 1585 -11.19 -20.84 -20.93
CA ARG A 1585 -12.19 -20.95 -21.99
C ARG A 1585 -13.51 -20.29 -21.64
N LEU A 1586 -13.83 -20.16 -20.34
CA LEU A 1586 -15.11 -19.65 -19.91
C LEU A 1586 -15.26 -18.14 -20.11
N ILE A 1587 -14.19 -17.45 -20.49
CA ILE A 1587 -14.22 -16.00 -20.65
C ILE A 1587 -15.14 -15.65 -21.82
N ARG A 1588 -15.29 -16.59 -22.76
CA ARG A 1588 -16.17 -16.39 -23.90
C ARG A 1588 -17.63 -16.21 -23.51
N ALA A 1589 -18.03 -16.68 -22.34
CA ALA A 1589 -19.45 -16.60 -21.94
C ALA A 1589 -19.76 -15.27 -21.27
N ALA A 1590 -18.96 -14.88 -20.28
CA ALA A 1590 -19.24 -13.67 -19.51
C ALA A 1590 -19.00 -12.42 -20.35
N LYS A 1591 -20.09 -11.75 -20.75
CA LYS A 1591 -19.95 -10.55 -21.57
C LYS A 1591 -19.31 -9.41 -20.81
N GLY A 1592 -19.70 -9.21 -19.54
CA GLY A 1592 -19.08 -8.14 -18.76
C GLY A 1592 -17.60 -8.34 -18.58
N ILE A 1593 -17.19 -9.58 -18.28
CA ILE A 1593 -15.78 -9.90 -18.16
C ILE A 1593 -15.07 -9.66 -19.48
N ARG A 1594 -15.69 -10.06 -20.59
CA ARG A 1594 -15.13 -9.87 -21.92
C ARG A 1594 -14.99 -8.40 -22.29
N THR A 1595 -15.81 -7.52 -21.72
CA THR A 1595 -15.66 -6.09 -21.95
C THR A 1595 -14.59 -5.48 -21.06
N LEU A 1596 -14.52 -5.92 -19.80
CA LEU A 1596 -13.49 -5.38 -18.90
C LEU A 1596 -12.10 -5.80 -19.35
N LEU A 1597 -11.92 -7.05 -19.78
CA LEU A 1597 -10.63 -7.44 -20.33
C LEU A 1597 -10.34 -6.73 -21.64
N PHE A 1598 -11.39 -6.38 -22.40
CA PHE A 1598 -11.20 -5.52 -23.57
C PHE A 1598 -10.62 -4.17 -23.16
N ALA A 1599 -11.14 -3.61 -22.07
CA ALA A 1599 -10.61 -2.34 -21.55
C ALA A 1599 -9.15 -2.49 -21.16
N LEU A 1600 -8.80 -3.60 -20.49
CA LEU A 1600 -7.40 -3.88 -20.22
C LEU A 1600 -6.54 -3.89 -21.47
N MET A 1601 -6.94 -4.66 -22.48
CA MET A 1601 -6.07 -4.85 -23.63
C MET A 1601 -5.99 -3.57 -24.46
N MET A 1602 -7.02 -2.73 -24.40
CA MET A 1602 -6.94 -1.40 -25.00
C MET A 1602 -6.06 -0.45 -24.21
N SER A 1603 -6.01 -0.56 -22.88
CA SER A 1603 -5.16 0.29 -22.07
C SER A 1603 -3.71 -0.17 -22.02
N LEU A 1604 -3.43 -1.39 -22.47
CA LEU A 1604 -2.09 -1.97 -22.38
C LEU A 1604 -0.96 -1.11 -22.98
N PRO A 1605 -1.11 -0.55 -24.18
CA PRO A 1605 0.05 0.14 -24.80
C PRO A 1605 0.60 1.30 -23.97
N ALA A 1606 -0.25 2.13 -23.37
CA ALA A 1606 0.26 3.19 -22.50
C ALA A 1606 0.93 2.63 -21.27
N LEU A 1607 0.34 1.60 -20.68
CA LEU A 1607 0.97 0.93 -19.55
C LEU A 1607 2.33 0.37 -19.92
N PHE A 1608 2.54 0.04 -21.21
CA PHE A 1608 3.86 -0.41 -21.63
C PHE A 1608 4.90 0.69 -21.46
N ASN A 1609 4.60 1.90 -21.90
CA ASN A 1609 5.54 3.00 -21.76
C ASN A 1609 5.76 3.34 -20.29
N ILE A 1610 4.69 3.39 -19.50
CA ILE A 1610 4.85 3.74 -18.09
C ILE A 1610 5.64 2.66 -17.36
N GLY A 1611 5.42 1.39 -17.70
CA GLY A 1611 6.21 0.33 -17.13
C GLY A 1611 7.66 0.38 -17.55
N LEU A 1612 7.92 0.80 -18.79
CA LEU A 1612 9.31 0.98 -19.21
C LEU A 1612 10.00 2.04 -18.38
N LEU A 1613 9.32 3.16 -18.13
CA LEU A 1613 9.89 4.19 -17.25
C LEU A 1613 10.11 3.64 -15.84
N LEU A 1614 9.13 2.92 -15.31
CA LEU A 1614 9.26 2.36 -13.97
C LEU A 1614 10.43 1.38 -13.89
N PHE A 1615 10.62 0.57 -14.92
CA PHE A 1615 11.73 -0.36 -14.95
C PHE A 1615 13.06 0.36 -15.02
N LEU A 1616 13.12 1.45 -15.79
CA LEU A 1616 14.36 2.24 -15.85
C LEU A 1616 14.69 2.82 -14.48
N VAL A 1617 13.70 3.38 -13.79
CA VAL A 1617 13.94 3.92 -12.45
C VAL A 1617 14.37 2.80 -11.51
N MET A 1618 13.72 1.65 -11.61
CA MET A 1618 14.06 0.52 -10.75
C MET A 1618 15.49 0.06 -11.00
N PHE A 1619 15.92 0.05 -12.26
CA PHE A 1619 17.28 -0.37 -12.59
C PHE A 1619 18.30 0.63 -12.04
N ILE A 1620 18.03 1.93 -12.20
CA ILE A 1620 18.94 2.94 -11.67
C ILE A 1620 19.07 2.80 -10.16
N TYR A 1621 17.94 2.67 -9.46
CA TYR A 1621 17.99 2.51 -8.02
C TYR A 1621 18.61 1.19 -7.61
N SER A 1622 18.47 0.14 -8.42
CA SER A 1622 19.13 -1.12 -8.14
C SER A 1622 20.64 -0.95 -8.18
N ILE A 1623 21.14 -0.23 -9.17
CA ILE A 1623 22.58 0.01 -9.25
C ILE A 1623 23.04 0.85 -8.07
N PHE A 1624 22.26 1.90 -7.73
CA PHE A 1624 22.60 2.71 -6.57
C PHE A 1624 22.68 1.89 -5.30
N GLY A 1625 21.68 1.02 -5.07
CA GLY A 1625 21.70 0.18 -3.88
C GLY A 1625 22.83 -0.83 -3.89
N MET A 1626 23.07 -1.47 -5.02
CA MET A 1626 24.16 -2.43 -5.15
C MET A 1626 25.52 -1.80 -4.88
N SER A 1627 25.64 -0.49 -5.07
CA SER A 1627 26.88 0.19 -4.71
C SER A 1627 26.78 0.74 -3.30
N SER A 1628 25.76 1.55 -3.02
CA SER A 1628 25.56 2.16 -1.68
C SER A 1628 25.21 1.21 -0.51
N PHE A 1629 24.36 0.20 -0.72
CA PHE A 1629 23.93 -0.64 0.43
C PHE A 1629 24.24 -2.17 0.40
N PRO A 1630 25.52 -2.59 0.15
CA PRO A 1630 25.71 -4.05 0.17
C PRO A 1630 26.47 -4.68 1.35
N HIS A 1631 26.97 -3.86 2.28
N HIS A 1631 26.98 -3.86 2.27
CA HIS A 1631 27.77 -4.37 3.40
CA HIS A 1631 27.77 -4.37 3.40
C HIS A 1631 27.02 -4.40 4.73
C HIS A 1631 27.02 -4.40 4.73
N VAL A 1632 25.71 -4.20 4.70
CA VAL A 1632 24.92 -4.14 5.96
C VAL A 1632 24.56 -5.40 6.74
N ARG A 1633 24.32 -5.25 8.05
CA ARG A 1633 23.90 -6.34 8.92
C ARG A 1633 22.60 -6.96 8.44
N TRP A 1634 22.52 -8.29 8.46
CA TRP A 1634 21.28 -8.96 8.09
C TRP A 1634 20.29 -8.74 9.20
N GLU A 1635 19.18 -8.05 8.91
CA GLU A 1635 18.24 -7.67 9.95
C GLU A 1635 16.83 -7.77 9.40
N ALA A 1636 15.92 -7.04 10.03
CA ALA A 1636 14.48 -7.16 9.84
C ALA A 1636 14.08 -7.39 8.38
N GLY A 1637 14.49 -6.50 7.48
CA GLY A 1637 14.11 -6.69 6.10
C GLY A 1637 15.17 -7.24 5.18
N ILE A 1638 16.41 -7.36 5.65
CA ILE A 1638 17.54 -7.75 4.81
C ILE A 1638 18.09 -9.06 5.36
N ASP A 1639 18.15 -10.08 4.51
CA ASP A 1639 18.70 -11.38 4.88
C ASP A 1639 19.47 -11.95 3.69
N ASP A 1640 19.74 -13.25 3.74
CA ASP A 1640 20.60 -13.87 2.74
C ASP A 1640 19.95 -13.98 1.38
N MET A 1641 18.68 -13.64 1.23
CA MET A 1641 18.01 -13.70 -0.06
C MET A 1641 17.49 -12.36 -0.54
N PHE A 1642 17.11 -11.46 0.36
CA PHE A 1642 16.67 -10.13 -0.01
C PHE A 1642 17.67 -9.13 0.59
N ASN A 1643 18.68 -8.80 -0.21
CA ASN A 1643 19.71 -7.85 0.18
C ASN A 1643 20.16 -7.13 -1.09
N PHE A 1644 21.27 -6.40 -1.01
CA PHE A 1644 21.79 -5.64 -2.14
C PHE A 1644 23.18 -6.12 -2.55
N GLN A 1645 23.40 -7.44 -2.51
CA GLN A 1645 24.68 -8.03 -2.89
C GLN A 1645 24.70 -8.52 -4.32
N THR A 1646 23.59 -8.44 -5.05
CA THR A 1646 23.48 -9.00 -6.38
C THR A 1646 22.31 -8.30 -7.08
N PHE A 1647 22.38 -8.26 -8.42
CA PHE A 1647 21.34 -7.57 -9.18
C PHE A 1647 19.97 -8.21 -8.95
N ALA A 1648 19.90 -9.54 -8.92
CA ALA A 1648 18.62 -10.20 -8.68
C ALA A 1648 18.10 -9.90 -7.28
N ASN A 1649 18.97 -9.99 -6.28
CA ASN A 1649 18.54 -9.69 -4.91
C ASN A 1649 18.09 -8.25 -4.77
N SER A 1650 18.78 -7.31 -5.43
CA SER A 1650 18.36 -5.92 -5.38
C SER A 1650 17.01 -5.73 -6.07
N MET A 1651 16.80 -6.40 -7.21
CA MET A 1651 15.55 -6.22 -7.93
C MET A 1651 14.38 -6.81 -7.16
N LEU A 1652 14.61 -7.88 -6.41
CA LEU A 1652 13.54 -8.42 -5.57
C LEU A 1652 13.08 -7.39 -4.54
N CYS A 1653 14.04 -6.79 -3.81
CA CYS A 1653 13.68 -5.79 -2.81
C CYS A 1653 13.02 -4.59 -3.44
N LEU A 1654 13.52 -4.13 -4.58
CA LEU A 1654 12.94 -2.95 -5.21
C LEU A 1654 11.54 -3.22 -5.73
N PHE A 1655 11.29 -4.40 -6.30
CA PHE A 1655 9.91 -4.74 -6.66
C PHE A 1655 9.02 -4.82 -5.43
N GLN A 1656 9.55 -5.35 -4.33
CA GLN A 1656 8.75 -5.46 -3.11
C GLN A 1656 8.34 -4.08 -2.60
N ILE A 1657 9.25 -3.12 -2.64
CA ILE A 1657 8.94 -1.78 -2.15
C ILE A 1657 8.35 -0.86 -3.21
N THR A 1658 8.22 -1.33 -4.46
CA THR A 1658 7.49 -0.55 -5.45
C THR A 1658 6.08 -0.23 -4.98
N THR A 1659 5.44 -1.17 -4.29
CA THR A 1659 4.14 -0.94 -3.68
C THR A 1659 4.24 -0.43 -2.25
N SER A 1660 5.43 -0.02 -1.82
CA SER A 1660 5.79 0.46 -0.48
C SER A 1660 5.76 -0.65 0.55
N ALA A 1661 5.51 -1.89 0.16
CA ALA A 1661 5.44 -2.97 1.13
C ALA A 1661 6.79 -3.22 1.78
N GLY A 1662 6.86 -2.99 3.09
CA GLY A 1662 8.03 -3.36 3.86
C GLY A 1662 9.28 -2.56 3.60
N TRP A 1663 9.15 -1.34 3.08
CA TRP A 1663 10.32 -0.48 2.90
C TRP A 1663 10.92 -0.08 4.24
N ASP A 1664 10.12 -0.06 5.31
CA ASP A 1664 10.64 0.12 6.65
C ASP A 1664 11.62 -0.98 7.03
N GLY A 1665 11.34 -2.22 6.64
CA GLY A 1665 12.21 -3.33 6.97
C GLY A 1665 13.58 -3.25 6.34
N LEU A 1666 13.66 -2.78 5.09
CA LEU A 1666 14.96 -2.55 4.47
C LEU A 1666 15.64 -1.28 4.94
N LEU A 1667 14.87 -0.22 5.25
CA LEU A 1667 15.51 0.99 5.73
C LEU A 1667 16.11 0.77 7.13
N SER A 1668 15.50 -0.11 7.92
CA SER A 1668 15.91 -0.28 9.32
C SER A 1668 17.38 -0.66 9.47
N PRO A 1669 17.91 -1.67 8.78
CA PRO A 1669 19.33 -2.02 8.96
C PRO A 1669 20.28 -0.93 8.50
N ILE A 1670 19.87 -0.10 7.54
CA ILE A 1670 20.74 0.95 7.04
C ILE A 1670 20.87 2.08 8.06
N LEU A 1671 19.82 2.33 8.84
CA LEU A 1671 19.84 3.37 9.84
C LEU A 1671 20.80 3.09 10.99
N ASN A 1672 21.42 1.92 11.02
CA ASN A 1672 22.26 1.51 12.13
C ASN A 1672 23.62 2.21 12.03
N THR A 1673 24.15 2.64 13.18
CA THR A 1673 25.38 3.41 13.22
C THR A 1673 26.33 2.94 14.32
N GLY A 1674 26.17 1.70 14.79
CA GLY A 1674 27.08 1.18 15.79
C GLY A 1674 26.49 0.10 16.67
N PRO A 1675 27.21 -0.25 17.73
CA PRO A 1675 26.75 -1.30 18.64
C PRO A 1675 25.49 -0.86 19.38
N PRO A 1676 24.66 -1.82 19.81
CA PRO A 1676 24.88 -3.26 19.70
C PRO A 1676 24.44 -3.84 18.38
N TYR A 1677 23.86 -3.01 17.51
CA TYR A 1677 23.36 -3.51 16.24
C TYR A 1677 24.48 -3.74 15.23
N CYS A 1678 25.22 -2.70 14.88
CA CYS A 1678 26.30 -2.87 13.91
C CYS A 1678 27.63 -3.00 14.62
N ASP A 1679 28.66 -3.40 13.86
CA ASP A 1679 30.02 -3.44 14.38
C ASP A 1679 30.86 -2.48 13.56
N PRO A 1680 31.18 -1.28 14.08
CA PRO A 1680 31.89 -0.30 13.25
C PRO A 1680 33.37 -0.61 13.07
N ASN A 1681 33.82 -1.77 13.56
CA ASN A 1681 35.23 -2.14 13.49
C ASN A 1681 35.37 -3.52 12.87
N LEU A 1682 35.10 -3.63 11.57
CA LEU A 1682 35.29 -4.93 10.93
C LEU A 1682 36.47 -4.87 9.96
N PRO A 1683 37.52 -5.67 10.22
CA PRO A 1683 38.67 -5.72 9.31
C PRO A 1683 38.31 -6.28 7.94
N ASN A 1684 37.48 -7.32 7.90
CA ASN A 1684 37.11 -7.94 6.64
C ASN A 1684 36.53 -6.93 5.66
N SER A 1685 35.66 -6.07 6.15
CA SER A 1685 35.00 -5.05 5.26
C SER A 1685 35.80 -3.90 4.64
N ASN A 1686 35.46 -3.52 3.39
CA ASN A 1686 36.12 -2.35 2.79
C ASN A 1686 35.32 -1.05 2.69
N GLY A 1687 34.07 -1.04 3.13
CA GLY A 1687 33.26 0.16 3.04
C GLY A 1687 33.31 1.02 4.28
N THR A 1688 32.25 0.92 5.10
CA THR A 1688 32.10 1.76 6.28
C THR A 1688 33.03 1.32 7.41
N ARG A 1689 33.88 0.35 7.12
CA ARG A 1689 34.68 -0.34 8.12
C ARG A 1689 33.77 -1.07 9.10
N GLY A 1690 32.68 -1.62 8.58
CA GLY A 1690 31.69 -2.27 9.42
C GLY A 1690 30.38 -2.46 8.67
N ASP A 1691 29.33 -2.82 9.41
CA ASP A 1691 28.04 -2.96 8.75
C ASP A 1691 27.39 -1.59 8.61
N CYS A 1692 26.92 -1.02 9.73
CA CYS A 1692 26.71 0.41 9.90
C CYS A 1692 26.36 1.16 8.64
N GLY A 1693 25.25 0.83 7.99
CA GLY A 1693 24.80 1.52 6.81
C GLY A 1693 24.69 3.02 7.04
N SER A 1694 24.56 3.77 5.95
CA SER A 1694 24.60 5.23 6.00
C SER A 1694 23.18 5.75 6.12
N PRO A 1695 22.81 6.26 7.30
CA PRO A 1695 21.42 6.75 7.47
C PRO A 1695 21.05 7.87 6.52
N ALA A 1696 21.97 8.81 6.29
CA ALA A 1696 21.66 9.95 5.43
C ALA A 1696 21.34 9.49 4.01
N VAL A 1697 22.21 8.68 3.42
CA VAL A 1697 21.95 8.14 2.09
C VAL A 1697 20.76 7.19 2.13
N GLY A 1698 20.61 6.46 3.23
CA GLY A 1698 19.49 5.54 3.35
C GLY A 1698 18.15 6.22 3.25
N ILE A 1699 17.99 7.35 3.94
CA ILE A 1699 16.72 8.05 3.92
C ILE A 1699 16.41 8.58 2.52
N ILE A 1700 17.40 9.20 1.87
CA ILE A 1700 17.15 9.77 0.54
C ILE A 1700 16.79 8.68 -0.45
N PHE A 1701 17.42 7.51 -0.32
CA PHE A 1701 17.18 6.43 -1.27
C PHE A 1701 15.73 5.97 -1.19
N PHE A 1702 15.30 5.49 -0.03
CA PHE A 1702 13.98 4.89 0.08
C PHE A 1702 12.88 5.94 -0.02
N THR A 1703 13.05 7.07 0.68
CA THR A 1703 11.98 8.07 0.71
C THR A 1703 11.69 8.62 -0.67
N THR A 1704 12.74 8.92 -1.45
CA THR A 1704 12.51 9.41 -2.81
C THR A 1704 11.84 8.34 -3.66
N TYR A 1705 12.30 7.08 -3.55
CA TYR A 1705 11.82 6.04 -4.45
C TYR A 1705 10.31 5.82 -4.32
N ILE A 1706 9.80 5.84 -3.09
CA ILE A 1706 8.38 5.54 -2.90
C ILE A 1706 7.51 6.64 -3.50
N ILE A 1707 7.97 7.89 -3.42
CA ILE A 1707 7.19 8.99 -4.00
C ILE A 1707 7.18 8.90 -5.52
N ILE A 1708 8.34 8.66 -6.13
CA ILE A 1708 8.40 8.54 -7.59
C ILE A 1708 7.56 7.37 -8.06
N SER A 1709 7.65 6.23 -7.38
CA SER A 1709 6.82 5.09 -7.74
C SER A 1709 5.34 5.41 -7.50
N PHE A 1710 5.04 6.14 -6.42
CA PHE A 1710 3.66 6.57 -6.20
C PHE A 1710 3.20 7.52 -7.29
N LEU A 1711 4.05 8.49 -7.65
CA LEU A 1711 3.68 9.45 -8.68
C LEU A 1711 3.43 8.76 -10.01
N ILE A 1712 4.23 7.72 -10.32
CA ILE A 1712 4.03 6.96 -11.54
C ILE A 1712 2.71 6.19 -11.49
N MET A 1713 2.43 5.54 -10.35
CA MET A 1713 1.25 4.68 -10.28
C MET A 1713 -0.04 5.48 -10.41
N VAL A 1714 -0.01 6.76 -10.02
CA VAL A 1714 -1.21 7.60 -10.21
C VAL A 1714 -1.48 7.79 -11.70
N ASN A 1715 -0.42 8.00 -12.46
CA ASN A 1715 -0.58 8.19 -13.89
C ASN A 1715 -1.05 6.90 -14.53
N MET A 1716 -0.56 5.77 -14.01
CA MET A 1716 -1.00 4.48 -14.51
C MET A 1716 -2.48 4.29 -14.20
N TYR A 1717 -2.90 4.69 -13.00
CA TYR A 1717 -4.32 4.59 -12.69
C TYR A 1717 -5.06 5.48 -13.67
N ILE A 1718 -4.61 6.73 -13.81
CA ILE A 1718 -5.35 7.66 -14.66
C ILE A 1718 -5.44 7.11 -16.08
N ALA A 1719 -4.37 6.49 -16.57
CA ALA A 1719 -4.41 5.87 -17.89
C ALA A 1719 -5.47 4.77 -17.93
N VAL A 1720 -5.55 3.95 -16.88
CA VAL A 1720 -6.51 2.85 -16.85
C VAL A 1720 -7.94 3.38 -16.77
N ILE A 1721 -8.19 4.31 -15.85
CA ILE A 1721 -9.56 4.77 -15.63
C ILE A 1721 -10.15 5.49 -16.84
N LEU A 1722 -9.38 6.33 -17.54
CA LEU A 1722 -9.92 6.98 -18.71
C LEU A 1722 -10.34 6.00 -19.79
N GLU A 1723 -9.55 4.95 -20.04
CA GLU A 1723 -9.96 3.94 -21.01
C GLU A 1723 -11.29 3.31 -20.62
N ASN A 1724 -11.54 3.18 -19.31
CA ASN A 1724 -12.79 2.59 -18.85
C ASN A 1724 -13.99 3.43 -19.28
N PHE A 1725 -13.85 4.76 -19.18
CA PHE A 1725 -14.96 5.65 -19.57
C PHE A 1725 -15.28 5.52 -21.05
N ASN A 1726 -14.25 5.48 -21.90
CA ASN A 1726 -14.49 5.35 -23.34
C ASN A 1726 -15.12 4.00 -23.67
N VAL A 1727 -14.78 2.95 -22.92
CA VAL A 1727 -15.46 1.67 -23.09
C VAL A 1727 -16.93 1.81 -22.71
N ALA A 1728 -17.20 2.50 -21.62
CA ALA A 1728 -18.58 2.72 -21.18
C ALA A 1728 -19.26 3.83 -21.98
C1 NAG B . 15.31 4.13 39.72
C2 NAG B . 15.22 5.61 40.08
C3 NAG B . 14.64 5.80 41.47
C4 NAG B . 13.36 4.99 41.65
C5 NAG B . 13.55 3.55 41.19
C6 NAG B . 12.25 2.77 41.29
C7 NAG B . 16.74 7.34 39.32
C8 NAG B . 18.17 7.77 39.20
N2 NAG B . 16.53 6.22 40.01
O3 NAG B . 14.36 7.19 41.69
O4 NAG B . 12.92 5.03 43.02
O5 NAG B . 14.02 3.53 39.84
O6 NAG B . 11.47 3.26 42.38
O7 NAG B . 15.82 7.98 38.83
C1 NAG B . 13.93 4.43 43.88
C2 NAG B . 13.70 4.89 45.31
C3 NAG B . 14.72 4.27 46.26
C4 NAG B . 14.82 2.77 46.04
C5 NAG B . 14.99 2.44 44.57
C6 NAG B . 15.02 0.93 44.34
C7 NAG B . 12.68 7.10 45.20
C8 NAG B . 11.40 6.58 45.82
N2 NAG B . 13.76 6.34 45.39
O3 NAG B . 14.34 4.54 47.61
O4 NAG B . 15.94 2.26 46.78
O5 NAG B . 13.90 3.01 43.82
O6 NAG B . 13.81 0.52 43.69
O7 NAG B . 12.72 8.13 44.56
C1 NAG C . 27.03 -1.91 28.98
C2 NAG C . 26.88 -0.57 28.26
C3 NAG C . 27.32 -0.70 26.80
C4 NAG C . 28.68 -1.37 26.69
C5 NAG C . 28.72 -2.65 27.52
C6 NAG C . 30.11 -3.28 27.47
C7 NAG C . 25.12 0.78 29.22
C8 NAG C . 23.67 1.17 29.17
N2 NAG C . 25.50 -0.11 28.32
O3 NAG C . 27.39 0.61 26.22
O4 NAG C . 28.96 -1.67 25.32
O5 NAG C . 28.37 -2.37 28.86
O6 NAG C . 30.74 -3.14 28.75
O7 NAG C . 25.88 1.25 30.04
C1 NAG C . 29.78 -0.62 24.78
C2 NAG C . 30.81 -1.22 23.81
C3 NAG C . 31.68 -0.13 23.21
C4 NAG C . 30.84 1.02 22.66
C5 NAG C . 29.82 1.48 23.70
C6 NAG C . 28.92 2.58 23.13
C7 NAG C . 31.55 -3.49 24.22
C8 NAG C . 32.50 -4.38 24.97
N2 NAG C . 31.62 -2.20 24.51
O3 NAG C . 32.47 -0.69 22.15
O4 NAG C . 31.69 2.11 22.31
O5 NAG C . 29.01 0.37 24.10
O6 NAG C . 27.85 2.83 24.04
O7 NAG C . 30.75 -3.93 23.41
C1 NAG D . -4.83 -21.29 24.19
C2 NAG D . -5.54 -22.26 23.25
C3 NAG D . -6.04 -23.51 23.97
C4 NAG D . -4.96 -24.10 24.85
C5 NAG D . -4.45 -23.04 25.81
C6 NAG D . -3.36 -23.61 26.71
C7 NAG D . -7.52 -22.27 21.86
C8 NAG D . -8.66 -21.46 21.30
N2 NAG D . -6.65 -21.60 22.62
O3 NAG D . -6.46 -24.48 23.01
O4 NAG D . -5.47 -25.21 25.58
O5 NAG D . -3.92 -21.93 25.08
O6 NAG D . -2.36 -24.23 25.90
O7 NAG D . -7.41 -23.46 21.65
C1 NAG E . 15.70 -32.21 0.73
C2 NAG E . 14.59 -33.23 0.91
C3 NAG E . 14.99 -34.29 1.92
C4 NAG E . 16.37 -34.87 1.59
C5 NAG E . 17.37 -33.75 1.35
C6 NAG E . 18.73 -34.33 0.94
C7 NAG E . 12.53 -32.02 0.50
C8 NAG E . 11.30 -31.39 1.10
N2 NAG E . 13.38 -32.56 1.36
O3 NAG E . 14.02 -35.35 1.91
O4 NAG E . 16.81 -35.70 2.66
O5 NAG E . 16.90 -32.89 0.33
O6 NAG E . 19.16 -33.70 -0.27
O7 NAG E . 12.72 -32.04 -0.71
C1 NAG F . 20.00 -11.44 29.62
C2 NAG F . 19.50 -11.83 31.00
C3 NAG F . 20.47 -12.78 31.68
C4 NAG F . 20.85 -13.93 30.76
C5 NAG F . 21.26 -13.42 29.40
C6 NAG F . 21.57 -14.57 28.44
C7 NAG F . 18.10 -10.16 32.08
C8 NAG F . 18.06 -8.94 32.93
N2 NAG F . 19.31 -10.65 31.82
O3 NAG F . 19.87 -13.30 32.88
O4 NAG F . 21.92 -14.68 31.34
O5 NAG F . 20.22 -12.62 28.85
O6 NAG F . 20.40 -14.89 27.69
O7 NAG F . 17.08 -10.68 31.65
C10 95T G . 1.46 3.04 -2.73
C13 95T G . 0.26 -0.70 -5.56
C15 95T G . 2.10 0.59 -8.25
C17 95T G . 2.03 -1.88 -9.51
C20 95T G . 1.05 3.84 -1.67
C21 95T G . 3.41 4.43 -3.00
C22 95T G . 1.81 4.93 -1.29
C24 95T G . 3.43 1.97 -10.93
CL1 95T G . 3.92 6.58 -1.46
O02 95T G . 0.99 1.24 -4.26
O03 95T G . 3.79 1.30 -9.73
O04 95T G . 2.00 -3.09 -10.14
O05 95T G . 0.23 -1.92 -5.44
N06 95T G . 0.39 -0.04 -6.74
C07 95T G . 0.67 1.88 -3.10
C08 95T G . 1.21 -0.39 -7.83
C09 95T G . 0.15 0.16 -4.38
C11 95T G . -0.33 1.22 -2.49
C12 95T G . -0.67 0.13 -3.32
C14 95T G . 1.17 -1.62 -8.45
C16 95T G . 2.94 0.31 -9.31
C18 95T G . 2.91 -0.91 -9.96
C19 95T G . 2.65 3.34 -3.39
C23 95T G . 2.98 5.22 -1.95
C25 95T G . 3.23 -3.61 -10.63
C1 CLR H . 1.58 31.38 -3.34
C2 CLR H . 1.04 32.15 -4.54
C3 CLR H . -0.05 33.10 -4.09
C4 CLR H . 0.55 34.13 -3.13
C5 CLR H . 1.28 33.44 -2.00
C6 CLR H . 1.07 33.89 -0.75
C7 CLR H . 1.56 33.16 0.48
C8 CLR H . 2.80 32.36 0.15
C9 CLR H . 2.54 31.47 -1.07
C10 CLR H . 2.22 32.30 -2.31
C11 CLR H . 3.70 30.49 -1.35
C12 CLR H . 4.17 29.72 -0.12
C13 CLR H . 4.48 30.72 0.98
C14 CLR H . 3.21 31.46 1.30
C15 CLR H . 3.47 32.12 2.65
C16 CLR H . 4.43 31.17 3.36
C17 CLR H . 4.88 30.13 2.33
C18 CLR H . 5.55 31.69 0.49
C19 CLR H . 3.50 32.89 -2.89
C20 CLR H . 6.36 29.77 2.45
C21 CLR H . 6.67 28.48 1.69
C22 CLR H . 6.80 29.66 3.90
C23 CLR H . 6.10 28.49 4.58
C24 CLR H . 5.52 28.91 5.92
C25 CLR H . 6.31 28.30 7.07
C26 CLR H . 7.80 28.55 6.90
C27 CLR H . 5.81 28.81 8.42
O1 CLR H . -0.59 33.77 -5.24
C1 PCW I . -13.99 -8.42 -26.72
C2 PCW I . -12.73 -9.27 -26.71
C3 PCW I . -12.30 -9.39 -25.26
C4 PCW I . -16.39 -5.91 -26.42
C5 PCW I . -17.43 -4.81 -26.57
C6 PCW I . -17.99 -2.78 -25.43
C7 PCW I . -15.83 -3.73 -25.10
C8 PCW I . -16.39 -2.74 -27.19
C11 PCW I . -10.08 -10.29 -24.84
C12 PCW I . -9.46 -10.42 -23.49
C13 PCW I . -7.98 -10.12 -23.65
C14 PCW I . -7.31 -9.71 -22.36
C15 PCW I . -5.92 -9.24 -22.74
C16 PCW I . -5.11 -8.80 -21.53
C17 PCW I . -4.73 -9.98 -20.63
C18 PCW I . -3.25 -9.88 -20.29
C19 PCW I . -2.93 -8.43 -20.05
C20 PCW I . -1.79 -8.00 -19.51
C21 PCW I . -0.69 -8.92 -19.07
C22 PCW I . 0.39 -8.04 -18.48
C23 PCW I . 1.52 -8.88 -17.89
C24 PCW I . 2.18 -8.17 -16.70
C25 PCW I . 3.50 -7.53 -17.11
C26 PCW I . 4.26 -7.02 -15.90
C27 PCW I . 3.37 -6.14 -15.03
C28 PCW I . 4.16 -5.40 -13.98
C31 PCW I . -12.33 -10.76 -28.56
C32 PCW I . -12.37 -12.12 -29.22
C33 PCW I . -11.05 -12.43 -29.89
C34 PCW I . -9.98 -12.85 -28.91
C35 PCW I . -10.07 -14.34 -28.64
C36 PCW I . -8.86 -14.80 -27.87
C37 PCW I . -8.60 -13.77 -26.80
C38 PCW I . -8.75 -14.34 -25.42
C39 PCW I . -7.57 -15.20 -25.05
C40 PCW I . -7.16 -15.16 -23.80
C41 PCW I . -7.88 -14.27 -22.84
C42 PCW I . -7.51 -14.64 -21.42
C43 PCW I . -7.32 -13.39 -20.57
C44 PCW I . -6.92 -13.78 -19.16
C45 PCW I . -6.81 -12.56 -18.27
C46 PCW I . -6.48 -12.98 -16.85
C47 PCW I . -7.56 -13.88 -16.28
C48 PCW I . -7.14 -14.45 -14.95
N PCW I . -16.90 -3.54 -26.08
O2 PCW I . -12.98 -10.56 -27.27
O3 PCW I . -11.49 -10.53 -25.05
O11 PCW I . -9.42 -9.96 -25.79
O31 PCW I . -11.76 -9.83 -29.11
O1P PCW I . -17.08 -8.54 -29.00
O2P PCW I . -16.92 -8.67 -26.41
O3P PCW I . -14.84 -8.63 -27.84
O4P PCW I . -16.30 -6.59 -27.66
P PCW I . -16.38 -8.18 -27.72
C1 PCW J . -9.33 -11.37 -33.05
C2 PCW J . -7.88 -11.64 -33.49
C3 PCW J . -6.88 -11.09 -32.45
C4 PCW J . -13.84 -11.56 -35.37
C5 PCW J . -14.14 -11.44 -36.86
C6 PCW J . -14.46 -13.83 -36.72
C7 PCW J . -14.87 -12.69 -38.77
C8 PCW J . -12.63 -12.92 -38.01
C11 PCW J . -6.59 -10.35 -30.11
C12 PCW J . -6.96 -10.38 -28.65
C13 PCW J . -6.21 -11.49 -27.93
C14 PCW J . -4.73 -11.17 -27.80
C15 PCW J . -4.26 -11.27 -26.36
C16 PCW J . -4.43 -12.67 -25.82
C17 PCW J . -3.59 -12.82 -24.57
C18 PCW J . -3.76 -14.21 -23.97
C19 PCW J . -2.69 -14.42 -22.92
C20 PCW J . -2.93 -15.10 -21.80
C21 PCW J . -4.30 -15.69 -21.51
C31 PCW J . -7.52 -13.93 -32.57
C32 PCW J . -6.25 -14.72 -32.32
C33 PCW J . -6.01 -14.72 -30.81
C34 PCW J . -5.18 -15.90 -30.37
C35 PCW J . -4.73 -15.66 -28.93
C36 PCW J . -3.98 -16.88 -28.42
C37 PCW J . -3.41 -16.59 -27.05
C38 PCW J . -2.79 -17.84 -26.47
C39 PCW J . -1.85 -17.44 -25.36
C40 PCW J . -1.84 -18.05 -24.18
C41 PCW J . -2.75 -19.20 -23.82
C42 PCW J . -2.35 -19.66 -22.43
C43 PCW J . -3.14 -20.88 -21.97
C44 PCW J . -2.49 -21.50 -20.73
C45 PCW J . -2.44 -20.56 -19.54
C46 PCW J . -1.71 -21.24 -18.39
C47 PCW J . -1.77 -20.45 -17.09
C48 PCW J . -0.84 -19.27 -17.11
N PCW J . -14.02 -12.72 -37.58
O2 PCW J . -7.66 -13.05 -33.72
O3 PCW J . -7.28 -11.18 -31.09
O11 PCW J . -5.70 -9.62 -30.48
O31 PCW J . -8.44 -14.08 -31.81
O1P PCW J . -11.59 -13.53 -34.75
O2P PCW J . -12.17 -11.99 -32.75
O3P PCW J . -10.15 -11.53 -34.22
O4P PCW J . -12.47 -11.24 -35.13
P PCW J . -11.63 -12.16 -34.14
C1 LPE K . 1.86 -5.58 -22.95
O1 LPE K . 2.72 -5.51 -21.82
C2 LPE K . 2.62 -5.09 -24.16
O2H LPE K . 3.33 -6.20 -24.70
C3 LPE K . 1.67 -4.56 -25.22
C11 LPE K . 2.09 -4.80 -20.76
C12 LPE K . 3.06 -4.57 -19.62
O3 LPE K . 2.41 -3.63 -26.00
P LPE K . 1.95 -3.20 -27.47
O31 LPE K . 1.37 -4.41 -28.17
O32 LPE K . 1.15 -1.93 -27.38
O33 LPE K . 3.33 -2.81 -28.19
C31 LPE K . 3.46 -1.57 -28.88
C32 LPE K . 4.76 -0.85 -28.49
N LPE K . 5.85 -1.04 -29.46
C1N LPE K . 6.78 0.09 -29.37
C2N LPE K . 6.56 -2.29 -29.15
C3N LPE K . 5.31 -1.09 -30.82
C13 LPE K . 2.35 -3.84 -18.50
C14 LPE K . 3.31 -3.43 -17.40
C15 LPE K . 2.58 -2.60 -16.37
C16 LPE K . 3.53 -2.06 -15.31
C1 LPE L . -3.13 -7.07 -29.71
O1 LPE L . -2.17 -7.58 -28.79
C2 LPE L . -2.44 -6.08 -30.66
O2H LPE L . -1.03 -6.08 -30.39
C3 LPE L . -2.69 -6.51 -32.10
C11 LPE L . -1.86 -6.64 -27.77
C12 LPE L . -0.72 -7.17 -26.92
O3 LPE L . -1.91 -5.70 -32.97
P LPE L . -2.33 -5.52 -34.51
O31 LPE L . -1.84 -6.72 -35.28
O32 LPE L . -3.80 -5.15 -34.55
O33 LPE L . -1.47 -4.24 -34.96
C31 LPE L . -0.60 -4.31 -36.10
C32 LPE L . -1.24 -3.62 -37.28
N LPE L . -1.76 -4.62 -38.23
C1N LPE L . -2.38 -3.93 -39.37
C2N LPE L . -0.66 -5.46 -38.71
C3N LPE L . -2.77 -5.46 -37.57
C13 LPE L . -0.84 -8.67 -26.70
C14 LPE L . 0.16 -9.16 -25.67
C15 LPE L . -0.48 -9.32 -24.30
C16 LPE L . 0.44 -10.05 -23.35
C1 LPE M . -24.61 -14.54 -12.26
O1 LPE M . -23.70 -15.57 -11.84
C2 LPE M . -24.02 -13.79 -13.45
O2H LPE M . -23.76 -14.72 -14.51
C3 LPE M . -25.03 -12.75 -13.93
C11 LPE M . -23.30 -15.39 -10.49
C12 LPE M . -22.31 -16.49 -10.11
O3 LPE M . -25.31 -12.97 -15.32
P LPE M . -26.83 -13.09 -15.84
O31 LPE M . -27.06 -14.51 -16.29
O32 LPE M . -27.73 -12.46 -14.80
O33 LPE M . -26.83 -12.14 -17.13
C31 LPE M . -25.61 -11.60 -17.64
C32 LPE M . -25.43 -12.02 -19.09
N LPE M . -24.05 -12.47 -19.32
C1N LPE M . -23.11 -11.38 -19.00
C2N LPE M . -23.76 -13.62 -18.44
C3N LPE M . -23.88 -12.87 -20.72
C13 LPE M . -21.99 -16.44 -8.62
C14 LPE M . -20.58 -16.95 -8.34
C15 LPE M . -20.55 -17.80 -7.08
C16 LPE M . -19.85 -17.07 -5.94
C1 LPE N . -21.90 -12.58 -4.39
O1 LPE N . -20.49 -12.51 -4.37
C2 LPE N . -22.43 -11.91 -5.66
O2H LPE N . -21.74 -10.68 -5.86
C3 LPE N . -22.23 -12.84 -6.85
C11 LPE N . -19.93 -12.86 -3.10
C12 LPE N . -18.90 -11.82 -2.67
O3 LPE N . -22.55 -12.25 -8.11
P LPE N . -23.80 -11.27 -8.34
O31 LPE N . -25.00 -11.77 -7.59
O32 LPE N . -23.30 -9.86 -8.18
O33 LPE N . -24.20 -11.41 -9.88
C31 LPE N . -25.09 -10.44 -10.43
C32 LPE N . -25.87 -11.02 -11.60
N LPE N . -27.16 -11.58 -11.20
C1N LPE N . -27.04 -12.73 -10.28
C2N LPE N . -27.93 -10.57 -10.49
C3N LPE N . -27.96 -11.96 -12.36
C13 LPE N . -19.58 -10.51 -2.26
C14 LPE N . -20.72 -10.81 -1.28
C15 LPE N . -21.72 -9.66 -1.23
C16 LPE N . -23.03 -10.10 -0.59
C1 LPE O . -25.51 -7.34 -6.12
O1 LPE O . -24.10 -7.41 -6.28
C2 LPE O . -26.20 -7.69 -7.44
O2H LPE O . -26.16 -9.11 -7.63
C3 LPE O . -27.64 -7.22 -7.39
C11 LPE O . -23.48 -8.16 -5.24
C12 LPE O . -22.18 -7.49 -4.81
O3 LPE O . -27.82 -6.13 -8.29
P LPE O . -28.79 -6.28 -9.57
O31 LPE O . -28.61 -5.04 -10.43
O32 LPE O . -30.16 -6.64 -9.08
O33 LPE O . -28.17 -7.53 -10.36
C13 LPE O . -21.99 -7.58 -3.30
C14 LPE O . -20.52 -7.40 -2.94
C15 LPE O . -19.93 -6.19 -3.64
C16 LPE O . -18.55 -5.84 -3.08
C1 PCW P . -7.63 -0.28 0.07
C2 PCW P . -7.30 -1.26 -1.04
C3 PCW P . -5.84 -1.70 -0.94
C11 PCW P . -4.00 -0.92 -2.42
C12 PCW P . -3.79 -0.11 -3.68
C13 PCW P . -3.91 1.36 -3.36
C14 PCW P . -3.02 1.75 -2.19
C15 PCW P . -3.06 3.25 -1.92
C16 PCW P . -3.64 3.55 -0.54
C17 PCW P . -2.52 3.81 0.47
C18 PCW P . -2.41 5.29 0.78
C19 PCW P . -1.03 5.77 0.42
C20 PCW P . -0.74 7.07 0.49
C21 PCW P . 0.64 7.56 0.14
C22 PCW P . 0.83 8.99 0.63
C23 PCW P . 2.09 9.12 1.48
C24 PCW P . 3.29 9.50 0.63
C25 PCW P . 2.95 10.64 -0.33
C26 PCW P . 3.30 10.26 -1.77
C31 PCW P . -9.46 -2.23 -1.49
C32 PCW P . -10.23 -3.43 -1.99
C33 PCW P . -11.40 -3.73 -1.05
C34 PCW P . -11.84 -5.17 -1.16
C35 PCW P . -13.09 -5.30 -2.01
C36 PCW P . -13.13 -6.65 -2.73
C37 PCW P . -14.52 -6.93 -3.28
C38 PCW P . -14.54 -8.24 -4.06
C39 PCW P . -15.01 -9.36 -3.14
O2 PCW P . -8.14 -2.41 -0.92
O3 PCW P . -5.24 -1.67 -2.22
O11 PCW P . -3.15 -0.95 -1.55
O31 PCW P . -9.94 -1.11 -1.57
O1P PCW P . -6.73 0.11 2.76
O2P PCW P . -4.69 1.45 1.82
O3P PCW P . -6.53 0.61 0.29
O4P PCW P . -7.00 2.47 1.92
P PCW P . -6.17 1.11 1.78
C1 LPE Q . -12.92 9.71 7.73
O1 LPE Q . -12.89 11.09 7.38
C2 LPE Q . -11.99 8.95 6.82
O2H LPE Q . -10.73 9.57 6.87
C3 LPE Q . -11.84 7.54 7.34
C11 LPE Q . -14.21 11.61 7.32
C12 LPE Q . -14.34 12.83 8.22
O3 LPE Q . -10.90 6.84 6.55
P LPE Q . -9.67 6.12 7.28
O31 LPE Q . -8.82 7.18 7.91
O32 LPE Q . -10.26 5.05 8.13
O33 LPE Q . -8.89 5.42 6.08
C31 LPE Q . -7.48 5.49 5.99
C32 LPE Q . -7.10 6.58 4.99
N LPE Q . -6.75 6.08 3.66
C1N LPE Q . -6.83 4.61 3.59
C2N LPE Q . -7.70 6.62 2.66
C3N LPE Q . -5.40 6.55 3.32
C13 LPE Q . -14.01 12.56 9.67
C14 LPE Q . -14.43 13.76 10.51
C15 LPE Q . -13.84 15.04 9.97
C16 LPE Q . -14.56 16.25 10.55
C17 LPE Q . -14.02 17.53 9.91
C1 LPE R . 8.78 -20.60 -13.65
O1 LPE R . 7.43 -20.81 -13.24
C2 LPE R . 9.43 -21.86 -14.20
O2H LPE R . 10.62 -21.44 -14.87
C3 LPE R . 9.75 -22.86 -13.09
C11 LPE R . 6.87 -19.55 -12.92
C12 LPE R . 5.37 -19.53 -13.19
O3 LPE R . 10.97 -23.56 -13.35
P LPE R . 11.04 -25.15 -13.46
O31 LPE R . 9.89 -25.68 -12.64
O32 LPE R . 11.11 -25.47 -14.93
O33 LPE R . 12.46 -25.59 -12.79
C31 LPE R . 12.67 -26.77 -11.98
C32 LPE R . 13.92 -27.57 -12.41
N LPE R . 15.06 -27.61 -11.46
C1N LPE R . 15.88 -26.41 -11.59
C2N LPE R . 14.58 -27.67 -10.09
C3N LPE R . 15.96 -28.74 -11.74
C13 LPE R . 4.87 -18.11 -12.98
C14 LPE R . 3.36 -18.05 -12.99
C15 LPE R . 2.83 -18.60 -14.30
C16 LPE R . 1.32 -18.64 -14.27
C17 LPE R . 0.74 -17.24 -14.08
C1 PCW S . -13.43 30.28 6.32
C2 PCW S . -14.36 29.29 7.02
C3 PCW S . -14.60 29.76 8.44
C11 PCW S . -12.16 29.42 8.83
C12 PCW S . -11.36 28.14 8.67
C13 PCW S . -10.47 27.96 9.89
C14 PCW S . -9.70 26.65 9.82
C15 PCW S . -9.73 25.93 11.16
C16 PCW S . -8.72 24.78 11.18
C17 PCW S . -9.13 23.65 10.25
C18 PCW S . -9.26 22.34 11.00
C19 PCW S . -7.88 21.73 11.20
C20 PCW S . -7.72 20.70 12.02
C21 PCW S . -6.34 20.10 12.22
C22 PCW S . -6.25 19.48 13.60
C31 PCW S . -15.53 28.38 5.14
C32 PCW S . -15.39 26.88 5.26
C33 PCW S . -14.21 26.56 6.18
C34 PCW S . -14.69 26.18 7.58
C35 PCW S . -13.79 25.12 8.19
C36 PCW S . -14.59 23.95 8.72
C37 PCW S . -14.10 23.53 10.10
C38 PCW S . -14.01 22.01 10.21
C39 PCW S . -13.13 21.66 11.39
C40 PCW S . -13.41 20.58 12.11
C41 PCW S . -12.53 20.23 13.30
C42 PCW S . -12.28 18.73 13.32
C43 PCW S . -12.12 18.23 14.75
C44 PCW S . -10.65 18.23 15.17
C45 PCW S . -10.41 17.25 16.31
C46 PCW S . -8.92 17.08 16.57
C47 PCW S . -8.56 17.49 18.00
O2 PCW S . -15.61 29.21 6.33
O3 PCW S . -13.54 29.34 9.29
O11 PCW S . -11.67 30.49 8.58
O31 PCW S . -15.59 28.90 4.04
O1P PCW S . -14.62 32.85 5.72
O2P PCW S . -15.10 31.96 3.30
O3P PCW S . -13.88 30.54 4.99
O4P PCW S . -12.75 32.57 4.02
P PCW S . -14.20 32.04 4.51
C1 CLR T . -17.02 26.32 12.84
C2 CLR T . -17.79 27.07 11.74
C3 CLR T . -17.34 28.52 11.52
C4 CLR T . -16.89 29.17 12.81
C5 CLR T . -15.72 28.37 13.36
C6 CLR T . -14.76 29.02 14.05
C7 CLR T . -14.00 28.33 15.16
C8 CLR T . -13.74 26.88 14.77
C9 CLR T . -15.04 26.20 14.33
C10 CLR T . -15.63 26.89 13.11
C11 CLR T . -14.87 24.69 14.08
C12 CLR T . -14.13 23.96 15.20
C13 CLR T . -12.82 24.67 15.47
C14 CLR T . -13.14 26.08 15.92
C15 CLR T . -11.86 26.60 16.54
C16 CLR T . -11.18 25.36 17.12
C17 CLR T . -11.98 24.14 16.62
C18 CLR T . -11.99 24.70 14.19
C19 CLR T . -14.73 26.66 11.90
C20 CLR T . -11.07 22.98 16.25
C21 CLR T . -11.88 21.69 16.06
C22 CLR T . -9.98 22.77 17.29
C23 CLR T . -8.61 22.63 16.64
C24 CLR T . -8.06 21.21 16.84
C25 CLR T . -7.59 21.01 18.27
C26 CLR T . -8.68 20.39 19.13
C27 CLR T . -6.32 20.17 18.32
O1 CLR T . -16.26 28.54 10.57
C1 PCW U . -8.48 11.69 28.93
C2 PCW U . -8.11 12.24 27.57
C3 PCW U . -6.60 12.11 27.46
C4 PCW U . -11.27 8.13 30.52
C5 PCW U . -10.45 7.82 31.75
C6 PCW U . -11.75 5.79 31.75
C7 PCW U . -9.43 5.74 31.14
C8 PCW U . -10.06 6.15 33.43
C11 PCW U . -4.67 12.65 26.03
C12 PCW U . -4.09 13.47 24.92
C13 PCW U . -4.38 12.84 23.58
C14 PCW U . -3.91 13.80 22.51
C15 PCW U . -3.84 13.13 21.16
C16 PCW U . -3.52 14.18 20.11
C17 PCW U . -4.70 15.11 19.93
C18 PCW U . -4.45 16.03 18.75
C19 PCW U . -5.63 16.92 18.57
C31 PCW U . -9.64 12.27 25.68
C32 PCW U . -10.04 11.70 24.34
C33 PCW U . -11.21 10.74 24.50
C34 PCW U . -12.51 11.52 24.45
C35 PCW U . -12.60 12.36 23.17
C36 PCW U . -13.24 11.60 22.02
C37 PCW U . -14.72 11.40 22.25
C38 PCW U . -15.43 10.87 21.01
C39 PCW U . -15.13 11.80 19.86
C40 PCW U . -15.77 11.70 18.69
C41 PCW U . -16.84 10.66 18.46
C42 PCW U . -17.50 10.91 17.11
N PCW U . -10.42 6.38 32.02
O2 PCW U . -8.77 11.50 26.55
O3 PCW U . -6.10 12.61 26.23
O11 PCW U . -3.93 12.04 26.76
O31 PCW U . -10.05 13.37 26.03
O1P PCW U . -11.32 9.78 27.68
O2P PCW U . -9.05 9.00 28.70
O3P PCW U . -9.86 11.36 28.97
O4P PCW U . -11.05 9.49 30.16
P PCW U . -10.30 9.84 28.78
C1 PCW V . 26.22 9.95 5.57
C2 PCW V . 26.50 11.09 4.61
C3 PCW V . 26.38 12.42 5.35
C4 PCW V . 27.24 12.03 8.91
C5 PCW V . 28.43 11.24 8.37
C6 PCW V . 28.94 10.38 10.72
C7 PCW V . 30.84 11.18 9.21
C8 PCW V . 29.55 9.65 8.93
C11 PCW V . 24.86 14.39 5.31
C12 PCW V . 24.37 15.59 4.53
C13 PCW V . 22.85 15.57 4.47
C14 PCW V . 22.32 16.71 3.61
C15 PCW V . 21.76 16.18 2.29
C16 PCW V . 20.30 16.58 2.10
C17 PCW V . 20.04 17.07 0.69
C18 PCW V . 18.57 16.98 0.34
C19 PCW V . 18.39 16.26 -0.99
C20 PCW V . 17.21 16.23 -1.57
C31 PCW V . 27.79 10.57 2.67
C32 PCW V . 26.82 11.21 1.72
C33 PCW V . 26.54 12.65 2.16
C34 PCW V . 25.08 13.02 1.94
C35 PCW V . 24.61 12.61 0.55
C36 PCW V . 23.75 13.70 -0.08
C37 PCW V . 22.81 13.10 -1.13
C38 PCW V . 22.68 14.03 -2.33
C39 PCW V . 21.53 14.98 -2.11
C40 PCW V . 20.60 15.12 -3.05
C41 PCW V . 20.69 14.35 -4.35
C42 PCW V . 19.29 13.93 -4.79
N PCW V . 29.39 11.02 9.47
O2 PCW V . 27.82 10.96 4.07
O3 PCW V . 25.55 13.31 4.62
O11 PCW V . 24.69 14.31 6.51
O31 PCW V . 28.58 9.73 2.28
O1P PCW V . 26.17 9.42 8.51
O2P PCW V . 23.94 10.77 8.58
O3P PCW V . 25.10 10.28 6.39
O4P PCW V . 26.13 11.89 8.02
P PCW V . 25.30 10.52 7.97
C1 LPE W . 12.06 17.94 -23.40
O1 LPE W . 12.54 18.55 -22.22
C2 LPE W . 12.02 18.90 -24.57
O2H LPE W . 13.31 19.49 -24.80
C3 LPE W . 11.64 18.13 -25.81
C11 LPE W . 12.35 17.69 -21.10
C12 LPE W . 13.70 17.29 -20.51
O3 LPE W . 11.58 19.01 -26.92
P LPE W . 10.21 19.15 -27.77
O31 LPE W . 10.58 19.68 -29.13
O32 LPE W . 9.45 17.85 -27.65
O33 LPE W . 9.40 20.28 -26.96
C31 LPE W . 10.02 21.50 -26.57
C32 LPE W . 8.98 22.62 -26.56
N LPE W . 9.64 23.92 -26.32
C1N LPE W . 10.12 23.97 -24.94
C2N LPE W . 10.75 24.10 -27.25
C3N LPE W . 8.65 25.00 -26.51
C13 LPE W . 13.47 16.54 -19.22
C14 LPE W . 14.78 16.09 -18.62
C15 LPE W . 14.51 15.15 -17.46
C16 LPE W . 15.81 14.88 -16.72
C17 LPE W . 15.60 14.10 -15.43
C18 LPE W . 16.92 14.11 -14.67
C19 LPE W . 16.88 13.34 -13.37
C20 LPE W . 18.27 13.43 -12.73
C21 LPE W . 18.30 12.76 -11.37
C22 LPE W . 19.64 12.99 -10.67
C23 LPE W . 19.55 12.54 -9.21
C24 LPE W . 20.91 12.51 -8.52
C25 LPE W . 21.59 13.88 -8.50
C26 LPE W . 22.74 13.85 -7.51
C27 LPE W . 23.48 15.17 -7.45
C28 LPE W . 24.48 15.17 -6.32
C1 CLR X . 19.16 26.68 -21.49
C2 CLR X . 18.07 27.51 -22.16
C3 CLR X . 17.02 26.69 -22.89
C4 CLR X . 17.29 25.20 -22.73
C5 CLR X . 17.56 24.87 -21.28
C6 CLR X . 16.99 23.81 -20.70
C7 CLR X . 17.85 22.89 -19.86
C8 CLR X . 18.80 23.73 -19.02
C9 CLR X . 19.53 24.78 -19.86
C10 CLR X . 18.53 25.71 -20.50
C11 CLR X . 20.55 25.55 -19.01
C12 CLR X . 21.48 24.65 -18.20
C13 CLR X . 20.67 23.66 -17.39
C14 CLR X . 19.84 22.86 -18.35
C15 CLR X . 19.30 21.69 -17.54
C16 CLR X . 20.47 21.36 -16.62
C17 CLR X . 21.42 22.57 -16.63
C18 CLR X . 19.79 24.40 -16.38
C19 CLR X . 17.79 26.49 -19.41
C20 CLR X . 21.89 22.91 -15.22
C21 CLR X . 23.23 23.63 -15.21
C22 CLR X . 21.97 21.63 -14.39
C23 CLR X . 22.55 21.82 -13.01
C24 CLR X . 22.51 20.49 -12.27
C25 CLR X . 23.15 20.52 -10.90
C26 CLR X . 22.48 21.53 -9.98
C27 CLR X . 23.13 19.14 -10.27
O1 CLR X . 15.73 27.00 -22.36
C1 LPE Y . 19.09 -5.16 -18.88
O1 LPE Y . 19.14 -3.77 -18.62
C2 LPE Y . 19.63 -5.91 -17.69
O2H LPE Y . 18.61 -6.09 -16.71
C3 LPE Y . 20.11 -7.24 -18.23
C11 LPE Y . 18.97 -3.04 -19.84
C12 LPE Y . 18.91 -1.56 -19.53
O3 LPE Y . 20.35 -8.13 -17.15
P LPE Y . 21.67 -8.06 -16.26
O31 LPE Y . 22.85 -7.71 -17.13
O32 LPE Y . 21.34 -7.23 -15.06
O33 LPE Y . 21.80 -9.59 -15.82
C31 LPE Y . 23.06 -10.14 -15.47
C32 LPE Y . 23.05 -10.31 -13.97
N LPE Y . 24.21 -11.07 -13.52
C1N LPE Y . 23.98 -12.50 -13.68
C2N LPE Y . 25.40 -10.73 -14.29
C3N LPE Y . 24.47 -10.74 -12.12
C13 LPE Y . 17.89 -1.30 -18.43
C14 LPE Y . 17.30 0.08 -18.59
C15 LPE Y . 16.78 0.31 -20.01
C16 LPE Y . 15.46 -0.39 -20.27
C1 LPE Z . 16.37 17.87 6.51
O1 LPE Z . 15.80 18.81 5.61
C2 LPE Z . 17.45 18.55 7.32
O2H LPE Z . 16.91 19.68 7.99
C3 LPE Z . 17.98 17.57 8.35
C11 LPE Z . 14.43 19.03 5.96
C12 LPE Z . 13.58 17.98 5.27
O3 LPE Z . 18.80 18.31 9.23
P LPE Z . 20.09 17.64 9.88
O31 LPE Z . 20.58 16.55 8.97
O32 LPE Z . 21.05 18.74 10.29
O33 LPE Z . 19.52 16.96 11.19
C31 LPE Z . 20.39 16.85 12.32
C32 LPE Z . 21.09 15.51 12.29
N LPE Z . 22.51 15.70 12.62
C1N LPE Z . 23.14 14.37 12.70
C2N LPE Z . 23.20 16.47 11.58
C3N LPE Z . 22.66 16.39 13.90
C13 LPE Z . 12.15 18.02 5.77
C14 LPE Z . 11.28 17.29 4.77
C15 LPE Z . 11.36 17.98 3.41
C16 LPE Z . 10.79 17.10 2.31
C1 LPE AA . 16.87 28.19 10.88
O1 LPE AA . 16.09 27.70 9.81
C2 LPE AA . 17.51 26.99 11.57
O2H LPE AA . 18.44 26.39 10.67
C3 LPE AA . 18.27 27.47 12.79
C11 LPE AA . 15.61 28.75 8.99
C12 LPE AA . 14.56 28.20 8.03
O3 LPE AA . 18.44 26.37 13.67
P LPE AA . 19.89 25.98 14.21
O31 LPE AA . 20.68 25.50 13.03
O32 LPE AA . 20.41 27.12 15.04
O33 LPE AA . 19.61 24.73 15.18
C31 LPE AA . 20.49 24.46 16.26
C32 LPE AA . 21.72 23.75 15.71
N LPE AA . 22.65 23.36 16.78
C1N LPE AA . 23.01 24.54 17.58
C2N LPE AA . 22.02 22.36 17.66
C3N LPE AA . 23.86 22.78 16.19
C13 LPE AA . 13.98 29.36 7.24
C14 LPE AA . 12.91 28.93 6.25
C15 LPE AA . 12.49 30.16 5.45
C1 LPE BA . 19.34 31.00 16.96
O1 LPE BA . 19.25 31.45 15.62
C2 LPE BA . 20.53 30.05 17.10
O2H LPE BA . 21.47 30.34 16.06
C3 LPE BA . 21.19 30.25 18.46
C11 LPE BA . 17.91 31.46 15.16
C12 LPE BA . 17.89 31.42 13.63
O3 LPE BA . 22.09 29.16 18.71
P LPE BA . 23.11 29.21 19.95
O31 LPE BA . 24.36 29.92 19.51
O32 LPE BA . 22.35 29.70 21.16
O33 LPE BA . 23.47 27.66 20.17
C31 LPE BA . 23.58 27.12 21.49
C32 LPE BA . 24.34 28.10 22.37
N LPE BA . 25.37 27.38 23.14
C1N LPE BA . 26.11 28.33 23.98
C2N LPE BA . 24.75 26.35 23.98
C3N LPE BA . 26.32 26.74 22.21
C13 LPE BA . 17.49 32.78 13.06
C14 LPE BA . 15.99 32.87 12.85
C15 LPE BA . 15.60 32.52 11.42
C16 LPE BA . 14.57 33.48 10.87
C17 LPE BA . 14.49 33.39 9.35
C18 LPE BA . 13.40 34.31 8.80
C19 LPE BA . 12.75 33.71 7.56
C20 LPE BA . 11.94 34.76 6.80
C21 LPE BA . 11.15 34.12 5.67
C22 LPE BA . 9.97 35.01 5.26
C23 LPE BA . 9.23 34.42 4.07
C24 LPE BA . 7.72 34.65 4.19
C25 LPE BA . 7.12 35.08 2.86
C26 LPE BA . 5.67 35.51 3.04
C27 LPE BA . 5.39 36.80 2.28
C28 LPE BA . 3.97 36.81 1.75
C1 PCW CA . -10.92 -38.26 0.42
C2 PCW CA . -11.92 -38.94 -0.52
C3 PCW CA . -12.81 -37.87 -1.08
C4 PCW CA . -8.41 -37.82 3.72
C5 PCW CA . -7.09 -37.10 4.01
C6 PCW CA . -5.15 -38.53 3.87
C7 PCW CA . -5.40 -37.00 5.69
C8 PCW CA . -6.77 -38.92 5.60
C11 PCW CA . -13.65 -35.69 -0.25
C12 PCW CA . -15.03 -35.26 -0.71
C13 PCW CA . -15.23 -35.49 -2.19
C14 PCW CA . -14.62 -34.35 -2.98
C15 PCW CA . -15.46 -33.10 -2.80
C16 PCW CA . -16.75 -33.21 -3.60
C17 PCW CA . -17.44 -31.86 -3.73
C18 PCW CA . -18.55 -31.95 -4.76
C31 PCW CA . -11.81 -40.91 -1.93
C32 PCW CA . -12.16 -41.27 -3.36
C33 PCW CA . -13.09 -40.25 -3.99
C34 PCW CA . -12.30 -39.27 -4.83
C35 PCW CA . -13.22 -38.44 -5.70
C36 PCW CA . -13.75 -37.24 -4.95
C37 PCW CA . -14.90 -36.61 -5.71
C38 PCW CA . -14.58 -36.45 -7.19
C39 PCW CA . -15.77 -35.81 -7.86
C40 PCW CA . -15.80 -34.49 -8.03
C41 PCW CA . -17.00 -33.86 -8.69
C42 PCW CA . -17.17 -34.37 -10.11
N PCW CA . -6.12 -37.90 4.78
O2 PCW CA . -11.27 -39.59 -1.61
O3 PCW CA . -13.37 -37.09 -0.04
O11 PCW CA . -12.76 -34.88 -0.07
O31 PCW CA . -11.95 -41.73 -1.05
O1P PCW CA . -7.37 -39.28 0.41
O2P PCW CA . -8.50 -37.01 1.00
O3P PCW CA . -9.86 -39.14 0.82
O4P PCW CA . -8.25 -38.83 2.72
P PCW CA . -8.42 -38.50 1.16
C1 CLR DA . -10.19 -31.49 1.17
C2 CLR DA . -9.68 -32.09 2.47
C3 CLR DA . -8.77 -31.08 3.18
C4 CLR DA . -9.56 -29.84 3.55
C5 CLR DA . -10.26 -29.30 2.32
C6 CLR DA . -10.19 -27.97 2.09
C7 CLR DA . -10.73 -27.31 0.85
C8 CLR DA . -11.84 -28.16 0.23
C9 CLR DA . -11.35 -29.59 0.06
C10 CLR DA . -11.03 -30.23 1.41
C11 CLR DA . -12.33 -30.48 -0.74
C12 CLR DA . -12.84 -29.82 -2.02
C13 CLR DA . -13.41 -28.47 -1.68
C14 CLR DA . -12.29 -27.63 -1.12
C15 CLR DA . -12.81 -26.19 -1.17
C16 CLR DA . -13.74 -26.17 -2.38
C17 CLR DA . -13.91 -27.62 -2.84
C18 CLR DA . -14.52 -28.63 -0.64
C19 CLR DA . -12.32 -30.62 2.11
C20 CLR DA . -15.32 -28.01 -3.31
C21 CLR DA . -15.27 -28.61 -4.71
C22 CLR DA . -16.35 -26.88 -3.25
C23 CLR DA . -16.21 -25.93 -4.43
C24 CLR DA . -17.22 -24.79 -4.35
C25 CLR DA . -18.42 -25.01 -5.28
C26 CLR DA . -18.09 -24.56 -6.69
C27 CLR DA . -18.88 -26.46 -5.26
O1 CLR DA . -8.25 -31.69 4.38
C1 CLR EA . -5.16 7.69 -7.42
C2 CLR EA . -4.22 6.85 -6.56
C3 CLR EA . -4.65 6.93 -5.11
C4 CLR EA . -6.01 6.26 -4.97
C5 CLR EA . -7.01 6.86 -5.94
C6 CLR EA . -8.27 7.06 -5.50
C7 CLR EA . -9.17 8.09 -6.11
C8 CLR EA . -8.96 8.10 -7.61
C9 CLR EA . -7.49 8.30 -7.95
C10 CLR EA . -6.61 7.19 -7.37
C11 CLR EA . -7.26 8.44 -9.47
C12 CLR EA . -8.16 9.49 -10.13
C13 CLR EA . -9.60 9.20 -9.76
C14 CLR EA . -9.73 9.24 -8.25
C15 CLR EA . -11.21 9.34 -7.98
C16 CLR EA . -11.77 10.12 -9.17
C17 CLR EA . -10.63 10.23 -10.20
C18 CLR EA . -9.99 7.81 -10.26
C19 CLR EA . -6.73 5.93 -8.21
C20 CLR EA . -11.15 10.03 -11.62
C21 CLR EA . -9.99 10.04 -12.62
C22 CLR EA . -12.18 11.11 -11.96
C23 CLR EA . -12.50 11.13 -13.44
C24 CLR EA . -13.46 12.27 -13.78
C25 CLR EA . -13.33 12.67 -15.24
C26 CLR EA . -14.43 12.05 -16.08
C27 CLR EA . -13.32 14.19 -15.39
O1 CLR EA . -3.71 6.25 -4.28
C P5S FA . 19.66 13.55 14.30
N P5S FA . 18.40 11.98 15.65
O P5S FA . 20.26 14.52 14.72
C1 P5S FA . 17.22 12.93 10.27
C2 P5S FA . 18.39 12.17 9.70
C3 P5S FA . 18.95 11.24 10.77
CA P5S FA . 19.72 12.24 15.03
CB P5S FA . 20.03 11.10 14.08
OG P5S FA . 21.08 11.42 13.17
P12 P5S FA . 21.26 10.52 11.86
O13 P5S FA . 22.67 10.51 11.43
O15 P5S FA . 20.76 9.03 12.21
O16 P5S FA . 20.37 11.11 10.66
C17 P5S FA . 15.48 13.12 8.52
O18 P5S FA . 15.04 12.07 8.89
O19 P5S FA . 16.61 13.68 9.22
C20 P5S FA . 14.84 13.83 7.38
C21 P5S FA . 13.75 12.93 6.82
C22 P5S FA . 12.99 13.65 5.75
C23 P5S FA . 11.89 12.76 5.21
C24 P5S FA . 11.03 13.60 4.30
C25 P5S FA . 9.76 12.90 3.88
C26 P5S FA . 8.74 13.93 3.45
C27 P5S FA . 7.54 13.27 2.82
C28 P5S FA . 6.51 14.29 2.38
C29 P5S FA . 5.27 13.60 1.82
C30 P5S FA . 4.19 14.60 1.47
C31 P5S FA . 4.00 15.63 2.57
O37 P5S FA . 19.35 13.14 9.34
C38 P5S FA . 19.99 12.86 8.08
C39 P5S FA . 19.19 12.88 6.81
C40 P5S FA . 19.48 14.21 6.16
C41 P5S FA . 18.96 14.27 4.74
C42 P5S FA . 17.50 13.91 4.67
C43 P5S FA . 16.94 14.50 3.39
C44 P5S FA . 15.59 13.92 3.07
C45 P5S FA . 15.15 14.32 1.69
C46 P5S FA . 13.92 13.52 1.29
O47 P5S FA . 21.18 12.64 8.08
C48 P5S FA . 13.36 14.03 -0.01
C49 P5S FA . 11.86 13.78 -0.02
C50 P5S FA . 11.19 14.40 -1.24
C51 P5S FA . 11.56 13.63 -2.49
C52 P5S FA . 10.77 14.11 -3.70
OXT P5S FA . 18.94 13.68 13.19
#